data_6POZ
#
_entry.id   6POZ
#
_cell.length_a   59.109
_cell.length_b   153.259
_cell.length_c   109.187
_cell.angle_alpha   90.00
_cell.angle_beta   90.84
_cell.angle_gamma   90.00
#
_symmetry.space_group_name_H-M   'P 1 21 1'
#
loop_
_entity.id
_entity.type
_entity.pdbx_description
1 polymer 'Nitric oxide synthase, endothelial'
2 non-polymer 'PROTOPORPHYRIN IX CONTAINING FE'
3 non-polymer 5,6,7,8-TETRAHYDROBIOPTERIN
4 non-polymer 7-{3-(aminomethyl)-4-[(propan-2-yl)oxy]phenyl}-4-methylquinolin-2-amine
5 non-polymer 2-[BIS-(2-HYDROXY-ETHYL)-AMINO]-2-HYDROXYMETHYL-PROPANE-1,3-DIOL
6 non-polymer 'ZINC ION'
7 non-polymer GLYCEROL
8 non-polymer 'CHLORIDE ION'
9 non-polymer 'GADOLINIUM ATOM'
10 water water
#
_entity_poly.entity_id   1
_entity_poly.type   'polypeptide(L)'
_entity_poly.pdbx_seq_one_letter_code
;APASLLPPAPEHSPPSSPLTQPPEGPKFPRVKNWEVGSITYDTLSAQAQQDGPCTPRRCLGSLVFPRKLQGRPSPGPPAP
EQLLSQARDFINQYYSSIKRSGSQAHEQRLQEVEAEVAATGTYQLRESELVFGAKQAWRNAPRCVGRIQWGKLQVFDARD
CRSAQEMFTYICNHIKYATNRGNLRSAITVFPQRCPGRGDFRIWNSQLVRYAGYRQQDGSVRGDPANVEITELCIQHGWT
PGNGRFDVLPLLLQAPDEPPELFLLPPELVLEVPLEHPTLEWFAALGLRWYALPAVSNMLLEIGGLEFPAAPFSGWYMST
EIGTRNLCDPHRYNILEDVAVCMDLDTRTTSSLWKDKAAVEINVAVLHSYQLAKVTIVDHHAATASFMKHLENEQKARGG
CPADWAWIVPPISGSLTPVFHQEMVNYFLSPAFRYQPDPW
;
_entity_poly.pdbx_strand_id   A,B,C,D
#
loop_
_chem_comp.id
_chem_comp.type
_chem_comp.name
_chem_comp.formula
BTB non-polymer 2-[BIS-(2-HYDROXY-ETHYL)-AMINO]-2-HYDROXYMETHYL-PROPANE-1,3-DIOL 'C8 H19 N O5'
CL non-polymer 'CHLORIDE ION' 'Cl -1'
GD non-polymer 'GADOLINIUM ATOM' Gd
GOL non-polymer GLYCEROL 'C3 H8 O3'
H4B non-polymer 5,6,7,8-TETRAHYDROBIOPTERIN 'C9 H15 N5 O3'
HEM non-polymer 'PROTOPORPHYRIN IX CONTAINING FE' 'C34 H32 Fe N4 O4'
OSD non-polymer 7-{3-(aminomethyl)-4-[(propan-2-yl)oxy]phenyl}-4-methylquinolin-2-amine 'C20 H23 N3 O'
ZN non-polymer 'ZINC ION' 'Zn 2'
#
# COMPACT_ATOMS: atom_id res chain seq x y z
N PHE A 28 -12.15 -27.08 -41.38
CA PHE A 28 -11.65 -25.75 -41.00
C PHE A 28 -11.93 -25.41 -39.55
N PRO A 29 -10.91 -25.54 -38.68
CA PRO A 29 -11.15 -25.47 -37.22
C PRO A 29 -11.80 -24.16 -36.79
N ARG A 30 -12.90 -24.29 -36.03
CA ARG A 30 -13.57 -23.13 -35.42
C ARG A 30 -12.80 -22.69 -34.17
N VAL A 31 -12.31 -21.46 -34.18
CA VAL A 31 -11.44 -20.91 -33.14
C VAL A 31 -12.15 -19.73 -32.49
N LYS A 32 -12.29 -19.77 -31.18
CA LYS A 32 -13.04 -18.78 -30.42
C LYS A 32 -12.11 -18.00 -29.51
N ASN A 33 -12.41 -16.72 -29.34
CA ASN A 33 -11.82 -15.93 -28.25
C ASN A 33 -12.85 -15.80 -27.14
N TRP A 34 -12.50 -16.28 -25.95
CA TRP A 34 -13.46 -16.35 -24.87
C TRP A 34 -13.52 -15.08 -24.03
N GLU A 35 -12.74 -14.06 -24.39
CA GLU A 35 -12.87 -12.80 -23.70
C GLU A 35 -13.90 -11.90 -24.37
N VAL A 36 -13.92 -11.94 -25.71
CA VAL A 36 -14.82 -11.09 -26.49
C VAL A 36 -15.99 -11.87 -27.09
N GLY A 37 -15.88 -13.19 -27.23
CA GLY A 37 -16.88 -14.01 -27.92
C GLY A 37 -16.69 -14.15 -29.41
N SER A 38 -15.59 -13.62 -29.96
CA SER A 38 -15.35 -13.68 -31.39
C SER A 38 -15.11 -15.12 -31.84
N ILE A 39 -15.51 -15.41 -33.08
CA ILE A 39 -15.27 -16.69 -33.74
C ILE A 39 -14.55 -16.40 -35.04
N THR A 40 -13.53 -17.21 -35.35
CA THR A 40 -12.88 -17.22 -36.66
C THR A 40 -12.59 -18.66 -37.05
N TYR A 41 -12.33 -18.87 -38.35
CA TYR A 41 -11.99 -20.17 -38.90
C TYR A 41 -10.61 -20.12 -39.55
N ASP A 42 -9.77 -21.10 -39.22
CA ASP A 42 -8.38 -21.14 -39.68
C ASP A 42 -8.35 -21.95 -40.97
N THR A 43 -8.46 -21.24 -42.10
CA THR A 43 -8.32 -21.90 -43.39
C THR A 43 -6.86 -22.11 -43.76
N LEU A 44 -5.95 -21.33 -43.18
CA LEU A 44 -4.53 -21.48 -43.49
C LEU A 44 -4.00 -22.81 -42.98
N SER A 45 -4.61 -23.35 -41.92
CA SER A 45 -4.21 -24.66 -41.41
C SER A 45 -4.41 -25.75 -42.46
N ALA A 46 -5.33 -25.55 -43.39
CA ALA A 46 -5.57 -26.56 -44.42
C ALA A 46 -4.38 -26.76 -45.35
N GLN A 47 -3.44 -25.82 -45.37
CA GLN A 47 -2.24 -25.92 -46.19
C GLN A 47 -1.00 -26.36 -45.42
N ALA A 48 -1.14 -26.71 -44.13
CA ALA A 48 -0.01 -27.26 -43.40
C ALA A 48 0.41 -28.58 -44.03
N GLN A 49 1.71 -28.91 -43.94
CA GLN A 49 2.13 -30.18 -44.50
C GLN A 49 2.90 -31.05 -43.50
N GLN A 50 4.17 -30.70 -43.24
CA GLN A 50 5.06 -31.56 -42.45
C GLN A 50 4.44 -31.93 -41.10
N ASP A 51 4.01 -33.19 -40.98
CA ASP A 51 3.14 -33.62 -39.89
C ASP A 51 3.74 -33.33 -38.51
N GLY A 52 2.88 -32.89 -37.59
CA GLY A 52 3.26 -32.68 -36.22
C GLY A 52 3.09 -33.93 -35.37
N PRO A 53 3.26 -33.78 -34.06
CA PRO A 53 3.39 -34.95 -33.19
C PRO A 53 2.09 -35.55 -32.68
N CYS A 54 0.96 -34.88 -32.89
CA CYS A 54 -0.31 -35.25 -32.27
C CYS A 54 -1.09 -36.24 -33.15
N THR A 55 -1.94 -37.03 -32.51
CA THR A 55 -2.87 -37.95 -33.15
C THR A 55 -4.23 -37.85 -32.47
N PRO A 56 -5.29 -38.34 -33.11
CA PRO A 56 -6.60 -38.35 -32.44
C PRO A 56 -6.60 -39.04 -31.10
N ARG A 57 -5.68 -39.98 -30.86
CA ARG A 57 -5.66 -40.70 -29.58
C ARG A 57 -5.07 -39.89 -28.44
N ARG A 58 -4.20 -38.93 -28.74
CA ARG A 58 -3.42 -38.27 -27.71
C ARG A 58 -2.78 -37.01 -28.28
N CYS A 59 -2.68 -35.98 -27.44
CA CYS A 59 -2.10 -34.70 -27.84
C CYS A 59 -0.75 -34.55 -27.16
N LEU A 60 0.28 -34.28 -27.97
CA LEU A 60 1.65 -34.04 -27.51
C LEU A 60 2.06 -32.59 -27.69
N GLY A 61 1.09 -31.68 -27.75
CA GLY A 61 1.37 -30.29 -28.05
C GLY A 61 2.26 -29.61 -27.02
N SER A 62 2.42 -30.21 -25.84
CA SER A 62 3.31 -29.67 -24.82
C SER A 62 4.75 -30.15 -24.97
N LEU A 63 5.05 -31.04 -25.90
CA LEU A 63 6.43 -31.48 -26.09
C LEU A 63 7.27 -30.36 -26.68
N VAL A 64 8.49 -30.19 -26.16
CA VAL A 64 9.36 -29.10 -26.62
C VAL A 64 9.96 -29.43 -27.98
N PHE A 65 10.52 -30.61 -28.12
CA PHE A 65 10.98 -31.12 -29.40
C PHE A 65 10.05 -32.24 -29.85
N PRO A 66 9.20 -32.01 -30.86
CA PRO A 66 8.31 -33.03 -31.41
C PRO A 66 9.07 -34.20 -32.04
N ALA A 79 18.01 -39.96 -54.67
CA ALA A 79 16.72 -39.55 -55.24
C ALA A 79 16.29 -38.18 -54.69
N PRO A 80 16.88 -37.10 -55.24
CA PRO A 80 16.60 -35.75 -54.71
C PRO A 80 15.37 -35.07 -55.29
N GLU A 81 14.39 -35.85 -55.76
CA GLU A 81 13.27 -35.29 -56.51
C GLU A 81 12.39 -34.38 -55.66
N GLN A 82 12.33 -34.60 -54.35
CA GLN A 82 11.46 -33.76 -53.53
C GLN A 82 11.99 -32.35 -53.36
N LEU A 83 13.28 -32.13 -53.60
CA LEU A 83 13.83 -30.77 -53.56
C LEU A 83 13.07 -29.85 -54.53
N LEU A 84 12.68 -30.38 -55.69
CA LEU A 84 12.04 -29.54 -56.70
C LEU A 84 10.60 -29.19 -56.34
N SER A 85 9.84 -30.14 -55.80
CA SER A 85 8.45 -29.83 -55.46
C SER A 85 8.36 -28.77 -54.36
N GLN A 86 9.30 -28.81 -53.42
CA GLN A 86 9.41 -27.75 -52.42
C GLN A 86 9.86 -26.43 -53.03
N ALA A 87 10.50 -26.46 -54.20
CA ALA A 87 10.90 -25.20 -54.83
C ALA A 87 9.74 -24.59 -55.60
N ARG A 88 8.94 -25.42 -56.26
CA ARG A 88 7.83 -24.92 -57.06
C ARG A 88 6.80 -24.21 -56.19
N ASP A 89 6.54 -24.74 -55.01
CA ASP A 89 5.52 -24.12 -54.17
C ASP A 89 6.04 -22.82 -53.58
N PHE A 90 7.29 -22.81 -53.11
CA PHE A 90 7.84 -21.60 -52.51
C PHE A 90 7.84 -20.47 -53.50
N ILE A 91 8.32 -20.72 -54.73
CA ILE A 91 8.37 -19.70 -55.78
C ILE A 91 6.96 -19.23 -56.11
N ASN A 92 5.98 -20.13 -56.06
CA ASN A 92 4.61 -19.78 -56.46
C ASN A 92 3.95 -18.81 -55.47
N GLN A 93 4.27 -18.91 -54.20
CA GLN A 93 3.74 -17.91 -53.28
C GLN A 93 4.53 -16.61 -53.34
N TYR A 94 5.82 -16.68 -53.67
CA TYR A 94 6.61 -15.46 -53.87
C TYR A 94 5.95 -14.55 -54.89
N TYR A 95 5.55 -15.12 -56.03
CA TYR A 95 4.95 -14.30 -57.08
C TYR A 95 3.51 -13.92 -56.75
N SER A 96 2.78 -14.76 -56.01
CA SER A 96 1.48 -14.34 -55.53
C SER A 96 1.62 -13.19 -54.53
N SER A 97 2.62 -13.26 -53.64
CA SER A 97 2.88 -12.19 -52.68
C SER A 97 3.17 -10.85 -53.35
N ILE A 98 3.56 -10.83 -54.62
CA ILE A 98 3.83 -9.56 -55.28
C ILE A 98 2.85 -9.38 -56.42
N LYS A 99 1.68 -10.03 -56.29
CA LYS A 99 0.59 -10.01 -57.26
C LYS A 99 0.93 -10.81 -58.53
N ARG A 100 2.20 -10.83 -58.91
CA ARG A 100 2.62 -11.27 -60.24
C ARG A 100 2.64 -12.81 -60.35
N SER A 101 1.49 -13.42 -60.12
CA SER A 101 1.30 -14.84 -60.41
C SER A 101 0.44 -14.97 -61.66
N GLY A 102 0.91 -15.77 -62.62
CA GLY A 102 0.35 -15.75 -63.96
C GLY A 102 1.04 -14.69 -64.79
N SER A 103 1.44 -15.05 -66.01
CA SER A 103 2.17 -14.18 -66.93
C SER A 103 3.57 -13.85 -66.39
N GLN A 104 4.38 -13.16 -67.19
CA GLN A 104 5.56 -12.46 -66.68
C GLN A 104 6.67 -13.46 -66.32
N ALA A 105 7.70 -13.01 -65.61
CA ALA A 105 8.82 -13.81 -65.13
C ALA A 105 8.42 -14.82 -64.06
N HIS A 106 7.15 -14.87 -63.64
CA HIS A 106 6.71 -15.99 -62.81
C HIS A 106 6.93 -17.30 -63.54
N GLU A 107 6.37 -17.42 -64.76
CA GLU A 107 6.68 -18.57 -65.60
C GLU A 107 8.18 -18.71 -65.80
N GLN A 108 8.84 -17.63 -66.19
CA GLN A 108 10.28 -17.67 -66.48
C GLN A 108 11.08 -18.28 -65.34
N ARG A 109 10.82 -17.83 -64.10
CA ARG A 109 11.60 -18.25 -62.94
C ARG A 109 11.40 -19.73 -62.59
N LEU A 110 10.26 -20.32 -62.97
CA LEU A 110 10.05 -21.76 -62.72
C LEU A 110 11.02 -22.62 -63.52
N GLN A 111 11.35 -22.21 -64.75
CA GLN A 111 12.25 -23.02 -65.58
C GLN A 111 13.69 -22.95 -65.10
N GLU A 112 14.14 -21.74 -64.73
CA GLU A 112 15.49 -21.55 -64.23
C GLU A 112 15.81 -22.54 -63.11
N VAL A 113 14.88 -22.73 -62.18
CA VAL A 113 15.10 -23.69 -61.09
C VAL A 113 14.94 -25.12 -61.59
N GLU A 114 13.94 -25.38 -62.44
CA GLU A 114 13.84 -26.68 -63.09
C GLU A 114 15.17 -27.08 -63.73
N ALA A 115 15.76 -26.17 -64.51
CA ALA A 115 17.00 -26.50 -65.20
C ALA A 115 18.19 -26.53 -64.24
N GLU A 116 18.19 -25.68 -63.21
CA GLU A 116 19.32 -25.61 -62.30
C GLU A 116 19.47 -26.90 -61.49
N VAL A 117 18.35 -27.43 -60.97
CA VAL A 117 18.44 -28.68 -60.22
C VAL A 117 18.77 -29.84 -61.15
N ALA A 118 18.25 -29.81 -62.38
CA ALA A 118 18.55 -30.88 -63.34
C ALA A 118 20.05 -31.02 -63.57
N ALA A 119 20.76 -29.90 -63.69
CA ALA A 119 22.20 -29.94 -63.97
C ALA A 119 23.02 -30.21 -62.71
N THR A 120 22.80 -29.45 -61.63
CA THR A 120 23.70 -29.42 -60.48
C THR A 120 23.15 -30.09 -59.24
N GLY A 121 21.85 -30.39 -59.19
CA GLY A 121 21.30 -31.07 -58.04
C GLY A 121 20.65 -30.12 -57.05
N THR A 122 21.36 -29.06 -56.68
CA THR A 122 20.80 -28.01 -55.85
C THR A 122 20.45 -26.82 -56.72
N TYR A 123 19.96 -25.75 -56.11
CA TYR A 123 19.76 -24.49 -56.81
C TYR A 123 20.14 -23.35 -55.88
N GLN A 124 20.30 -22.17 -56.45
CA GLN A 124 20.52 -20.95 -55.68
C GLN A 124 19.24 -20.11 -55.71
N LEU A 125 18.98 -19.40 -54.61
CA LEU A 125 17.89 -18.44 -54.57
C LEU A 125 18.36 -17.05 -54.97
N ARG A 126 17.51 -16.33 -55.71
CA ARG A 126 17.70 -14.90 -55.92
C ARG A 126 17.69 -14.18 -54.58
N GLU A 127 18.31 -13.00 -54.55
CA GLU A 127 18.44 -12.28 -53.28
C GLU A 127 17.06 -11.91 -52.71
N SER A 128 16.16 -11.40 -53.56
CA SER A 128 14.85 -11.01 -53.04
C SER A 128 14.05 -12.21 -52.58
N GLU A 129 14.21 -13.37 -53.24
CA GLU A 129 13.59 -14.58 -52.74
C GLU A 129 14.14 -14.94 -51.37
N LEU A 130 15.45 -14.78 -51.17
CA LEU A 130 16.02 -15.14 -49.88
C LEU A 130 15.51 -14.20 -48.79
N VAL A 131 15.31 -12.92 -49.12
CA VAL A 131 14.68 -11.97 -48.21
C VAL A 131 13.25 -12.40 -47.91
N PHE A 132 12.51 -12.79 -48.93
CA PHE A 132 11.13 -13.22 -48.75
C PHE A 132 11.05 -14.50 -47.92
N GLY A 133 11.95 -15.46 -48.16
CA GLY A 133 11.94 -16.69 -47.37
C GLY A 133 12.26 -16.46 -45.91
N ALA A 134 13.18 -15.55 -45.62
CA ALA A 134 13.52 -15.27 -44.23
C ALA A 134 12.34 -14.69 -43.47
N LYS A 135 11.69 -13.67 -44.06
CA LYS A 135 10.56 -13.05 -43.39
C LYS A 135 9.41 -14.05 -43.19
N GLN A 136 9.17 -14.91 -44.19
CA GLN A 136 8.05 -15.85 -44.11
C GLN A 136 8.28 -16.91 -43.05
N ALA A 137 9.54 -17.36 -42.89
CA ALA A 137 9.83 -18.34 -41.84
C ALA A 137 9.66 -17.72 -40.45
N TRP A 138 10.03 -16.45 -40.29
CA TRP A 138 9.68 -15.73 -39.06
C TRP A 138 8.16 -15.63 -38.89
N ARG A 139 7.46 -15.25 -39.97
CA ARG A 139 6.00 -15.16 -39.93
C ARG A 139 5.36 -16.50 -39.58
N ASN A 140 6.05 -17.60 -39.84
CA ASN A 140 5.51 -18.93 -39.63
C ASN A 140 5.92 -19.56 -38.29
N ALA A 141 6.79 -18.91 -37.53
CA ALA A 141 7.27 -19.52 -36.28
C ALA A 141 6.16 -19.56 -35.23
N PRO A 142 5.56 -20.73 -34.94
CA PRO A 142 4.34 -20.72 -34.11
C PRO A 142 4.60 -20.30 -32.68
N ARG A 143 5.80 -20.51 -32.15
CA ARG A 143 6.14 -20.18 -30.78
C ARG A 143 6.62 -18.76 -30.59
N CYS A 144 6.67 -17.93 -31.63
CA CYS A 144 7.21 -16.57 -31.51
C CYS A 144 6.08 -15.57 -31.28
N VAL A 145 6.12 -14.87 -30.13
CA VAL A 145 5.13 -13.84 -29.80
C VAL A 145 5.44 -12.47 -30.40
N GLY A 146 6.62 -12.29 -30.99
CA GLY A 146 6.95 -10.97 -31.51
C GLY A 146 6.70 -10.78 -33.00
N ARG A 147 5.80 -11.59 -33.58
CA ARG A 147 5.70 -11.64 -35.03
C ARG A 147 4.96 -10.45 -35.65
N ILE A 148 4.37 -9.55 -34.86
CA ILE A 148 3.76 -8.35 -35.42
C ILE A 148 4.81 -7.61 -36.24
N GLN A 149 6.07 -7.88 -35.90
CA GLN A 149 7.26 -7.24 -36.45
C GLN A 149 7.81 -7.94 -37.69
N TRP A 150 7.13 -8.98 -38.22
CA TRP A 150 7.80 -9.88 -39.15
C TRP A 150 8.17 -9.20 -40.46
N GLY A 151 7.50 -8.10 -40.81
CA GLY A 151 7.84 -7.40 -42.04
C GLY A 151 9.10 -6.57 -41.98
N LYS A 152 9.61 -6.29 -40.80
CA LYS A 152 10.80 -5.45 -40.62
C LYS A 152 11.92 -6.36 -40.17
N LEU A 153 12.68 -6.86 -41.15
CA LEU A 153 13.76 -7.81 -40.90
C LEU A 153 14.87 -7.49 -41.88
N GLN A 154 16.07 -7.24 -41.36
CA GLN A 154 17.25 -7.00 -42.19
C GLN A 154 17.96 -8.32 -42.44
N VAL A 155 18.08 -8.68 -43.72
CA VAL A 155 18.65 -9.96 -44.14
C VAL A 155 20.06 -9.71 -44.67
N PHE A 156 21.04 -10.33 -44.03
CA PHE A 156 22.45 -10.21 -44.40
C PHE A 156 22.85 -11.46 -45.16
N ASP A 157 23.11 -11.28 -46.45
CA ASP A 157 23.44 -12.39 -47.35
C ASP A 157 24.92 -12.73 -47.21
N ALA A 158 25.21 -13.90 -46.64
CA ALA A 158 26.58 -14.38 -46.42
C ALA A 158 26.84 -15.66 -47.18
N ARG A 159 26.07 -15.91 -48.25
CA ARG A 159 26.23 -17.12 -49.03
C ARG A 159 27.57 -17.17 -49.76
N ASP A 160 28.23 -16.03 -49.92
CA ASP A 160 29.59 -15.97 -50.49
C ASP A 160 30.67 -16.31 -49.48
N CYS A 161 30.34 -17.02 -48.40
CA CYS A 161 31.26 -17.25 -47.30
C CYS A 161 32.07 -18.54 -47.52
N ARG A 162 33.28 -18.57 -46.95
CA ARG A 162 34.19 -19.68 -47.19
C ARG A 162 35.33 -19.69 -46.17
N SER A 163 35.01 -19.56 -44.88
CA SER A 163 36.04 -19.62 -43.83
C SER A 163 35.39 -19.38 -42.48
N ALA A 164 36.12 -19.73 -41.42
CA ALA A 164 35.68 -19.43 -40.07
C ALA A 164 35.84 -17.93 -39.77
N GLN A 165 37.02 -17.38 -40.06
CA GLN A 165 37.24 -15.96 -39.90
C GLN A 165 36.28 -15.15 -40.76
N GLU A 166 35.87 -15.69 -41.90
CA GLU A 166 34.87 -15.01 -42.72
C GLU A 166 33.50 -15.03 -42.06
N MET A 167 33.16 -16.14 -41.40
CA MET A 167 31.93 -16.14 -40.61
C MET A 167 32.03 -15.18 -39.45
N PHE A 168 33.21 -15.15 -38.80
CA PHE A 168 33.33 -14.37 -37.58
C PHE A 168 33.17 -12.89 -37.84
N THR A 169 33.67 -12.41 -38.98
CA THR A 169 33.47 -11.00 -39.31
C THR A 169 32.01 -10.74 -39.66
N TYR A 170 31.37 -11.70 -40.35
CA TYR A 170 29.95 -11.59 -40.65
C TYR A 170 29.11 -11.52 -39.38
N ILE A 171 29.45 -12.34 -38.39
CA ILE A 171 28.71 -12.32 -37.12
C ILE A 171 28.90 -10.99 -36.43
N CYS A 172 30.12 -10.45 -36.48
CA CYS A 172 30.40 -9.19 -35.80
C CYS A 172 29.65 -8.02 -36.42
N ASN A 173 29.52 -8.01 -37.75
CA ASN A 173 28.65 -7.00 -38.38
C ASN A 173 27.20 -7.18 -37.95
N HIS A 174 26.72 -8.43 -37.86
CA HIS A 174 25.37 -8.68 -37.36
C HIS A 174 25.18 -8.06 -35.99
N ILE A 175 25.98 -8.49 -35.02
CA ILE A 175 25.85 -8.01 -33.64
C ILE A 175 25.86 -6.49 -33.60
N LYS A 176 26.86 -5.89 -34.27
CA LYS A 176 26.98 -4.43 -34.28
C LYS A 176 25.73 -3.79 -34.87
N TYR A 177 25.32 -4.19 -36.07
CA TYR A 177 24.11 -3.63 -36.68
C TYR A 177 22.90 -3.89 -35.81
N ALA A 178 22.76 -5.11 -35.30
CA ALA A 178 21.57 -5.49 -34.54
C ALA A 178 21.51 -4.75 -33.22
N THR A 179 22.66 -4.56 -32.57
CA THR A 179 22.67 -3.88 -31.28
C THR A 179 22.37 -2.39 -31.47
N ASN A 180 23.05 -1.75 -32.43
CA ASN A 180 22.78 -0.37 -32.79
C ASN A 180 22.74 0.51 -31.54
N ARG A 181 23.74 0.30 -30.68
CA ARG A 181 23.91 1.05 -29.43
C ARG A 181 22.70 0.93 -28.50
N GLY A 182 21.88 -0.12 -28.64
CA GLY A 182 20.73 -0.30 -27.77
C GLY A 182 19.39 -0.01 -28.40
N ASN A 183 19.35 0.65 -29.57
CA ASN A 183 18.11 0.78 -30.33
C ASN A 183 18.02 -0.44 -31.27
N LEU A 184 17.50 -1.53 -30.74
CA LEU A 184 17.73 -2.83 -31.37
C LEU A 184 16.92 -3.00 -32.66
N ARG A 185 17.48 -3.80 -33.56
CA ARG A 185 16.89 -4.02 -34.88
C ARG A 185 16.98 -5.51 -35.21
N SER A 186 15.83 -6.10 -35.59
CA SER A 186 15.82 -7.50 -36.03
C SER A 186 16.78 -7.72 -37.20
N ALA A 187 17.51 -8.83 -37.14
CA ALA A 187 18.47 -9.15 -38.19
C ALA A 187 18.63 -10.66 -38.28
N ILE A 188 18.82 -11.14 -39.50
CA ILE A 188 19.27 -12.50 -39.74
C ILE A 188 20.48 -12.44 -40.66
N THR A 189 21.45 -13.33 -40.43
CA THR A 189 22.56 -13.51 -41.34
C THR A 189 22.53 -14.94 -41.85
N VAL A 190 22.51 -15.09 -43.18
CA VAL A 190 22.34 -16.40 -43.84
C VAL A 190 23.67 -16.83 -44.46
N PHE A 191 24.18 -17.95 -44.01
CA PHE A 191 25.43 -18.50 -44.49
C PHE A 191 25.16 -19.55 -45.56
N PRO A 192 26.19 -20.05 -46.24
CA PRO A 192 25.95 -20.87 -47.44
C PRO A 192 25.10 -22.10 -47.16
N GLN A 193 24.22 -22.40 -48.13
CA GLN A 193 23.33 -23.54 -48.01
C GLN A 193 24.10 -24.86 -48.06
N ARG A 194 23.64 -25.81 -47.25
CA ARG A 194 24.24 -27.13 -47.22
C ARG A 194 24.27 -27.75 -48.62
N CYS A 195 25.43 -28.31 -48.99
CA CYS A 195 25.55 -28.95 -50.29
C CYS A 195 25.70 -30.46 -50.11
N PRO A 196 25.14 -31.26 -51.01
CA PRO A 196 25.25 -32.73 -50.87
C PRO A 196 26.70 -33.13 -51.00
N GLY A 197 27.20 -33.81 -49.97
CA GLY A 197 28.64 -34.01 -49.86
C GLY A 197 29.34 -32.71 -49.51
N ARG A 198 30.37 -32.79 -48.66
CA ARG A 198 31.13 -31.66 -48.12
C ARG A 198 30.30 -30.94 -47.05
N GLY A 199 30.92 -30.63 -45.91
CA GLY A 199 30.21 -30.30 -44.68
C GLY A 199 29.39 -29.02 -44.62
N ASP A 200 29.03 -28.65 -43.40
CA ASP A 200 28.13 -27.53 -43.15
C ASP A 200 28.79 -26.46 -42.28
N PHE A 201 28.41 -25.20 -42.56
CA PHE A 201 28.66 -24.15 -41.59
C PHE A 201 27.74 -24.35 -40.38
N ARG A 202 28.28 -24.09 -39.20
CA ARG A 202 27.49 -24.32 -38.01
C ARG A 202 28.07 -23.67 -36.76
N ILE A 203 27.33 -22.72 -36.21
CA ILE A 203 27.69 -22.13 -34.92
C ILE A 203 27.37 -23.14 -33.83
N TRP A 204 28.30 -23.28 -32.88
CA TRP A 204 28.16 -24.27 -31.81
C TRP A 204 27.44 -23.74 -30.59
N ASN A 205 27.55 -22.45 -30.30
CA ASN A 205 26.75 -21.84 -29.26
C ASN A 205 25.28 -21.83 -29.69
N SER A 206 24.39 -22.08 -28.74
CA SER A 206 22.96 -21.91 -29.00
C SER A 206 22.63 -20.45 -29.32
N GLN A 207 23.36 -19.51 -28.70
CA GLN A 207 23.21 -18.09 -28.99
C GLN A 207 24.59 -17.46 -29.11
N LEU A 208 24.64 -16.31 -29.80
CA LEU A 208 25.92 -15.63 -29.92
C LEU A 208 26.42 -15.14 -28.56
N VAL A 209 25.52 -14.66 -27.72
CA VAL A 209 25.87 -14.20 -26.38
C VAL A 209 25.26 -15.16 -25.37
N ARG A 210 26.11 -15.98 -24.76
CA ARG A 210 25.72 -16.84 -23.66
C ARG A 210 26.80 -16.78 -22.58
N TYR A 211 26.38 -16.95 -21.34
CA TYR A 211 27.28 -16.88 -20.20
C TYR A 211 27.85 -18.26 -19.87
N ALA A 212 28.95 -18.24 -19.13
CA ALA A 212 29.68 -19.46 -18.83
C ALA A 212 28.97 -20.33 -17.80
N GLY A 213 29.25 -21.63 -17.85
CA GLY A 213 28.80 -22.56 -16.83
C GLY A 213 29.94 -23.43 -16.31
N TYR A 214 30.35 -23.21 -15.05
CA TYR A 214 31.46 -23.92 -14.45
C TYR A 214 30.98 -24.77 -13.27
N ARG A 215 31.54 -25.97 -13.13
CA ARG A 215 31.25 -26.87 -12.04
C ARG A 215 32.26 -26.65 -10.90
N GLN A 216 32.36 -27.60 -9.97
CA GLN A 216 33.45 -27.63 -8.99
C GLN A 216 33.48 -29.02 -8.34
N GLN A 217 33.95 -29.09 -7.10
CA GLN A 217 33.83 -30.34 -6.33
C GLN A 217 32.37 -30.74 -6.24
N ASP A 218 31.52 -29.80 -5.79
CA ASP A 218 30.16 -30.05 -5.38
C ASP A 218 29.21 -30.42 -6.52
N GLY A 219 29.64 -30.31 -7.77
CA GLY A 219 28.73 -30.59 -8.86
C GLY A 219 27.86 -29.38 -9.12
N SER A 220 27.77 -28.50 -8.13
CA SER A 220 27.12 -27.21 -8.30
C SER A 220 27.81 -26.44 -9.42
N VAL A 221 27.06 -25.53 -10.02
CA VAL A 221 27.52 -24.77 -11.17
C VAL A 221 27.65 -23.30 -10.78
N ARG A 222 28.73 -22.69 -11.23
CA ARG A 222 28.91 -21.24 -11.20
C ARG A 222 28.61 -20.71 -12.58
N GLY A 223 27.72 -19.72 -12.65
CA GLY A 223 27.27 -19.20 -13.94
C GLY A 223 25.93 -19.75 -14.41
N ASP A 224 25.77 -19.88 -15.72
CA ASP A 224 24.50 -20.32 -16.28
C ASP A 224 24.52 -21.84 -16.48
N PRO A 225 23.68 -22.59 -15.77
CA PRO A 225 23.70 -24.05 -15.94
C PRO A 225 23.22 -24.53 -17.31
N ALA A 226 22.39 -23.76 -18.02
CA ALA A 226 21.98 -24.16 -19.36
C ALA A 226 23.14 -24.29 -20.33
N ASN A 227 24.25 -23.58 -20.07
CA ASN A 227 25.37 -23.52 -20.99
C ASN A 227 26.60 -24.26 -20.45
N VAL A 228 26.39 -25.28 -19.62
CA VAL A 228 27.51 -25.96 -18.99
C VAL A 228 28.27 -26.80 -20.01
N GLU A 229 27.56 -27.52 -20.88
CA GLU A 229 28.24 -28.39 -21.85
C GLU A 229 29.05 -27.57 -22.86
N ILE A 230 28.43 -26.53 -23.43
CA ILE A 230 29.13 -25.71 -24.42
C ILE A 230 30.31 -24.98 -23.78
N THR A 231 30.22 -24.68 -22.49
CA THR A 231 31.38 -24.15 -21.77
C THR A 231 32.45 -25.22 -21.65
N GLU A 232 32.05 -26.48 -21.43
CA GLU A 232 33.00 -27.58 -21.41
C GLU A 232 33.73 -27.72 -22.75
N LEU A 233 32.98 -27.58 -23.86
CA LEU A 233 33.58 -27.65 -25.19
C LEU A 233 34.40 -26.41 -25.52
N CYS A 234 34.27 -25.34 -24.73
CA CYS A 234 35.12 -24.17 -24.94
C CYS A 234 36.47 -24.34 -24.28
N ILE A 235 36.50 -24.83 -23.03
CA ILE A 235 37.76 -25.16 -22.38
C ILE A 235 38.49 -26.24 -23.16
N GLN A 236 37.77 -27.27 -23.60
CA GLN A 236 38.35 -28.36 -24.34
C GLN A 236 38.99 -27.92 -25.66
N HIS A 237 38.63 -26.74 -26.18
CA HIS A 237 39.21 -26.20 -27.40
C HIS A 237 40.16 -25.04 -27.13
N GLY A 238 40.73 -24.97 -25.93
CA GLY A 238 41.78 -24.01 -25.67
C GLY A 238 41.30 -22.63 -25.29
N TRP A 239 40.27 -22.54 -24.45
CA TRP A 239 39.84 -21.28 -23.89
C TRP A 239 40.22 -21.23 -22.41
N THR A 240 40.69 -20.06 -21.98
CA THR A 240 40.98 -19.86 -20.57
C THR A 240 39.69 -19.52 -19.82
N PRO A 241 39.28 -20.33 -18.82
CA PRO A 241 38.06 -20.01 -18.05
C PRO A 241 38.12 -18.66 -17.36
N GLY A 242 37.12 -18.36 -16.52
CA GLY A 242 36.95 -17.02 -16.01
C GLY A 242 36.59 -16.97 -14.54
N ASN A 243 36.42 -15.73 -14.06
CA ASN A 243 36.07 -15.43 -12.69
C ASN A 243 34.76 -16.10 -12.26
N GLY A 244 33.62 -15.53 -12.65
CA GLY A 244 32.37 -15.97 -12.07
C GLY A 244 31.13 -16.08 -12.94
N ARG A 245 30.06 -15.45 -12.48
CA ARG A 245 28.71 -15.80 -12.92
C ARG A 245 28.42 -15.41 -14.35
N PHE A 246 29.11 -14.42 -14.89
CA PHE A 246 28.61 -13.78 -16.10
C PHE A 246 29.69 -13.67 -17.18
N ASP A 247 30.52 -14.70 -17.32
CA ASP A 247 31.59 -14.69 -18.31
C ASP A 247 31.02 -14.99 -19.70
N VAL A 248 31.06 -13.96 -20.58
CA VAL A 248 30.55 -14.11 -21.95
C VAL A 248 31.34 -15.18 -22.68
N LEU A 249 30.65 -16.21 -23.15
CA LEU A 249 31.32 -17.36 -23.77
C LEU A 249 31.94 -16.96 -25.10
N PRO A 250 33.12 -17.49 -25.43
CA PRO A 250 33.67 -17.28 -26.77
C PRO A 250 32.95 -18.13 -27.80
N LEU A 251 32.83 -17.59 -29.01
CA LEU A 251 32.16 -18.32 -30.08
C LEU A 251 33.00 -19.48 -30.60
N LEU A 252 32.31 -20.54 -31.01
CA LEU A 252 32.95 -21.72 -31.59
C LEU A 252 32.35 -21.90 -32.98
N LEU A 253 33.06 -21.42 -34.00
CA LEU A 253 32.55 -21.38 -35.36
C LEU A 253 33.23 -22.44 -36.22
N GLN A 254 32.45 -23.03 -37.13
CA GLN A 254 32.83 -24.28 -37.80
C GLN A 254 32.49 -24.17 -39.28
N ALA A 255 33.50 -23.92 -40.11
CA ALA A 255 33.35 -23.95 -41.55
C ALA A 255 33.39 -25.39 -42.02
N PRO A 256 32.97 -25.68 -43.26
CA PRO A 256 32.89 -27.07 -43.72
C PRO A 256 34.16 -27.87 -43.43
N ASP A 257 33.95 -29.09 -42.91
CA ASP A 257 34.98 -30.09 -42.71
C ASP A 257 35.93 -29.71 -41.58
N GLU A 258 36.87 -28.80 -41.83
CA GLU A 258 37.89 -28.46 -40.83
C GLU A 258 37.21 -28.06 -39.51
N PRO A 259 37.72 -28.52 -38.37
CA PRO A 259 36.93 -28.48 -37.13
C PRO A 259 36.74 -27.07 -36.62
N PRO A 260 35.92 -26.87 -35.60
CA PRO A 260 35.67 -25.51 -35.10
C PRO A 260 36.92 -24.89 -34.52
N GLU A 261 36.88 -23.56 -34.41
CA GLU A 261 37.95 -22.75 -33.82
C GLU A 261 37.34 -21.67 -32.95
N LEU A 262 37.96 -21.42 -31.80
CA LEU A 262 37.49 -20.35 -30.90
C LEU A 262 37.62 -18.98 -31.54
N PHE A 263 36.72 -18.08 -31.13
CA PHE A 263 36.80 -16.66 -31.50
C PHE A 263 36.28 -15.86 -30.31
N LEU A 264 37.19 -15.22 -29.58
CA LEU A 264 36.80 -14.38 -28.46
C LEU A 264 35.99 -13.18 -28.96
N LEU A 265 34.90 -12.89 -28.27
CA LEU A 265 34.09 -11.74 -28.64
C LEU A 265 34.70 -10.46 -28.06
N PRO A 266 34.67 -9.36 -28.80
CA PRO A 266 35.17 -8.08 -28.27
C PRO A 266 34.24 -7.53 -27.19
N PRO A 267 34.79 -7.12 -26.05
CA PRO A 267 33.93 -6.68 -24.95
C PRO A 267 33.05 -5.48 -25.29
N GLU A 268 33.53 -4.57 -26.15
CA GLU A 268 32.77 -3.36 -26.41
C GLU A 268 31.57 -3.60 -27.33
N LEU A 269 31.54 -4.70 -28.09
CA LEU A 269 30.38 -4.95 -28.92
C LEU A 269 29.39 -5.93 -28.28
N VAL A 270 29.73 -6.52 -27.14
CA VAL A 270 28.79 -7.35 -26.36
C VAL A 270 28.19 -6.43 -25.32
N LEU A 271 27.01 -5.90 -25.63
CA LEU A 271 26.39 -4.89 -24.79
C LEU A 271 25.63 -5.56 -23.64
N GLU A 272 25.81 -5.02 -22.43
CA GLU A 272 25.22 -5.61 -21.25
C GLU A 272 24.53 -4.53 -20.42
N VAL A 273 23.56 -4.98 -19.64
CA VAL A 273 22.71 -4.14 -18.81
C VAL A 273 22.87 -4.60 -17.37
N PRO A 274 23.43 -3.78 -16.47
CA PRO A 274 23.49 -4.17 -15.06
C PRO A 274 22.13 -3.93 -14.39
N LEU A 275 21.65 -4.93 -13.66
CA LEU A 275 20.28 -4.89 -13.19
C LEU A 275 20.20 -4.12 -11.87
N GLU A 276 19.29 -3.16 -11.84
CA GLU A 276 19.01 -2.37 -10.66
CA GLU A 276 19.01 -2.37 -10.65
C GLU A 276 17.50 -2.24 -10.53
N HIS A 277 17.05 -2.02 -9.31
CA HIS A 277 15.64 -1.87 -9.05
C HIS A 277 15.32 -0.41 -8.74
N PRO A 278 14.17 0.09 -9.17
CA PRO A 278 13.87 1.52 -8.98
C PRO A 278 13.71 1.94 -7.53
N THR A 279 13.32 1.05 -6.62
CA THR A 279 13.11 1.44 -5.24
C THR A 279 13.79 0.56 -4.22
N LEU A 280 14.13 -0.69 -4.54
CA LEU A 280 14.88 -1.56 -3.64
C LEU A 280 16.36 -1.28 -3.87
N GLU A 281 16.96 -0.48 -2.98
CA GLU A 281 18.29 0.04 -3.20
C GLU A 281 19.34 -1.07 -3.20
N TRP A 282 19.12 -2.14 -2.44
CA TRP A 282 20.05 -3.27 -2.33
C TRP A 282 20.10 -4.16 -3.59
N PHE A 283 19.17 -4.00 -4.54
CA PHE A 283 19.10 -4.94 -5.67
C PHE A 283 20.37 -4.89 -6.52
N ALA A 284 20.91 -3.69 -6.76
CA ALA A 284 22.12 -3.56 -7.57
C ALA A 284 23.28 -4.38 -7.03
N ALA A 285 23.44 -4.40 -5.70
CA ALA A 285 24.55 -5.09 -5.05
C ALA A 285 24.49 -6.61 -5.23
N LEU A 286 23.37 -7.17 -5.67
CA LEU A 286 23.36 -8.56 -6.09
C LEU A 286 24.22 -8.80 -7.33
N GLY A 287 24.66 -7.74 -8.02
CA GLY A 287 25.55 -7.90 -9.15
C GLY A 287 24.97 -8.64 -10.33
N LEU A 288 23.67 -8.52 -10.56
CA LEU A 288 23.07 -9.21 -11.69
C LEU A 288 23.23 -8.37 -12.94
N ARG A 289 23.46 -9.05 -14.06
CA ARG A 289 23.44 -8.42 -15.37
C ARG A 289 22.73 -9.37 -16.34
N TRP A 290 22.31 -8.82 -17.48
CA TRP A 290 21.96 -9.66 -18.62
C TRP A 290 22.43 -8.92 -19.88
N TYR A 291 22.53 -9.66 -20.99
CA TYR A 291 22.99 -9.02 -22.22
C TYR A 291 21.81 -8.45 -23.01
N ALA A 292 22.13 -7.64 -24.01
CA ALA A 292 21.11 -6.89 -24.71
C ALA A 292 20.45 -7.66 -25.86
N LEU A 293 21.20 -8.54 -26.51
CA LEU A 293 20.78 -9.08 -27.80
C LEU A 293 20.51 -10.57 -27.70
N PRO A 294 19.24 -11.04 -27.77
CA PRO A 294 18.99 -12.47 -27.97
C PRO A 294 19.24 -12.84 -29.42
N ALA A 295 20.25 -13.66 -29.67
CA ALA A 295 20.68 -13.97 -31.04
C ALA A 295 20.89 -15.46 -31.16
N VAL A 296 19.88 -16.17 -31.71
CA VAL A 296 19.83 -17.63 -31.75
C VAL A 296 20.57 -18.15 -32.97
N SER A 297 21.48 -19.10 -32.73
CA SER A 297 22.47 -19.50 -33.72
C SER A 297 22.58 -21.01 -33.85
N ASN A 298 21.50 -21.74 -33.54
CA ASN A 298 21.61 -23.18 -33.69
C ASN A 298 20.42 -23.78 -34.43
N MET A 299 19.60 -22.97 -35.08
CA MET A 299 18.45 -23.45 -35.81
C MET A 299 18.71 -23.45 -37.31
N LEU A 300 18.02 -24.35 -38.01
CA LEU A 300 18.14 -24.50 -39.44
C LEU A 300 17.02 -23.74 -40.12
N LEU A 301 17.39 -22.89 -41.07
CA LEU A 301 16.42 -22.18 -41.91
C LEU A 301 16.17 -22.98 -43.18
N GLU A 302 14.90 -23.21 -43.48
CA GLU A 302 14.51 -23.92 -44.71
C GLU A 302 13.66 -23.00 -45.57
N ILE A 303 14.12 -22.78 -46.80
CA ILE A 303 13.41 -22.00 -47.80
C ILE A 303 13.38 -22.82 -49.09
N GLY A 304 12.18 -23.00 -49.64
CA GLY A 304 12.03 -23.63 -50.94
C GLY A 304 12.69 -24.98 -51.11
N GLY A 305 13.08 -25.62 -50.01
CA GLY A 305 13.71 -26.92 -50.06
C GLY A 305 15.20 -26.92 -49.79
N LEU A 306 15.80 -25.78 -49.46
CA LEU A 306 17.20 -25.70 -49.12
C LEU A 306 17.36 -25.46 -47.63
N GLU A 307 18.47 -25.95 -47.08
CA GLU A 307 18.70 -25.96 -45.65
C GLU A 307 19.92 -25.12 -45.34
N PHE A 308 19.76 -24.15 -44.43
CA PHE A 308 20.86 -23.29 -44.02
C PHE A 308 21.14 -23.58 -42.54
N PRO A 309 22.11 -24.45 -42.23
CA PRO A 309 22.31 -24.84 -40.83
C PRO A 309 22.91 -23.74 -39.97
N ALA A 310 23.51 -22.73 -40.60
CA ALA A 310 24.04 -21.54 -39.93
C ALA A 310 23.30 -20.33 -40.50
N ALA A 311 22.34 -19.80 -39.73
CA ALA A 311 21.60 -18.59 -40.13
C ALA A 311 21.12 -17.88 -38.88
N PRO A 312 22.02 -17.28 -38.12
CA PRO A 312 21.63 -16.68 -36.83
C PRO A 312 20.73 -15.48 -37.02
N PHE A 313 19.60 -15.49 -36.30
CA PHE A 313 18.70 -14.35 -36.24
C PHE A 313 18.68 -13.75 -34.84
N SER A 314 18.23 -12.49 -34.77
CA SER A 314 18.16 -11.79 -33.51
C SER A 314 17.07 -10.73 -33.58
N GLY A 315 16.53 -10.39 -32.41
CA GLY A 315 15.56 -9.33 -32.25
C GLY A 315 15.78 -8.62 -30.93
N TRP A 316 14.75 -8.49 -30.10
CA TRP A 316 14.91 -7.91 -28.79
C TRP A 316 14.12 -8.72 -27.77
N TYR A 317 14.47 -8.55 -26.51
CA TYR A 317 13.94 -9.39 -25.43
C TYR A 317 12.55 -8.96 -25.03
N MET A 318 11.69 -9.94 -24.77
CA MET A 318 10.55 -9.74 -23.89
C MET A 318 11.02 -9.99 -22.46
N SER A 319 10.62 -9.12 -21.53
CA SER A 319 11.31 -9.08 -20.23
C SER A 319 11.09 -10.34 -19.38
N THR A 320 9.98 -11.04 -19.53
CA THR A 320 9.81 -12.27 -18.79
C THR A 320 10.85 -13.33 -19.16
N GLU A 321 11.32 -13.34 -20.41
CA GLU A 321 12.42 -14.24 -20.76
C GLU A 321 13.63 -14.02 -19.85
N ILE A 322 13.90 -12.78 -19.47
CA ILE A 322 15.08 -12.50 -18.65
C ILE A 322 14.74 -12.68 -17.18
N GLY A 323 13.74 -11.95 -16.73
CA GLY A 323 13.47 -11.90 -15.30
C GLY A 323 12.86 -13.20 -14.79
N THR A 324 11.94 -13.78 -15.55
CA THR A 324 11.29 -14.98 -15.05
C THR A 324 12.05 -16.26 -15.41
N ARG A 325 12.37 -16.47 -16.68
CA ARG A 325 12.93 -17.76 -17.08
C ARG A 325 14.42 -17.86 -16.82
N ASN A 326 15.20 -16.86 -17.24
CA ASN A 326 16.66 -17.01 -17.14
C ASN A 326 17.16 -16.86 -15.72
N LEU A 327 16.52 -16.03 -14.91
CA LEU A 327 16.99 -15.74 -13.56
C LEU A 327 16.23 -16.48 -12.47
N CYS A 328 14.97 -16.88 -12.70
CA CYS A 328 14.20 -17.53 -11.66
C CYS A 328 14.02 -19.04 -11.83
N ASP A 329 14.12 -19.57 -13.05
CA ASP A 329 14.07 -21.00 -13.26
C ASP A 329 14.97 -21.74 -12.27
N PRO A 330 14.47 -22.80 -11.64
CA PRO A 330 15.31 -23.54 -10.67
C PRO A 330 16.57 -24.11 -11.28
N HIS A 331 16.57 -24.38 -12.59
CA HIS A 331 17.71 -24.97 -13.27
C HIS A 331 18.51 -23.95 -14.06
N ARG A 332 18.19 -22.67 -13.94
CA ARG A 332 19.00 -21.59 -14.53
C ARG A 332 19.72 -20.87 -13.39
N TYR A 333 19.61 -19.54 -13.25
CA TYR A 333 20.35 -18.86 -12.19
C TYR A 333 19.71 -19.05 -10.82
N ASN A 334 18.40 -19.28 -10.75
CA ASN A 334 17.74 -19.77 -9.52
C ASN A 334 17.79 -18.75 -8.37
N ILE A 335 17.52 -17.47 -8.65
CA ILE A 335 17.81 -16.39 -7.70
C ILE A 335 16.62 -16.04 -6.81
N LEU A 336 15.47 -16.69 -7.01
CA LEU A 336 14.21 -16.21 -6.46
C LEU A 336 14.26 -16.15 -4.93
N GLU A 337 14.76 -17.23 -4.32
CA GLU A 337 14.92 -17.29 -2.88
C GLU A 337 15.80 -16.15 -2.36
N ASP A 338 16.92 -15.88 -3.03
CA ASP A 338 17.80 -14.82 -2.57
C ASP A 338 17.11 -13.46 -2.59
N VAL A 339 16.36 -13.16 -3.64
CA VAL A 339 15.64 -11.89 -3.72
C VAL A 339 14.56 -11.80 -2.65
N ALA A 340 14.01 -12.94 -2.25
CA ALA A 340 12.92 -12.93 -1.27
C ALA A 340 13.44 -12.65 0.14
N VAL A 341 14.61 -13.21 0.49
CA VAL A 341 15.22 -12.92 1.79
C VAL A 341 15.53 -11.43 1.90
N CYS A 342 16.06 -10.83 0.84
CA CYS A 342 16.35 -9.39 0.86
C CYS A 342 15.08 -8.56 1.03
N MET A 343 13.95 -9.02 0.46
CA MET A 343 12.69 -8.31 0.61
C MET A 343 12.01 -8.62 1.93
N ASP A 344 12.61 -9.45 2.77
CA ASP A 344 12.09 -9.76 4.09
C ASP A 344 10.73 -10.46 4.00
N LEU A 345 10.58 -11.33 3.01
CA LEU A 345 9.34 -12.07 2.81
C LEU A 345 9.33 -13.36 3.61
N ASP A 346 8.14 -13.82 3.97
CA ASP A 346 8.03 -15.03 4.78
C ASP A 346 8.28 -16.23 3.87
N THR A 347 9.51 -16.72 3.88
CA THR A 347 9.88 -17.87 3.07
C THR A 347 9.45 -19.18 3.69
N ARG A 348 8.80 -19.16 4.85
CA ARG A 348 8.48 -20.40 5.56
C ARG A 348 7.32 -21.14 4.91
N THR A 349 6.30 -20.40 4.46
CA THR A 349 5.08 -21.00 3.91
C THR A 349 4.81 -20.52 2.48
N THR A 350 4.48 -21.48 1.60
CA THR A 350 4.20 -21.17 0.20
C THR A 350 3.00 -20.25 0.03
N SER A 351 2.12 -20.14 1.02
CA SER A 351 0.89 -19.38 0.84
C SER A 351 1.04 -17.90 1.19
N SER A 352 2.23 -17.45 1.55
CA SER A 352 2.51 -16.02 1.52
C SER A 352 2.75 -15.50 0.11
N LEU A 353 2.87 -16.40 -0.89
CA LEU A 353 3.18 -16.07 -2.29
C LEU A 353 4.48 -15.27 -2.42
N TRP A 354 5.44 -15.58 -1.56
CA TRP A 354 6.73 -14.92 -1.67
C TRP A 354 7.40 -15.14 -3.03
N LYS A 355 7.27 -16.34 -3.60
CA LYS A 355 7.78 -16.58 -4.94
C LYS A 355 7.17 -15.61 -5.95
N ASP A 356 5.87 -15.34 -5.82
CA ASP A 356 5.18 -14.50 -6.78
C ASP A 356 5.57 -13.04 -6.61
N LYS A 357 5.69 -12.58 -5.36
CA LYS A 357 6.12 -11.22 -5.10
C LYS A 357 7.54 -10.98 -5.58
N ALA A 358 8.43 -11.95 -5.35
CA ALA A 358 9.83 -11.78 -5.72
C ALA A 358 10.01 -11.85 -7.23
N ALA A 359 9.30 -12.75 -7.90
CA ALA A 359 9.37 -12.79 -9.35
C ALA A 359 8.92 -11.47 -9.96
N VAL A 360 7.83 -10.90 -9.44
CA VAL A 360 7.32 -9.66 -10.02
C VAL A 360 8.37 -8.55 -9.93
N GLU A 361 9.08 -8.45 -8.80
CA GLU A 361 10.06 -7.38 -8.61
C GLU A 361 11.30 -7.59 -9.44
N ILE A 362 11.74 -8.84 -9.60
CA ILE A 362 12.80 -9.14 -10.55
C ILE A 362 12.44 -8.66 -11.96
N ASN A 363 11.18 -8.88 -12.40
CA ASN A 363 10.79 -8.38 -13.71
C ASN A 363 10.72 -6.86 -13.76
N VAL A 364 10.28 -6.22 -12.67
CA VAL A 364 10.31 -4.76 -12.62
C VAL A 364 11.74 -4.25 -12.76
N ALA A 365 12.69 -4.93 -12.12
CA ALA A 365 14.10 -4.52 -12.23
C ALA A 365 14.62 -4.70 -13.64
N VAL A 366 14.23 -5.80 -14.32
CA VAL A 366 14.71 -6.02 -15.68
C VAL A 366 14.21 -4.90 -16.59
N LEU A 367 12.90 -4.67 -16.60
CA LEU A 367 12.35 -3.62 -17.44
C LEU A 367 13.01 -2.28 -17.13
N HIS A 368 13.09 -1.94 -15.84
CA HIS A 368 13.63 -0.64 -15.45
C HIS A 368 15.10 -0.50 -15.84
N SER A 369 15.90 -1.55 -15.65
CA SER A 369 17.31 -1.43 -15.99
C SER A 369 17.51 -1.30 -17.49
N TYR A 370 16.75 -2.05 -18.30
CA TYR A 370 16.92 -1.95 -19.75
C TYR A 370 16.52 -0.57 -20.25
N GLN A 371 15.45 -0.01 -19.69
CA GLN A 371 15.05 1.33 -20.08
C GLN A 371 16.08 2.38 -19.66
N LEU A 372 16.61 2.27 -18.44
CA LEU A 372 17.59 3.25 -17.97
C LEU A 372 18.80 3.28 -18.87
N ALA A 373 19.27 2.10 -19.28
CA ALA A 373 20.34 1.93 -20.26
C ALA A 373 19.87 2.16 -21.71
N LYS A 374 18.63 2.59 -21.95
CA LYS A 374 18.13 2.85 -23.31
C LYS A 374 18.40 1.68 -24.26
N VAL A 375 17.98 0.49 -23.85
CA VAL A 375 18.04 -0.69 -24.70
C VAL A 375 16.61 -1.17 -24.95
N THR A 376 16.32 -1.52 -26.21
CA THR A 376 14.98 -1.97 -26.57
C THR A 376 14.58 -3.20 -25.75
N ILE A 377 13.48 -3.09 -25.00
CA ILE A 377 12.88 -4.25 -24.35
C ILE A 377 11.36 -4.08 -24.34
N VAL A 378 10.64 -5.20 -24.28
CA VAL A 378 9.18 -5.14 -24.24
C VAL A 378 8.62 -5.99 -23.09
N ASP A 379 7.67 -5.42 -22.35
CA ASP A 379 6.97 -6.15 -21.32
C ASP A 379 5.96 -7.14 -21.92
N HIS A 380 5.61 -8.17 -21.15
CA HIS A 380 4.77 -9.24 -21.69
C HIS A 380 3.34 -8.79 -21.97
N HIS A 381 2.83 -7.78 -21.26
CA HIS A 381 1.51 -7.24 -21.59
C HIS A 381 1.49 -6.58 -22.97
N ALA A 382 2.46 -5.68 -23.22
CA ALA A 382 2.54 -5.01 -24.53
C ALA A 382 2.78 -6.02 -25.65
N ALA A 383 3.69 -6.97 -25.42
CA ALA A 383 3.99 -7.96 -26.43
C ALA A 383 2.77 -8.81 -26.79
N THR A 384 2.03 -9.29 -25.76
CA THR A 384 0.86 -10.13 -26.05
C THR A 384 -0.25 -9.31 -26.70
N ALA A 385 -0.42 -8.05 -26.29
CA ALA A 385 -1.44 -7.22 -26.92
C ALA A 385 -1.14 -7.01 -28.42
N SER A 386 0.14 -6.89 -28.78
CA SER A 386 0.53 -6.76 -30.18
CA SER A 386 0.47 -6.75 -30.19
C SER A 386 0.35 -8.07 -30.93
N PHE A 387 0.53 -9.19 -30.23
CA PHE A 387 0.36 -10.45 -30.91
C PHE A 387 -1.10 -10.70 -31.26
N MET A 388 -2.01 -10.27 -30.38
CA MET A 388 -3.43 -10.28 -30.72
C MET A 388 -3.67 -9.49 -32.00
N LYS A 389 -3.12 -8.28 -32.07
CA LYS A 389 -3.22 -7.47 -33.28
C LYS A 389 -2.64 -8.21 -34.48
N HIS A 390 -1.56 -8.94 -34.28
CA HIS A 390 -1.01 -9.70 -35.38
C HIS A 390 -1.96 -10.82 -35.79
N LEU A 391 -2.64 -11.47 -34.82
CA LEU A 391 -3.60 -12.52 -35.17
C LEU A 391 -4.71 -11.98 -36.07
N GLU A 392 -5.19 -10.78 -35.79
CA GLU A 392 -6.27 -10.22 -36.61
C GLU A 392 -5.77 -9.89 -38.01
N ASN A 393 -4.61 -9.22 -38.12
CA ASN A 393 -3.98 -8.99 -39.43
C ASN A 393 -3.83 -10.28 -40.20
N GLU A 394 -3.41 -11.34 -39.51
CA GLU A 394 -3.09 -12.57 -40.22
C GLU A 394 -4.36 -13.28 -40.66
N GLN A 395 -5.45 -13.08 -39.92
CA GLN A 395 -6.78 -13.51 -40.37
C GLN A 395 -7.12 -12.90 -41.73
N LYS A 396 -7.07 -11.56 -41.80
CA LYS A 396 -7.43 -10.87 -43.04
C LYS A 396 -6.54 -11.29 -44.19
N ALA A 397 -5.24 -11.47 -43.93
CA ALA A 397 -4.26 -11.71 -44.97
C ALA A 397 -4.29 -13.16 -45.46
N ARG A 398 -3.97 -14.11 -44.57
CA ARG A 398 -3.81 -15.51 -44.97
C ARG A 398 -4.88 -16.43 -44.41
N GLY A 399 -5.84 -15.91 -43.65
CA GLY A 399 -6.90 -16.76 -43.11
C GLY A 399 -6.49 -17.59 -41.92
N GLY A 400 -5.65 -17.05 -41.05
CA GLY A 400 -5.24 -17.76 -39.87
C GLY A 400 -3.78 -17.52 -39.59
N CYS A 401 -3.25 -18.27 -38.62
CA CYS A 401 -1.92 -18.04 -38.11
C CYS A 401 -1.51 -19.18 -37.19
N PRO A 402 -0.46 -19.94 -37.52
CA PRO A 402 0.00 -21.00 -36.61
C PRO A 402 0.60 -20.40 -35.36
N ALA A 403 0.12 -20.89 -34.21
CA ALA A 403 0.43 -20.29 -32.93
C ALA A 403 0.41 -21.39 -31.88
N ASP A 404 1.43 -21.43 -31.03
CA ASP A 404 1.57 -22.47 -30.02
C ASP A 404 1.18 -21.85 -28.68
N TRP A 405 -0.01 -22.21 -28.21
CA TRP A 405 -0.57 -21.55 -27.03
C TRP A 405 0.37 -21.59 -25.84
N ALA A 406 0.99 -22.75 -25.58
CA ALA A 406 1.81 -22.88 -24.38
C ALA A 406 3.01 -21.93 -24.37
N TRP A 407 3.51 -21.55 -25.55
CA TRP A 407 4.66 -20.67 -25.66
C TRP A 407 4.31 -19.21 -25.89
N ILE A 408 3.12 -18.91 -26.41
CA ILE A 408 2.70 -17.53 -26.58
C ILE A 408 2.25 -16.92 -25.25
N VAL A 409 1.57 -17.70 -24.41
CA VAL A 409 1.15 -17.18 -23.09
C VAL A 409 2.40 -16.93 -22.23
N PRO A 410 2.52 -15.77 -21.59
CA PRO A 410 3.72 -15.48 -20.80
C PRO A 410 3.87 -16.40 -19.64
N PRO A 411 5.11 -16.63 -19.16
CA PRO A 411 5.34 -17.48 -18.00
C PRO A 411 5.04 -16.83 -16.66
N ILE A 412 4.65 -15.56 -16.61
CA ILE A 412 4.02 -14.99 -15.42
C ILE A 412 2.73 -14.32 -15.88
N SER A 413 1.77 -14.24 -14.96
CA SER A 413 0.55 -13.45 -15.17
C SER A 413 -0.21 -13.88 -16.42
N GLY A 414 -0.06 -15.15 -16.80
CA GLY A 414 -0.68 -15.71 -18.00
C GLY A 414 -2.09 -15.22 -18.30
N SER A 415 -3.03 -15.41 -17.36
CA SER A 415 -4.42 -15.05 -17.67
C SER A 415 -4.69 -13.56 -17.58
N LEU A 416 -3.69 -12.75 -17.27
CA LEU A 416 -3.85 -11.31 -17.32
C LEU A 416 -3.58 -10.76 -18.72
N THR A 417 -3.13 -11.61 -19.65
CA THR A 417 -2.82 -11.18 -20.99
C THR A 417 -3.92 -11.69 -21.93
N PRO A 418 -4.19 -10.96 -23.02
CA PRO A 418 -5.34 -11.32 -23.87
C PRO A 418 -5.15 -12.63 -24.62
N VAL A 419 -3.93 -13.11 -24.80
CA VAL A 419 -3.71 -14.35 -25.52
C VAL A 419 -4.15 -15.57 -24.71
N PHE A 420 -4.31 -15.42 -23.39
CA PHE A 420 -4.68 -16.55 -22.54
C PHE A 420 -6.04 -17.11 -22.94
N HIS A 421 -7.00 -16.22 -23.19
CA HIS A 421 -8.37 -16.57 -23.48
C HIS A 421 -8.63 -16.80 -24.95
N GLN A 422 -7.57 -16.92 -25.76
CA GLN A 422 -7.64 -16.99 -27.21
C GLN A 422 -7.24 -18.39 -27.66
N GLU A 423 -8.20 -19.15 -28.19
CA GLU A 423 -7.87 -20.46 -28.74
C GLU A 423 -6.96 -20.30 -29.95
N MET A 424 -6.10 -21.30 -30.19
CA MET A 424 -5.08 -21.22 -31.21
C MET A 424 -4.88 -22.56 -31.89
N VAL A 425 -4.45 -22.51 -33.14
CA VAL A 425 -4.16 -23.69 -33.95
C VAL A 425 -2.66 -23.74 -34.22
N ASN A 426 -2.05 -24.87 -33.90
CA ASN A 426 -0.63 -25.09 -34.13
C ASN A 426 -0.41 -26.05 -35.28
N TYR A 427 0.40 -25.62 -36.24
CA TYR A 427 0.70 -26.43 -37.42
C TYR A 427 1.97 -25.86 -38.05
N PHE A 428 2.50 -26.59 -39.03
CA PHE A 428 3.78 -26.27 -39.63
C PHE A 428 3.56 -25.75 -41.05
N LEU A 429 4.06 -24.55 -41.32
CA LEU A 429 4.11 -23.99 -42.67
C LEU A 429 5.57 -23.86 -43.12
N SER A 430 5.75 -23.75 -44.42
CA SER A 430 7.07 -23.43 -44.94
C SER A 430 6.97 -22.14 -45.74
N PRO A 431 8.06 -21.33 -45.80
CA PRO A 431 9.36 -21.43 -45.14
C PRO A 431 9.30 -21.51 -43.61
N ALA A 432 10.34 -22.08 -43.00
CA ALA A 432 10.26 -22.34 -41.57
C ALA A 432 11.66 -22.42 -40.97
N PHE A 433 11.76 -22.02 -39.69
CA PHE A 433 12.90 -22.35 -38.85
C PHE A 433 12.64 -23.72 -38.22
N ARG A 434 13.69 -24.56 -38.17
CA ARG A 434 13.59 -25.91 -37.62
C ARG A 434 14.77 -26.17 -36.70
N TYR A 435 14.53 -26.95 -35.65
CA TYR A 435 15.64 -27.39 -34.81
C TYR A 435 16.47 -28.43 -35.55
N GLN A 436 17.69 -28.64 -35.06
CA GLN A 436 18.60 -29.53 -35.74
C GLN A 436 19.54 -30.15 -34.72
N PRO A 437 20.03 -31.37 -34.97
CA PRO A 437 20.92 -32.02 -34.00
C PRO A 437 22.17 -31.19 -33.75
N ASP A 438 22.66 -31.23 -32.51
CA ASP A 438 23.90 -30.52 -32.25
C ASP A 438 25.09 -31.32 -32.80
N PRO A 439 26.21 -30.64 -33.19
CA PRO A 439 27.27 -31.28 -33.98
C PRO A 439 28.36 -31.97 -33.15
N TRP A 440 27.95 -32.83 -32.24
CA TRP A 440 28.90 -33.69 -31.53
C TRP A 440 28.18 -34.89 -30.90
N LYS B 27 7.44 -47.52 -28.99
CA LYS B 27 6.82 -46.40 -29.69
C LYS B 27 5.67 -45.83 -28.85
N PHE B 28 5.99 -45.45 -27.61
CA PHE B 28 5.15 -44.73 -26.67
C PHE B 28 5.74 -43.35 -26.41
N PRO B 29 4.90 -42.33 -26.19
CA PRO B 29 5.42 -40.96 -26.12
C PRO B 29 6.44 -40.78 -25.00
N ARG B 30 7.59 -40.20 -25.35
CA ARG B 30 8.64 -39.87 -24.40
C ARG B 30 8.37 -38.47 -23.83
N VAL B 31 8.08 -38.39 -22.53
CA VAL B 31 7.81 -37.11 -21.84
C VAL B 31 9.00 -36.77 -20.96
N LYS B 32 9.45 -35.53 -21.04
CA LYS B 32 10.61 -35.07 -20.29
C LYS B 32 10.16 -34.02 -19.28
N ASN B 33 10.73 -34.10 -18.08
CA ASN B 33 10.67 -33.00 -17.13
C ASN B 33 11.90 -32.13 -17.36
N TRP B 34 11.69 -30.86 -17.63
CA TRP B 34 12.83 -30.02 -17.98
C TRP B 34 13.53 -29.41 -16.78
N GLU B 35 12.84 -29.25 -15.64
CA GLU B 35 13.48 -28.68 -14.46
C GLU B 35 14.59 -29.59 -13.94
N VAL B 36 14.38 -30.91 -13.98
CA VAL B 36 15.34 -31.84 -13.38
C VAL B 36 15.93 -32.83 -14.37
N GLY B 37 15.27 -33.14 -15.48
CA GLY B 37 15.80 -34.05 -16.46
C GLY B 37 15.23 -35.46 -16.44
N SER B 38 14.07 -35.68 -15.81
CA SER B 38 13.43 -36.99 -15.82
C SER B 38 12.96 -37.35 -17.23
N ILE B 39 12.92 -38.66 -17.50
CA ILE B 39 12.29 -39.18 -18.71
C ILE B 39 11.47 -40.40 -18.34
N THR B 40 10.22 -40.43 -18.79
CA THR B 40 9.40 -41.63 -18.79
C THR B 40 8.63 -41.70 -20.09
N TYR B 41 7.97 -42.83 -20.30
CA TYR B 41 7.15 -43.07 -21.48
C TYR B 41 5.73 -43.37 -21.03
N ASP B 42 4.76 -42.68 -21.64
CA ASP B 42 3.35 -42.82 -21.29
C ASP B 42 2.78 -44.01 -22.07
N THR B 43 2.82 -45.18 -21.45
CA THR B 43 2.21 -46.37 -22.05
C THR B 43 0.71 -46.42 -21.82
N LEU B 44 0.19 -45.64 -20.87
CA LEU B 44 -1.25 -45.61 -20.62
C LEU B 44 -2.00 -44.94 -21.76
N SER B 45 -1.36 -44.02 -22.48
CA SER B 45 -2.01 -43.32 -23.59
C SER B 45 -2.41 -44.28 -24.71
N ALA B 46 -1.68 -45.39 -24.88
CA ALA B 46 -2.02 -46.37 -25.91
C ALA B 46 -3.32 -47.10 -25.62
N GLN B 47 -3.91 -46.89 -24.44
CA GLN B 47 -5.20 -47.43 -24.07
C GLN B 47 -6.33 -46.43 -24.26
N ALA B 48 -6.05 -45.28 -24.86
CA ALA B 48 -7.03 -44.19 -24.90
C ALA B 48 -8.17 -44.61 -25.82
N GLN B 49 -9.29 -44.94 -25.22
CA GLN B 49 -10.46 -45.41 -25.97
C GLN B 49 -11.44 -44.26 -26.21
N GLN B 50 -10.91 -43.17 -26.74
CA GLN B 50 -11.67 -42.08 -27.36
C GLN B 50 -10.74 -41.37 -28.33
N ASP B 51 -11.28 -40.41 -29.07
CA ASP B 51 -10.49 -39.66 -30.04
C ASP B 51 -10.70 -38.17 -29.86
N GLY B 52 -9.60 -37.43 -29.69
CA GLY B 52 -9.63 -36.00 -29.48
C GLY B 52 -9.53 -35.20 -30.78
N PRO B 53 -9.34 -33.89 -30.66
CA PRO B 53 -9.46 -33.01 -31.83
C PRO B 53 -8.18 -32.83 -32.64
N CYS B 54 -7.06 -33.45 -32.25
CA CYS B 54 -5.77 -33.21 -32.89
C CYS B 54 -5.51 -34.21 -34.01
N THR B 55 -4.81 -33.75 -35.05
CA THR B 55 -4.36 -34.55 -36.18
C THR B 55 -2.87 -34.35 -36.37
N PRO B 56 -2.23 -35.19 -37.21
CA PRO B 56 -0.82 -34.92 -37.55
C PRO B 56 -0.62 -33.57 -38.20
N ARG B 57 -1.66 -32.97 -38.77
CA ARG B 57 -1.50 -31.73 -39.52
C ARG B 57 -1.76 -30.49 -38.68
N ARG B 58 -2.54 -30.60 -37.60
CA ARG B 58 -2.65 -29.44 -36.74
C ARG B 58 -3.09 -29.88 -35.35
N CYS B 59 -2.60 -29.16 -34.33
CA CYS B 59 -2.94 -29.37 -32.93
C CYS B 59 -4.05 -28.41 -32.53
N LEU B 60 -5.08 -28.95 -31.90
CA LEU B 60 -6.17 -28.16 -31.34
C LEU B 60 -6.24 -28.32 -29.82
N GLY B 61 -5.09 -28.44 -29.15
CA GLY B 61 -5.08 -28.73 -27.73
C GLY B 61 -5.67 -27.64 -26.84
N SER B 62 -5.65 -26.40 -27.31
CA SER B 62 -6.14 -25.26 -26.54
C SER B 62 -7.63 -25.00 -26.69
N LEU B 63 -8.36 -25.82 -27.45
CA LEU B 63 -9.80 -25.68 -27.49
C LEU B 63 -10.38 -26.00 -26.12
N VAL B 64 -11.31 -25.16 -25.66
CA VAL B 64 -11.98 -25.41 -24.39
C VAL B 64 -12.89 -26.63 -24.47
N PHE B 65 -13.67 -26.73 -25.55
CA PHE B 65 -14.54 -27.88 -25.80
C PHE B 65 -14.02 -28.64 -27.02
N PRO B 66 -13.20 -29.69 -26.83
CA PRO B 66 -12.68 -30.52 -27.92
C PRO B 66 -13.71 -31.50 -28.49
N ALA B 79 -26.27 -50.00 -31.26
CA ALA B 79 -26.03 -49.53 -29.91
C ALA B 79 -25.66 -50.64 -28.91
N PRO B 80 -26.39 -51.78 -28.88
CA PRO B 80 -26.09 -52.78 -27.84
C PRO B 80 -24.68 -53.35 -27.90
N GLU B 81 -24.15 -53.60 -29.10
CA GLU B 81 -22.82 -54.20 -29.22
C GLU B 81 -21.76 -53.31 -28.60
N GLN B 82 -21.94 -51.99 -28.66
CA GLN B 82 -20.92 -51.07 -28.16
C GLN B 82 -21.16 -50.64 -26.72
N LEU B 83 -22.41 -50.49 -26.29
CA LEU B 83 -22.69 -50.44 -24.86
C LEU B 83 -22.09 -51.65 -24.18
N LEU B 84 -22.04 -52.77 -24.89
CA LEU B 84 -21.47 -53.98 -24.31
C LEU B 84 -19.96 -53.89 -24.21
N SER B 85 -19.29 -53.38 -25.24
CA SER B 85 -17.83 -53.38 -25.19
C SER B 85 -17.33 -52.42 -24.11
N GLN B 86 -18.03 -51.31 -23.90
CA GLN B 86 -17.63 -50.40 -22.81
C GLN B 86 -17.98 -50.99 -21.45
N ALA B 87 -19.15 -51.62 -21.34
CA ALA B 87 -19.46 -52.33 -20.11
C ALA B 87 -18.39 -53.36 -19.78
N ARG B 88 -18.02 -54.19 -20.76
CA ARG B 88 -16.98 -55.19 -20.51
C ARG B 88 -15.67 -54.55 -20.08
N ASP B 89 -15.29 -53.41 -20.67
CA ASP B 89 -14.02 -52.81 -20.29
C ASP B 89 -14.06 -52.31 -18.85
N PHE B 90 -15.19 -51.70 -18.44
CA PHE B 90 -15.27 -51.20 -17.08
C PHE B 90 -15.25 -52.33 -16.06
N ILE B 91 -16.03 -53.39 -16.31
CA ILE B 91 -15.99 -54.56 -15.43
C ILE B 91 -14.58 -55.12 -15.33
N ASN B 92 -13.86 -55.16 -16.45
CA ASN B 92 -12.48 -55.65 -16.41
C ASN B 92 -11.64 -54.78 -15.50
N GLN B 93 -11.86 -53.46 -15.56
CA GLN B 93 -11.13 -52.53 -14.68
C GLN B 93 -11.46 -52.80 -13.23
N TYR B 94 -12.76 -52.82 -12.91
CA TYR B 94 -13.20 -52.99 -11.54
C TYR B 94 -12.61 -54.24 -10.93
N TYR B 95 -12.52 -55.33 -11.70
CA TYR B 95 -12.06 -56.58 -11.11
C TYR B 95 -10.54 -56.66 -11.02
N SER B 96 -9.83 -55.88 -11.83
CA SER B 96 -8.40 -55.70 -11.63
C SER B 96 -8.10 -54.87 -10.38
N SER B 97 -8.95 -53.90 -10.07
CA SER B 97 -8.69 -53.04 -8.90
C SER B 97 -8.88 -53.77 -7.59
N ILE B 98 -9.66 -54.85 -7.57
CA ILE B 98 -9.86 -55.65 -6.37
C ILE B 98 -9.02 -56.92 -6.50
N LYS B 99 -7.92 -56.83 -7.25
CA LYS B 99 -7.02 -57.95 -7.58
C LYS B 99 -7.76 -59.27 -7.71
N ARG B 100 -8.79 -59.29 -8.58
CA ARG B 100 -9.64 -60.46 -8.78
C ARG B 100 -9.89 -60.72 -10.25
N SER B 101 -8.93 -60.34 -11.11
CA SER B 101 -9.12 -60.46 -12.55
CA SER B 101 -9.10 -60.46 -12.56
C SER B 101 -9.19 -61.91 -13.00
N GLY B 102 -10.02 -62.16 -14.01
CA GLY B 102 -10.21 -63.51 -14.53
C GLY B 102 -10.97 -64.46 -13.62
N SER B 103 -11.53 -63.96 -12.52
CA SER B 103 -12.21 -64.77 -11.52
C SER B 103 -13.50 -65.38 -12.09
N GLN B 104 -14.00 -66.40 -11.38
CA GLN B 104 -15.36 -66.82 -11.63
C GLN B 104 -16.34 -65.69 -11.31
N ALA B 105 -16.10 -64.97 -10.20
CA ALA B 105 -16.93 -63.81 -9.89
C ALA B 105 -16.82 -62.76 -10.98
N HIS B 106 -15.62 -62.59 -11.53
CA HIS B 106 -15.42 -61.74 -12.71
C HIS B 106 -16.25 -62.23 -13.89
N GLU B 107 -16.06 -63.49 -14.29
CA GLU B 107 -16.76 -63.98 -15.47
C GLU B 107 -18.26 -64.04 -15.27
N GLN B 108 -18.70 -64.36 -14.05
CA GLN B 108 -20.14 -64.31 -13.75
C GLN B 108 -20.67 -62.90 -13.98
N ARG B 109 -19.94 -61.88 -13.51
CA ARG B 109 -20.43 -60.51 -13.63
C ARG B 109 -20.49 -60.06 -15.09
N LEU B 110 -19.57 -60.55 -15.92
CA LEU B 110 -19.65 -60.24 -17.35
C LEU B 110 -20.90 -60.83 -17.97
N GLN B 111 -21.18 -62.11 -17.67
CA GLN B 111 -22.38 -62.75 -18.19
C GLN B 111 -23.64 -62.06 -17.70
N GLU B 112 -23.62 -61.58 -16.45
CA GLU B 112 -24.82 -60.93 -15.91
C GLU B 112 -25.12 -59.63 -16.66
N VAL B 113 -24.09 -58.84 -16.96
CA VAL B 113 -24.36 -57.58 -17.65
C VAL B 113 -24.74 -57.85 -19.11
N GLU B 114 -24.08 -58.83 -19.74
CA GLU B 114 -24.47 -59.21 -21.11
C GLU B 114 -25.92 -59.69 -21.15
N ALA B 115 -26.35 -60.41 -20.11
CA ALA B 115 -27.73 -60.88 -20.04
C ALA B 115 -28.71 -59.76 -19.75
N GLU B 116 -28.26 -58.70 -19.08
CA GLU B 116 -29.17 -57.63 -18.72
C GLU B 116 -29.39 -56.66 -19.88
N VAL B 117 -28.34 -56.38 -20.65
CA VAL B 117 -28.55 -55.54 -21.83
C VAL B 117 -29.37 -56.29 -22.87
N ALA B 118 -29.42 -57.62 -22.78
CA ALA B 118 -30.28 -58.38 -23.68
C ALA B 118 -31.75 -58.22 -23.31
N ALA B 119 -32.07 -58.34 -22.01
CA ALA B 119 -33.47 -58.25 -21.59
C ALA B 119 -34.00 -56.82 -21.60
N THR B 120 -33.14 -55.81 -21.34
CA THR B 120 -33.59 -54.46 -21.09
C THR B 120 -32.82 -53.38 -21.83
N GLY B 121 -31.76 -53.71 -22.55
CA GLY B 121 -31.01 -52.70 -23.27
C GLY B 121 -30.06 -51.89 -22.42
N THR B 122 -29.99 -52.18 -21.13
CA THR B 122 -29.12 -51.46 -20.22
C THR B 122 -28.75 -52.41 -19.09
N TYR B 123 -28.12 -51.87 -18.05
CA TYR B 123 -27.80 -52.67 -16.88
C TYR B 123 -27.62 -51.72 -15.71
N GLN B 124 -27.52 -52.29 -14.51
CA GLN B 124 -27.36 -51.52 -13.29
C GLN B 124 -25.98 -51.79 -12.71
N LEU B 125 -25.35 -50.74 -12.18
CA LEU B 125 -24.11 -50.92 -11.45
C LEU B 125 -24.38 -51.42 -10.03
N ARG B 126 -23.45 -52.19 -9.48
CA ARG B 126 -23.52 -52.48 -8.05
C ARG B 126 -23.02 -51.25 -7.29
N GLU B 127 -23.27 -51.21 -5.99
CA GLU B 127 -22.84 -50.07 -5.20
C GLU B 127 -21.31 -49.91 -5.24
N SER B 128 -20.57 -51.01 -5.09
CA SER B 128 -19.11 -50.89 -5.08
CA SER B 128 -19.11 -50.92 -5.08
C SER B 128 -18.57 -50.53 -6.46
N GLU B 129 -19.15 -51.07 -7.53
CA GLU B 129 -18.72 -50.68 -8.87
C GLU B 129 -18.95 -49.19 -9.11
N LEU B 130 -20.03 -48.65 -8.53
CA LEU B 130 -20.35 -47.24 -8.72
C LEU B 130 -19.35 -46.34 -7.99
N VAL B 131 -18.94 -46.75 -6.78
CA VAL B 131 -17.96 -46.01 -6.00
C VAL B 131 -16.63 -46.00 -6.72
N PHE B 132 -16.18 -47.17 -7.16
CA PHE B 132 -14.95 -47.27 -7.95
C PHE B 132 -15.01 -46.41 -9.20
N GLY B 133 -16.12 -46.46 -9.93
CA GLY B 133 -16.24 -45.76 -11.20
C GLY B 133 -16.22 -44.25 -11.06
N ALA B 134 -16.85 -43.73 -10.00
CA ALA B 134 -16.78 -42.30 -9.75
C ALA B 134 -15.35 -41.85 -9.41
N LYS B 135 -14.64 -42.65 -8.62
CA LYS B 135 -13.25 -42.31 -8.31
C LYS B 135 -12.39 -42.33 -9.56
N GLN B 136 -12.59 -43.32 -10.44
CA GLN B 136 -11.81 -43.42 -11.66
C GLN B 136 -12.04 -42.22 -12.55
N ALA B 137 -13.30 -41.79 -12.63
CA ALA B 137 -13.62 -40.60 -13.42
C ALA B 137 -12.86 -39.37 -12.92
N TRP B 138 -12.74 -39.22 -11.61
CA TRP B 138 -11.92 -38.14 -11.08
C TRP B 138 -10.46 -38.36 -11.44
N ARG B 139 -9.93 -39.52 -11.09
CA ARG B 139 -8.60 -39.93 -11.49
C ARG B 139 -8.25 -39.63 -12.95
N ASN B 140 -9.22 -39.76 -13.88
CA ASN B 140 -8.96 -39.64 -15.32
C ASN B 140 -9.17 -38.23 -15.88
N ALA B 141 -9.63 -37.28 -15.08
CA ALA B 141 -9.99 -35.96 -15.61
C ALA B 141 -8.74 -35.13 -15.93
N PRO B 142 -8.45 -34.84 -17.21
CA PRO B 142 -7.10 -34.35 -17.58
C PRO B 142 -6.79 -32.94 -17.11
N ARG B 143 -7.80 -32.10 -16.96
CA ARG B 143 -7.63 -30.73 -16.51
C ARG B 143 -7.68 -30.53 -15.00
N CYS B 144 -7.84 -31.59 -14.19
CA CYS B 144 -7.91 -31.41 -12.72
C CYS B 144 -6.54 -31.54 -12.08
N VAL B 145 -6.10 -30.48 -11.40
CA VAL B 145 -4.80 -30.47 -10.72
C VAL B 145 -4.91 -31.07 -9.33
N GLY B 146 -6.12 -31.16 -8.77
CA GLY B 146 -6.28 -31.76 -7.46
C GLY B 146 -6.44 -33.27 -7.37
N ARG B 147 -6.00 -34.01 -8.40
CA ARG B 147 -6.27 -35.45 -8.43
C ARG B 147 -5.43 -36.28 -7.45
N ILE B 148 -4.44 -35.70 -6.76
CA ILE B 148 -3.69 -36.46 -5.75
C ILE B 148 -4.66 -37.10 -4.76
N GLN B 149 -5.77 -36.43 -4.50
CA GLN B 149 -6.85 -36.77 -3.58
C GLN B 149 -7.87 -37.77 -4.17
N TRP B 150 -7.66 -38.30 -5.38
CA TRP B 150 -8.74 -39.02 -6.07
C TRP B 150 -9.25 -40.20 -5.26
N GLY B 151 -8.42 -40.77 -4.40
CA GLY B 151 -8.85 -41.90 -3.58
C GLY B 151 -9.81 -41.52 -2.46
N LYS B 152 -9.79 -40.27 -2.01
CA LYS B 152 -10.65 -39.86 -0.91
C LYS B 152 -11.83 -39.10 -1.50
N LEU B 153 -12.87 -39.85 -1.83
CA LEU B 153 -14.07 -39.29 -2.43
C LEU B 153 -15.28 -39.94 -1.77
N GLN B 154 -16.16 -39.12 -1.20
CA GLN B 154 -17.38 -39.65 -0.58
C GLN B 154 -18.46 -39.74 -1.65
N VAL B 155 -18.97 -40.95 -1.89
CA VAL B 155 -19.88 -41.22 -3.00
C VAL B 155 -21.28 -41.49 -2.44
N PHE B 156 -22.19 -40.54 -2.61
CA PHE B 156 -23.59 -40.69 -2.23
C PHE B 156 -24.42 -41.25 -3.38
N ASP B 157 -25.03 -42.42 -3.16
CA ASP B 157 -25.83 -43.12 -4.17
C ASP B 157 -27.27 -42.61 -4.10
N ALA B 158 -27.66 -41.74 -5.03
CA ALA B 158 -29.04 -41.27 -5.08
C ALA B 158 -29.75 -41.78 -6.33
N ARG B 159 -29.43 -43.01 -6.74
CA ARG B 159 -30.05 -43.63 -7.91
C ARG B 159 -31.50 -44.03 -7.68
N ASP B 160 -32.01 -43.96 -6.46
CA ASP B 160 -33.42 -44.22 -6.23
C ASP B 160 -34.23 -42.94 -6.18
N CYS B 161 -33.61 -41.78 -6.46
CA CYS B 161 -34.33 -40.51 -6.41
C CYS B 161 -35.54 -40.52 -7.34
N ARG B 162 -36.63 -39.91 -6.90
CA ARG B 162 -37.88 -39.99 -7.63
C ARG B 162 -38.46 -38.64 -8.06
N SER B 163 -38.15 -37.55 -7.35
CA SER B 163 -38.70 -36.24 -7.73
C SER B 163 -37.63 -35.17 -7.58
N ALA B 164 -37.97 -33.98 -8.11
CA ALA B 164 -37.12 -32.82 -7.90
C ALA B 164 -37.05 -32.44 -6.42
N GLN B 165 -38.10 -32.75 -5.68
CA GLN B 165 -38.12 -32.42 -4.26
C GLN B 165 -37.14 -33.27 -3.48
N GLU B 166 -37.17 -34.60 -3.70
CA GLU B 166 -36.13 -35.46 -3.14
C GLU B 166 -34.75 -35.03 -3.62
N MET B 167 -34.66 -34.63 -4.90
CA MET B 167 -33.39 -34.21 -5.48
C MET B 167 -32.79 -33.04 -4.69
N PHE B 168 -33.61 -32.04 -4.39
CA PHE B 168 -33.19 -30.96 -3.51
C PHE B 168 -32.68 -31.48 -2.17
N THR B 169 -33.37 -32.46 -1.57
CA THR B 169 -32.97 -32.98 -0.26
C THR B 169 -31.59 -33.63 -0.32
N TYR B 170 -31.33 -34.42 -1.36
CA TYR B 170 -30.01 -35.04 -1.50
C TYR B 170 -28.92 -34.00 -1.70
N ILE B 171 -29.27 -32.87 -2.30
CA ILE B 171 -28.28 -31.86 -2.64
C ILE B 171 -27.88 -31.07 -1.41
N CYS B 172 -28.89 -30.66 -0.65
CA CYS B 172 -28.67 -30.03 0.65
C CYS B 172 -27.75 -30.88 1.53
N ASN B 173 -27.99 -32.19 1.58
CA ASN B 173 -27.11 -33.02 2.41
C ASN B 173 -25.71 -33.15 1.83
N HIS B 174 -25.60 -33.18 0.50
CA HIS B 174 -24.29 -33.11 -0.15
C HIS B 174 -23.54 -31.85 0.31
N ILE B 175 -24.20 -30.69 0.18
CA ILE B 175 -23.59 -29.41 0.55
C ILE B 175 -23.21 -29.41 2.03
N LYS B 176 -24.08 -29.95 2.89
CA LYS B 176 -23.81 -29.94 4.32
C LYS B 176 -22.62 -30.85 4.66
N TYR B 177 -22.58 -32.05 4.07
CA TYR B 177 -21.45 -32.95 4.25
C TYR B 177 -20.16 -32.36 3.70
N ALA B 178 -20.20 -31.82 2.49
CA ALA B 178 -18.97 -31.40 1.81
C ALA B 178 -18.37 -30.17 2.48
N THR B 179 -19.23 -29.23 2.86
CA THR B 179 -18.78 -28.01 3.53
C THR B 179 -18.19 -28.33 4.91
N ASN B 180 -18.95 -29.03 5.75
CA ASN B 180 -18.44 -29.57 7.01
C ASN B 180 -17.89 -28.44 7.89
N ARG B 181 -18.61 -27.32 7.92
CA ARG B 181 -18.27 -26.15 8.74
C ARG B 181 -16.92 -25.52 8.36
N GLY B 182 -16.45 -25.74 7.13
CA GLY B 182 -15.23 -25.16 6.65
C GLY B 182 -14.11 -26.16 6.45
N ASN B 183 -14.20 -27.33 7.06
CA ASN B 183 -13.19 -28.37 6.86
C ASN B 183 -13.68 -29.29 5.74
N LEU B 184 -13.33 -28.96 4.50
CA LEU B 184 -14.08 -29.40 3.33
C LEU B 184 -13.77 -30.83 2.95
N ARG B 185 -14.79 -31.57 2.51
CA ARG B 185 -14.65 -32.96 2.10
C ARG B 185 -15.10 -33.15 0.66
N SER B 186 -14.36 -33.99 -0.07
CA SER B 186 -14.70 -34.34 -1.46
C SER B 186 -15.90 -35.29 -1.53
N ALA B 187 -16.92 -34.90 -2.29
CA ALA B 187 -18.10 -35.74 -2.40
C ALA B 187 -18.66 -35.67 -3.81
N ILE B 188 -19.40 -36.73 -4.17
CA ILE B 188 -20.22 -36.72 -5.38
C ILE B 188 -21.54 -37.39 -5.02
N THR B 189 -22.64 -36.84 -5.54
CA THR B 189 -23.94 -37.48 -5.44
C THR B 189 -24.38 -37.92 -6.84
N VAL B 190 -24.74 -39.21 -6.98
CA VAL B 190 -25.12 -39.79 -8.27
C VAL B 190 -26.64 -39.95 -8.30
N PHE B 191 -27.28 -39.23 -9.19
CA PHE B 191 -28.70 -39.36 -9.43
C PHE B 191 -28.96 -40.42 -10.50
N PRO B 192 -30.23 -40.79 -10.76
CA PRO B 192 -30.48 -41.94 -11.63
C PRO B 192 -29.91 -41.77 -13.02
N GLN B 193 -29.34 -42.86 -13.52
CA GLN B 193 -28.78 -42.87 -14.85
C GLN B 193 -29.85 -42.59 -15.91
N ARG B 194 -29.38 -42.12 -17.06
CA ARG B 194 -30.18 -42.05 -18.25
C ARG B 194 -30.64 -43.45 -18.66
N CYS B 195 -31.94 -43.59 -18.90
N CYS B 195 -31.94 -43.58 -18.93
CA CYS B 195 -32.56 -44.82 -19.36
CA CYS B 195 -32.53 -44.82 -19.39
C CYS B 195 -33.55 -44.50 -20.47
C CYS B 195 -33.53 -44.49 -20.49
N PRO B 196 -33.74 -45.40 -21.43
CA PRO B 196 -34.75 -45.16 -22.47
C PRO B 196 -36.14 -45.29 -21.88
N GLY B 197 -37.04 -44.44 -22.35
CA GLY B 197 -38.42 -44.45 -21.88
C GLY B 197 -38.70 -43.57 -20.67
N ARG B 198 -37.85 -42.58 -20.41
CA ARG B 198 -37.99 -41.62 -19.32
C ARG B 198 -36.95 -40.52 -19.53
N GLY B 199 -37.32 -39.30 -19.15
CA GLY B 199 -36.41 -38.16 -19.26
C GLY B 199 -35.30 -38.19 -18.22
N ASP B 200 -34.36 -37.28 -18.39
CA ASP B 200 -33.17 -37.17 -17.54
C ASP B 200 -33.43 -36.31 -16.32
N PHE B 201 -32.89 -36.74 -15.17
CA PHE B 201 -32.61 -35.79 -14.11
C PHE B 201 -31.54 -34.81 -14.58
N ARG B 202 -31.80 -33.51 -14.43
CA ARG B 202 -30.80 -32.50 -14.76
C ARG B 202 -30.81 -31.42 -13.69
N ILE B 203 -29.62 -30.96 -13.35
CA ILE B 203 -29.43 -29.70 -12.65
C ILE B 203 -29.11 -28.66 -13.71
N TRP B 204 -29.91 -27.60 -13.78
CA TRP B 204 -29.67 -26.56 -14.78
C TRP B 204 -28.50 -25.65 -14.42
N ASN B 205 -28.25 -25.45 -13.12
CA ASN B 205 -27.15 -24.60 -12.67
C ASN B 205 -25.81 -25.29 -12.96
N SER B 206 -24.82 -24.48 -13.36
CA SER B 206 -23.50 -25.05 -13.64
C SER B 206 -22.77 -25.43 -12.36
N GLN B 207 -23.02 -24.72 -11.27
CA GLN B 207 -22.52 -25.09 -9.95
C GLN B 207 -23.67 -24.99 -8.96
N LEU B 208 -23.54 -25.69 -7.83
CA LEU B 208 -24.59 -25.62 -6.82
C LEU B 208 -24.66 -24.25 -6.17
N VAL B 209 -23.52 -23.57 -6.02
CA VAL B 209 -23.48 -22.21 -5.50
C VAL B 209 -22.95 -21.32 -6.62
N ARG B 210 -23.76 -20.35 -7.04
CA ARG B 210 -23.38 -19.32 -8.00
C ARG B 210 -24.04 -18.01 -7.61
N TYR B 211 -23.38 -16.93 -7.97
CA TYR B 211 -23.93 -15.59 -7.73
C TYR B 211 -24.67 -15.11 -8.97
N ALA B 212 -25.79 -14.45 -8.75
CA ALA B 212 -26.58 -13.91 -9.84
C ALA B 212 -25.79 -12.85 -10.61
N GLY B 213 -26.20 -12.63 -11.85
CA GLY B 213 -25.69 -11.55 -12.66
C GLY B 213 -26.82 -10.80 -13.35
N TYR B 214 -27.08 -9.58 -12.91
CA TYR B 214 -28.18 -8.77 -13.43
C TYR B 214 -27.66 -7.80 -14.47
N ARG B 215 -28.19 -7.88 -15.69
CA ARG B 215 -27.82 -6.89 -16.70
C ARG B 215 -28.47 -5.55 -16.38
N GLN B 216 -27.83 -4.48 -16.82
CA GLN B 216 -28.19 -3.14 -16.39
C GLN B 216 -28.69 -2.32 -17.57
N GLN B 217 -29.00 -1.07 -17.27
CA GLN B 217 -29.32 -0.07 -18.28
C GLN B 217 -28.06 0.43 -18.98
N ASP B 218 -26.91 0.40 -18.30
CA ASP B 218 -25.62 0.71 -18.94
C ASP B 218 -25.22 -0.32 -19.98
N GLY B 219 -25.98 -1.41 -20.13
CA GLY B 219 -25.48 -2.59 -20.79
C GLY B 219 -24.49 -3.38 -19.96
N SER B 220 -24.26 -2.96 -18.71
CA SER B 220 -23.32 -3.58 -17.80
C SER B 220 -23.98 -4.71 -17.01
N VAL B 221 -23.22 -5.35 -16.12
CA VAL B 221 -23.71 -6.47 -15.34
C VAL B 221 -23.38 -6.24 -13.87
N ARG B 222 -24.39 -6.35 -13.02
CA ARG B 222 -24.21 -6.36 -11.57
C ARG B 222 -24.11 -7.81 -11.11
N GLY B 223 -23.09 -8.11 -10.30
CA GLY B 223 -22.83 -9.48 -9.94
C GLY B 223 -21.93 -10.18 -10.94
N ASP B 224 -22.10 -11.49 -11.11
CA ASP B 224 -21.20 -12.30 -11.93
C ASP B 224 -21.69 -12.32 -13.38
N PRO B 225 -20.96 -11.75 -14.33
CA PRO B 225 -21.41 -11.79 -15.75
C PRO B 225 -21.52 -13.19 -16.33
N ALA B 226 -20.75 -14.15 -15.84
CA ALA B 226 -20.81 -15.49 -16.42
C ALA B 226 -22.17 -16.17 -16.19
N ASN B 227 -23.00 -15.63 -15.29
CA ASN B 227 -24.22 -16.27 -14.85
C ASN B 227 -25.45 -15.45 -15.22
N VAL B 228 -25.32 -14.65 -16.27
CA VAL B 228 -26.45 -13.84 -16.73
C VAL B 228 -27.57 -14.73 -17.25
N GLU B 229 -27.22 -15.81 -17.95
CA GLU B 229 -28.21 -16.66 -18.60
C GLU B 229 -29.05 -17.39 -17.57
N ILE B 230 -28.39 -18.09 -16.66
CA ILE B 230 -29.09 -18.81 -15.59
C ILE B 230 -29.89 -17.85 -14.71
N THR B 231 -29.40 -16.61 -14.54
CA THR B 231 -30.13 -15.64 -13.73
C THR B 231 -31.45 -15.23 -14.39
N GLU B 232 -31.45 -15.08 -15.72
CA GLU B 232 -32.69 -14.83 -16.46
C GLU B 232 -33.63 -16.03 -16.37
N LEU B 233 -33.08 -17.23 -16.57
CA LEU B 233 -33.87 -18.45 -16.46
C LEU B 233 -34.57 -18.52 -15.10
N CYS B 234 -33.84 -18.31 -14.02
CA CYS B 234 -34.47 -18.37 -12.71
C CYS B 234 -35.63 -17.39 -12.60
N ILE B 235 -35.45 -16.17 -13.12
CA ILE B 235 -36.47 -15.13 -12.96
C ILE B 235 -37.70 -15.45 -13.80
N GLN B 236 -37.50 -15.98 -15.00
CA GLN B 236 -38.62 -16.38 -15.85
C GLN B 236 -39.25 -17.70 -15.39
N HIS B 237 -38.68 -18.37 -14.38
CA HIS B 237 -39.32 -19.48 -13.71
C HIS B 237 -39.77 -19.09 -12.31
N GLY B 238 -39.97 -17.79 -12.07
CA GLY B 238 -40.66 -17.32 -10.88
C GLY B 238 -39.79 -17.07 -9.66
N TRP B 239 -38.60 -16.52 -9.86
CA TRP B 239 -37.72 -16.13 -8.76
C TRP B 239 -37.72 -14.61 -8.64
N THR B 240 -37.85 -14.12 -7.41
CA THR B 240 -37.72 -12.69 -7.10
C THR B 240 -36.25 -12.31 -7.01
N PRO B 241 -35.74 -11.50 -7.95
CA PRO B 241 -34.33 -11.17 -7.94
C PRO B 241 -33.95 -10.26 -6.79
N GLY B 242 -32.65 -10.18 -6.56
CA GLY B 242 -32.06 -9.18 -5.69
C GLY B 242 -31.44 -8.07 -6.50
N ASN B 243 -30.52 -7.35 -5.87
CA ASN B 243 -29.79 -6.33 -6.61
C ASN B 243 -28.34 -6.20 -6.12
N GLY B 244 -27.85 -7.14 -5.32
CA GLY B 244 -26.47 -7.14 -4.90
C GLY B 244 -25.54 -7.75 -5.93
N ARG B 245 -24.25 -7.69 -5.63
CA ARG B 245 -23.23 -8.29 -6.50
C ARG B 245 -22.89 -9.71 -6.12
N PHE B 246 -23.46 -10.22 -5.02
CA PHE B 246 -23.15 -11.55 -4.54
C PHE B 246 -24.44 -12.24 -4.10
N ASP B 247 -25.47 -12.17 -4.93
CA ASP B 247 -26.73 -12.84 -4.64
C ASP B 247 -26.64 -14.31 -5.04
N VAL B 248 -26.75 -15.21 -4.06
CA VAL B 248 -26.72 -16.64 -4.35
C VAL B 248 -27.98 -17.06 -5.10
N LEU B 249 -27.80 -17.79 -6.18
CA LEU B 249 -28.88 -18.11 -7.12
C LEU B 249 -29.66 -19.33 -6.65
N PRO B 250 -30.97 -19.36 -6.88
CA PRO B 250 -31.73 -20.58 -6.56
C PRO B 250 -31.31 -21.72 -7.48
N LEU B 251 -31.66 -22.95 -7.09
CA LEU B 251 -31.45 -24.12 -7.94
C LEU B 251 -32.67 -24.39 -8.84
N LEU B 252 -32.39 -24.62 -10.12
CA LEU B 252 -33.35 -25.08 -11.11
C LEU B 252 -33.11 -26.57 -11.32
N LEU B 253 -34.07 -27.40 -10.92
CA LEU B 253 -33.87 -28.85 -10.80
C LEU B 253 -34.94 -29.56 -11.61
N GLN B 254 -34.51 -30.33 -12.60
CA GLN B 254 -35.39 -30.98 -13.55
C GLN B 254 -35.44 -32.47 -13.25
N ALA B 255 -36.66 -32.94 -12.92
CA ALA B 255 -37.00 -34.35 -12.85
C ALA B 255 -37.35 -34.87 -14.26
N PRO B 256 -37.38 -36.20 -14.45
CA PRO B 256 -37.74 -36.74 -15.76
C PRO B 256 -39.09 -36.25 -16.26
N ASP B 257 -39.06 -35.68 -17.47
CA ASP B 257 -40.25 -35.24 -18.20
C ASP B 257 -41.07 -34.20 -17.43
N GLU B 258 -40.40 -33.37 -16.64
CA GLU B 258 -41.03 -32.30 -15.91
C GLU B 258 -40.35 -30.99 -16.25
N PRO B 259 -41.06 -29.87 -16.16
CA PRO B 259 -40.40 -28.56 -16.16
C PRO B 259 -39.42 -28.47 -15.00
N PRO B 260 -38.44 -27.57 -15.08
CA PRO B 260 -37.53 -27.38 -13.96
C PRO B 260 -38.24 -26.74 -12.80
N GLU B 261 -37.90 -27.19 -11.60
CA GLU B 261 -38.53 -26.71 -10.37
C GLU B 261 -37.49 -25.86 -9.64
N LEU B 262 -37.91 -24.69 -9.21
CA LEU B 262 -37.06 -23.73 -8.55
C LEU B 262 -36.97 -24.04 -7.05
N PHE B 263 -35.75 -24.03 -6.52
CA PHE B 263 -35.49 -24.32 -5.10
C PHE B 263 -34.48 -23.34 -4.54
N LEU B 264 -34.81 -22.69 -3.43
CA LEU B 264 -33.93 -21.73 -2.79
C LEU B 264 -33.14 -22.41 -1.67
N LEU B 265 -31.82 -22.22 -1.68
CA LEU B 265 -30.93 -22.83 -0.68
C LEU B 265 -31.05 -22.10 0.65
N PRO B 266 -31.24 -22.82 1.76
CA PRO B 266 -31.14 -22.18 3.08
C PRO B 266 -29.89 -21.35 3.18
N PRO B 267 -30.03 -20.07 3.54
CA PRO B 267 -28.83 -19.21 3.71
C PRO B 267 -27.76 -19.84 4.58
N GLU B 268 -28.14 -20.50 5.67
CA GLU B 268 -27.19 -21.14 6.56
C GLU B 268 -26.55 -22.39 5.97
N LEU B 269 -26.97 -22.84 4.79
CA LEU B 269 -26.30 -23.95 4.15
C LEU B 269 -25.12 -23.50 3.29
N VAL B 270 -25.12 -22.25 2.84
CA VAL B 270 -24.11 -21.74 1.91
C VAL B 270 -23.08 -20.94 2.71
N LEU B 271 -21.96 -21.57 3.06
CA LEU B 271 -20.87 -20.90 3.79
C LEU B 271 -20.14 -19.91 2.88
N GLU B 272 -19.91 -18.69 3.38
CA GLU B 272 -19.29 -17.64 2.59
C GLU B 272 -18.10 -17.03 3.31
N VAL B 273 -17.14 -16.53 2.53
CA VAL B 273 -15.92 -15.94 3.08
C VAL B 273 -15.81 -14.48 2.65
N PRO B 274 -16.05 -13.53 3.54
CA PRO B 274 -15.76 -12.13 3.20
C PRO B 274 -14.27 -11.97 2.98
N LEU B 275 -13.91 -11.19 1.96
CA LEU B 275 -12.51 -11.10 1.55
C LEU B 275 -11.86 -9.86 2.16
N GLU B 276 -10.77 -10.08 2.88
CA GLU B 276 -9.99 -8.97 3.42
C GLU B 276 -8.52 -9.23 3.14
N HIS B 277 -7.72 -8.16 3.20
CA HIS B 277 -6.28 -8.29 2.98
C HIS B 277 -5.51 -8.14 4.31
N PRO B 278 -4.46 -8.95 4.54
CA PRO B 278 -3.78 -8.89 5.83
C PRO B 278 -3.08 -7.56 6.15
N THR B 279 -2.72 -6.78 5.17
CA THR B 279 -2.20 -5.45 5.43
C THR B 279 -3.02 -4.35 4.78
N LEU B 280 -3.60 -4.56 3.58
CA LEU B 280 -4.30 -3.48 2.88
C LEU B 280 -5.72 -3.37 3.43
N GLU B 281 -5.92 -2.42 4.34
CA GLU B 281 -7.18 -2.39 5.09
C GLU B 281 -8.34 -1.86 4.27
N TRP B 282 -8.07 -0.96 3.31
CA TRP B 282 -9.15 -0.53 2.42
C TRP B 282 -9.74 -1.70 1.64
N PHE B 283 -9.00 -2.82 1.51
CA PHE B 283 -9.51 -3.95 0.74
C PHE B 283 -10.85 -4.41 1.27
N ALA B 284 -10.99 -4.54 2.58
CA ALA B 284 -12.27 -5.01 3.14
C ALA B 284 -13.43 -4.15 2.66
N ALA B 285 -13.20 -2.87 2.38
CA ALA B 285 -14.28 -1.97 1.95
C ALA B 285 -14.66 -2.14 0.49
N LEU B 286 -14.07 -3.11 -0.23
CA LEU B 286 -14.60 -3.44 -1.55
C LEU B 286 -15.84 -4.35 -1.46
N GLY B 287 -16.18 -4.85 -0.29
CA GLY B 287 -17.35 -5.70 -0.15
C GLY B 287 -17.30 -6.98 -0.93
N LEU B 288 -16.11 -7.54 -1.15
CA LEU B 288 -16.00 -8.78 -1.90
C LEU B 288 -16.19 -9.98 -1.00
N ARG B 289 -16.74 -11.05 -1.57
CA ARG B 289 -17.00 -12.31 -0.91
C ARG B 289 -16.76 -13.43 -1.90
N TRP B 290 -16.57 -14.63 -1.40
CA TRP B 290 -16.73 -15.80 -2.24
C TRP B 290 -17.23 -16.95 -1.40
N TYR B 291 -17.76 -17.98 -2.05
CA TYR B 291 -18.35 -19.09 -1.32
C TYR B 291 -17.32 -20.19 -1.04
N ALA B 292 -17.62 -21.04 -0.04
CA ALA B 292 -16.62 -22.03 0.36
C ALA B 292 -16.49 -23.21 -0.61
N LEU B 293 -17.59 -23.61 -1.24
CA LEU B 293 -17.67 -24.94 -1.82
C LEU B 293 -17.79 -24.87 -3.33
N PRO B 294 -16.77 -25.34 -4.11
CA PRO B 294 -16.93 -25.39 -5.58
C PRO B 294 -17.62 -26.69 -5.96
N ALA B 295 -18.88 -26.62 -6.40
CA ALA B 295 -19.68 -27.85 -6.60
C ALA B 295 -20.20 -27.83 -8.03
N VAL B 296 -19.47 -28.49 -8.93
CA VAL B 296 -19.84 -28.49 -10.33
C VAL B 296 -21.01 -29.46 -10.52
N SER B 297 -22.05 -28.99 -11.23
CA SER B 297 -23.33 -29.67 -11.28
C SER B 297 -23.90 -29.85 -12.69
N ASN B 298 -23.13 -29.56 -13.75
CA ASN B 298 -23.66 -29.68 -15.12
C ASN B 298 -22.88 -30.65 -15.99
N MET B 299 -21.98 -31.44 -15.41
CA MET B 299 -21.26 -32.40 -16.23
C MET B 299 -21.90 -33.77 -16.16
N LEU B 300 -21.57 -34.55 -17.17
CA LEU B 300 -22.07 -35.91 -17.31
C LEU B 300 -20.99 -36.84 -16.78
N LEU B 301 -21.41 -37.79 -15.95
CA LEU B 301 -20.55 -38.87 -15.51
C LEU B 301 -20.86 -40.12 -16.31
N GLU B 302 -19.84 -40.69 -16.91
CA GLU B 302 -19.95 -41.88 -17.76
C GLU B 302 -19.18 -43.02 -17.12
N ILE B 303 -19.85 -44.16 -16.94
CA ILE B 303 -19.24 -45.31 -16.31
C ILE B 303 -19.71 -46.55 -17.06
N GLY B 304 -18.76 -47.32 -17.59
CA GLY B 304 -19.00 -48.53 -18.38
C GLY B 304 -20.13 -48.44 -19.37
N GLY B 305 -20.23 -47.32 -20.08
CA GLY B 305 -21.31 -47.10 -21.02
C GLY B 305 -22.56 -46.43 -20.47
N LEU B 306 -22.82 -46.55 -19.16
CA LEU B 306 -23.96 -45.87 -18.57
C LEU B 306 -23.67 -44.38 -18.41
N GLU B 307 -24.72 -43.57 -18.46
CA GLU B 307 -24.60 -42.12 -18.42
C GLU B 307 -25.39 -41.56 -17.26
N PHE B 308 -24.77 -40.65 -16.51
CA PHE B 308 -25.39 -40.04 -15.36
C PHE B 308 -25.35 -38.53 -15.60
N PRO B 309 -26.38 -37.95 -16.23
CA PRO B 309 -26.32 -36.52 -16.56
C PRO B 309 -26.51 -35.62 -15.35
N ALA B 310 -26.83 -36.20 -14.20
CA ALA B 310 -26.93 -35.43 -12.95
C ALA B 310 -26.13 -36.20 -11.89
N ALA B 311 -24.90 -35.72 -11.61
CA ALA B 311 -23.98 -36.30 -10.66
C ALA B 311 -23.05 -35.20 -10.12
N PRO B 312 -23.57 -34.27 -9.33
CA PRO B 312 -22.76 -33.11 -8.93
C PRO B 312 -21.66 -33.50 -7.95
N PHE B 313 -20.48 -32.90 -8.13
CA PHE B 313 -19.30 -33.20 -7.33
C PHE B 313 -18.64 -31.92 -6.83
N SER B 314 -17.84 -32.07 -5.79
CA SER B 314 -17.34 -30.90 -5.10
C SER B 314 -16.04 -31.28 -4.38
N GLY B 315 -15.10 -30.33 -4.35
CA GLY B 315 -13.84 -30.50 -3.67
C GLY B 315 -13.53 -29.27 -2.84
N TRP B 316 -12.34 -28.67 -2.95
CA TRP B 316 -12.14 -27.36 -2.40
C TRP B 316 -11.37 -26.51 -3.39
N TYR B 317 -11.43 -25.20 -3.19
CA TYR B 317 -10.87 -24.24 -4.15
C TYR B 317 -9.34 -24.22 -4.11
N MET B 318 -8.77 -23.98 -5.28
CA MET B 318 -7.41 -23.47 -5.39
C MET B 318 -7.54 -21.95 -5.48
N SER B 319 -6.70 -21.21 -4.72
CA SER B 319 -6.98 -19.78 -4.55
C SER B 319 -6.90 -18.99 -5.87
N THR B 320 -6.15 -19.47 -6.85
CA THR B 320 -6.12 -18.75 -8.14
C THR B 320 -7.45 -18.78 -8.86
N GLU B 321 -8.26 -19.84 -8.70
CA GLU B 321 -9.56 -19.83 -9.35
C GLU B 321 -10.35 -18.61 -8.91
N ILE B 322 -10.29 -18.28 -7.62
CA ILE B 322 -11.02 -17.15 -7.09
C ILE B 322 -10.32 -15.85 -7.45
N GLY B 323 -9.04 -15.73 -7.08
CA GLY B 323 -8.37 -14.44 -7.19
C GLY B 323 -8.06 -14.06 -8.62
N THR B 324 -7.39 -14.93 -9.34
CA THR B 324 -7.04 -14.62 -10.72
C THR B 324 -8.25 -14.68 -11.64
N ARG B 325 -8.95 -15.82 -11.67
CA ARG B 325 -10.00 -15.95 -12.67
C ARG B 325 -11.29 -15.24 -12.26
N ASN B 326 -11.93 -15.68 -11.16
CA ASN B 326 -13.28 -15.16 -10.92
C ASN B 326 -13.26 -13.66 -10.61
N LEU B 327 -12.20 -13.17 -10.01
CA LEU B 327 -12.19 -11.76 -9.62
C LEU B 327 -11.49 -10.87 -10.63
N CYS B 328 -10.45 -11.36 -11.32
CA CYS B 328 -9.68 -10.48 -12.21
C CYS B 328 -9.98 -10.61 -13.70
N ASP B 329 -10.55 -11.72 -14.17
CA ASP B 329 -10.92 -11.81 -15.58
C ASP B 329 -11.69 -10.56 -16.00
N PRO B 330 -11.34 -9.94 -17.12
CA PRO B 330 -12.11 -8.75 -17.58
C PRO B 330 -13.59 -9.01 -17.77
N HIS B 331 -13.96 -10.23 -18.18
CA HIS B 331 -15.35 -10.58 -18.41
C HIS B 331 -16.00 -11.20 -17.17
N ARG B 332 -15.31 -11.23 -16.04
CA ARG B 332 -15.89 -11.66 -14.76
C ARG B 332 -16.03 -10.44 -13.86
N TYR B 333 -15.63 -10.48 -12.58
CA TYR B 333 -15.87 -9.32 -11.72
C TYR B 333 -14.93 -8.16 -12.05
N ASN B 334 -13.74 -8.44 -12.59
CA ASN B 334 -12.91 -7.41 -13.25
C ASN B 334 -12.49 -6.29 -12.30
N ILE B 335 -11.99 -6.67 -11.12
CA ILE B 335 -11.67 -5.70 -10.08
C ILE B 335 -10.23 -5.21 -10.16
N LEU B 336 -9.47 -5.68 -11.16
CA LEU B 336 -8.03 -5.52 -11.13
C LEU B 336 -7.61 -4.06 -11.22
N GLU B 337 -8.16 -3.32 -12.20
CA GLU B 337 -7.80 -1.91 -12.31
C GLU B 337 -8.18 -1.17 -11.03
N ASP B 338 -9.33 -1.51 -10.44
CA ASP B 338 -9.77 -0.81 -9.23
C ASP B 338 -8.85 -1.15 -8.05
N VAL B 339 -8.37 -2.38 -7.98
CA VAL B 339 -7.39 -2.73 -6.96
C VAL B 339 -6.09 -1.95 -7.18
N ALA B 340 -5.57 -1.93 -8.41
CA ALA B 340 -4.27 -1.30 -8.67
C ALA B 340 -4.31 0.20 -8.40
N VAL B 341 -5.41 0.85 -8.78
CA VAL B 341 -5.57 2.28 -8.53
C VAL B 341 -5.48 2.56 -7.03
N CYS B 342 -6.14 1.74 -6.22
CA CYS B 342 -6.09 1.92 -4.77
C CYS B 342 -4.71 1.62 -4.20
N MET B 343 -3.93 0.76 -4.86
CA MET B 343 -2.58 0.47 -4.40
C MET B 343 -1.60 1.59 -4.73
N ASP B 344 -2.08 2.65 -5.39
CA ASP B 344 -1.26 3.78 -5.84
C ASP B 344 -0.25 3.36 -6.90
N LEU B 345 -0.55 2.30 -7.64
CA LEU B 345 0.27 1.87 -8.76
C LEU B 345 0.04 2.75 -9.99
N ASP B 346 1.01 2.70 -10.92
CA ASP B 346 0.97 3.50 -12.14
C ASP B 346 0.18 2.76 -13.22
N THR B 347 -1.11 3.10 -13.33
CA THR B 347 -2.00 2.48 -14.31
C THR B 347 -1.71 2.94 -15.74
N ARG B 348 -1.05 4.08 -15.93
CA ARG B 348 -0.98 4.62 -17.28
C ARG B 348 -0.08 3.79 -18.19
N THR B 349 0.75 2.92 -17.65
CA THR B 349 1.69 2.17 -18.48
C THR B 349 1.79 0.72 -18.02
N THR B 350 1.96 -0.19 -18.98
CA THR B 350 2.00 -1.62 -18.67
C THR B 350 3.32 -2.02 -18.02
N SER B 351 4.42 -1.36 -18.39
CA SER B 351 5.75 -1.73 -17.91
C SER B 351 5.94 -1.51 -16.40
N SER B 352 5.07 -0.77 -15.72
CA SER B 352 5.09 -0.80 -14.25
C SER B 352 4.66 -2.15 -13.68
N LEU B 353 4.09 -3.02 -14.50
CA LEU B 353 3.58 -4.33 -14.08
C LEU B 353 2.50 -4.20 -13.00
N TRP B 354 1.74 -3.11 -13.07
CA TRP B 354 0.64 -2.88 -12.13
C TRP B 354 -0.38 -4.02 -12.13
N LYS B 355 -0.58 -4.67 -13.28
CA LYS B 355 -1.54 -5.78 -13.32
C LYS B 355 -1.03 -6.95 -12.51
N ASP B 356 0.24 -7.32 -12.74
CA ASP B 356 0.86 -8.40 -11.99
C ASP B 356 0.83 -8.14 -10.48
N LYS B 357 1.19 -6.91 -10.05
CA LYS B 357 1.26 -6.63 -8.62
C LYS B 357 -0.13 -6.66 -7.98
N ALA B 358 -1.11 -6.01 -8.62
CA ALA B 358 -2.47 -6.03 -8.08
C ALA B 358 -2.99 -7.47 -8.00
N ALA B 359 -2.78 -8.25 -9.05
CA ALA B 359 -3.23 -9.64 -9.07
C ALA B 359 -2.61 -10.46 -7.94
N VAL B 360 -1.33 -10.23 -7.65
CA VAL B 360 -0.72 -11.04 -6.59
C VAL B 360 -1.32 -10.67 -5.23
N GLU B 361 -1.69 -9.40 -5.02
CA GLU B 361 -2.26 -9.05 -3.75
C GLU B 361 -3.70 -9.53 -3.62
N ILE B 362 -4.45 -9.59 -4.72
CA ILE B 362 -5.80 -10.18 -4.67
C ILE B 362 -5.71 -11.65 -4.26
N ASN B 363 -4.77 -12.41 -4.83
CA ASN B 363 -4.60 -13.78 -4.39
C ASN B 363 -4.15 -13.90 -2.93
N VAL B 364 -3.34 -12.94 -2.44
CA VAL B 364 -2.96 -12.95 -1.02
C VAL B 364 -4.20 -12.76 -0.15
N ALA B 365 -5.06 -11.82 -0.54
CA ALA B 365 -6.31 -11.58 0.17
C ALA B 365 -7.19 -12.81 0.21
N VAL B 366 -7.28 -13.53 -0.91
CA VAL B 366 -8.11 -14.73 -0.94
C VAL B 366 -7.59 -15.77 0.08
N LEU B 367 -6.29 -16.05 0.01
CA LEU B 367 -5.71 -17.09 0.87
C LEU B 367 -5.84 -16.72 2.34
N HIS B 368 -5.61 -15.45 2.66
CA HIS B 368 -5.69 -14.98 4.04
C HIS B 368 -7.13 -15.01 4.52
N SER B 369 -8.06 -14.60 3.67
CA SER B 369 -9.46 -14.59 4.07
C SER B 369 -9.97 -16.01 4.34
N TYR B 370 -9.62 -16.95 3.48
CA TYR B 370 -10.06 -18.31 3.70
C TYR B 370 -9.38 -18.93 4.92
N GLN B 371 -8.12 -18.59 5.18
CA GLN B 371 -7.49 -19.14 6.38
C GLN B 371 -8.05 -18.52 7.65
N LEU B 372 -8.37 -17.23 7.61
CA LEU B 372 -9.00 -16.56 8.76
C LEU B 372 -10.31 -17.25 9.14
N ALA B 373 -11.12 -17.58 8.13
CA ALA B 373 -12.44 -18.17 8.31
C ALA B 373 -12.38 -19.67 8.56
N LYS B 374 -11.17 -20.25 8.53
CA LYS B 374 -10.95 -21.69 8.70
C LYS B 374 -11.71 -22.52 7.66
N VAL B 375 -11.69 -22.05 6.41
CA VAL B 375 -12.26 -22.76 5.27
C VAL B 375 -11.13 -23.33 4.44
N THR B 376 -11.18 -24.62 4.13
CA THR B 376 -10.13 -25.25 3.36
C THR B 376 -9.84 -24.48 2.07
N ILE B 377 -8.55 -24.39 1.74
CA ILE B 377 -8.09 -23.67 0.55
C ILE B 377 -6.66 -24.12 0.27
N VAL B 378 -6.29 -24.15 -1.01
CA VAL B 378 -4.95 -24.54 -1.40
C VAL B 378 -4.42 -23.53 -2.39
N ASP B 379 -3.15 -23.16 -2.21
CA ASP B 379 -2.49 -22.23 -3.10
C ASP B 379 -1.85 -23.01 -4.25
N HIS B 380 -1.57 -22.30 -5.34
CA HIS B 380 -1.14 -22.97 -6.55
C HIS B 380 0.24 -23.62 -6.44
N HIS B 381 1.09 -23.15 -5.52
CA HIS B 381 2.36 -23.84 -5.26
C HIS B 381 2.13 -25.18 -4.56
N ALA B 382 1.32 -25.19 -3.50
CA ALA B 382 1.04 -26.47 -2.86
C ALA B 382 0.33 -27.40 -3.84
N ALA B 383 -0.66 -26.88 -4.56
CA ALA B 383 -1.41 -27.71 -5.48
C ALA B 383 -0.51 -28.35 -6.52
N THR B 384 0.35 -27.56 -7.20
CA THR B 384 1.15 -28.14 -8.27
C THR B 384 2.21 -29.09 -7.72
N ALA B 385 2.72 -28.83 -6.52
CA ALA B 385 3.68 -29.76 -5.93
C ALA B 385 3.03 -31.13 -5.70
N SER B 386 1.80 -31.12 -5.21
CA SER B 386 1.15 -32.40 -4.98
C SER B 386 0.73 -33.05 -6.30
N PHE B 387 0.41 -32.24 -7.31
CA PHE B 387 0.13 -32.83 -8.60
C PHE B 387 1.34 -33.56 -9.15
N MET B 388 2.54 -33.05 -8.88
CA MET B 388 3.75 -33.75 -9.33
C MET B 388 3.89 -35.10 -8.63
N LYS B 389 3.60 -35.14 -7.33
CA LYS B 389 3.55 -36.41 -6.63
C LYS B 389 2.52 -37.34 -7.28
N HIS B 390 1.36 -36.79 -7.66
CA HIS B 390 0.35 -37.59 -8.35
C HIS B 390 0.91 -38.20 -9.62
N LEU B 391 1.58 -37.37 -10.45
CA LEU B 391 2.19 -37.87 -11.68
C LEU B 391 3.15 -39.02 -11.40
N GLU B 392 3.96 -38.88 -10.36
CA GLU B 392 4.88 -39.96 -9.99
C GLU B 392 4.10 -41.20 -9.53
N ASN B 393 3.11 -41.02 -8.65
CA ASN B 393 2.28 -42.14 -8.24
C ASN B 393 1.64 -42.80 -9.45
N GLU B 394 1.13 -41.99 -10.38
CA GLU B 394 0.36 -42.53 -11.50
C GLU B 394 1.25 -43.30 -12.46
N GLN B 395 2.48 -42.84 -12.67
CA GLN B 395 3.38 -43.53 -13.59
C GLN B 395 3.72 -44.93 -13.08
N LYS B 396 3.89 -45.07 -11.76
CA LYS B 396 4.19 -46.39 -11.19
C LYS B 396 3.01 -47.33 -11.32
N ALA B 397 1.79 -46.83 -11.21
CA ALA B 397 0.57 -47.63 -11.11
C ALA B 397 -0.03 -48.00 -12.46
N ARG B 398 -0.12 -47.04 -13.37
CA ARG B 398 -0.78 -47.29 -14.65
C ARG B 398 0.12 -47.03 -15.85
N GLY B 399 1.38 -46.66 -15.64
CA GLY B 399 2.26 -46.31 -16.75
C GLY B 399 1.91 -44.99 -17.39
N GLY B 400 1.52 -43.99 -16.60
CA GLY B 400 1.18 -42.70 -17.18
C GLY B 400 -0.02 -42.04 -16.54
N CYS B 401 -0.34 -40.85 -17.04
CA CYS B 401 -1.39 -40.04 -16.49
C CYS B 401 -1.85 -39.03 -17.54
N PRO B 402 -3.14 -38.97 -17.86
CA PRO B 402 -3.63 -37.92 -18.78
C PRO B 402 -3.63 -36.57 -18.09
N ALA B 403 -2.92 -35.61 -18.68
CA ALA B 403 -2.84 -34.27 -18.12
C ALA B 403 -2.87 -33.24 -19.23
N ASP B 404 -3.65 -32.19 -19.04
CA ASP B 404 -3.80 -31.10 -20.00
C ASP B 404 -2.97 -29.91 -19.51
N TRP B 405 -1.78 -29.75 -20.12
CA TRP B 405 -0.77 -28.80 -19.63
C TRP B 405 -1.33 -27.39 -19.47
N ALA B 406 -2.06 -26.90 -20.48
CA ALA B 406 -2.59 -25.55 -20.46
C ALA B 406 -3.56 -25.29 -19.32
N TRP B 407 -4.17 -26.33 -18.74
CA TRP B 407 -5.08 -26.21 -17.61
C TRP B 407 -4.45 -26.57 -16.26
N ILE B 408 -3.45 -27.44 -16.26
CA ILE B 408 -2.72 -27.79 -15.05
C ILE B 408 -1.83 -26.63 -14.58
N VAL B 409 -1.24 -25.89 -15.53
CA VAL B 409 -0.39 -24.75 -15.19
C VAL B 409 -1.26 -23.60 -14.69
N PRO B 410 -0.98 -23.05 -13.51
CA PRO B 410 -1.85 -22.04 -12.94
C PRO B 410 -1.83 -20.75 -13.80
N PRO B 411 -2.93 -19.99 -13.74
CA PRO B 411 -3.04 -18.79 -14.60
C PRO B 411 -2.19 -17.59 -14.14
N ILE B 412 -1.52 -17.67 -13.00
CA ILE B 412 -0.42 -16.77 -12.68
C ILE B 412 0.77 -17.63 -12.28
N SER B 413 1.97 -17.07 -12.48
CA SER B 413 3.21 -17.61 -11.92
C SER B 413 3.54 -18.99 -12.44
N GLY B 414 3.03 -19.33 -13.63
CA GLY B 414 3.21 -20.64 -14.22
C GLY B 414 4.60 -21.23 -14.10
N SER B 415 5.63 -20.54 -14.60
CA SER B 415 6.95 -21.14 -14.56
C SER B 415 7.58 -21.12 -13.17
N LEU B 416 6.96 -20.43 -12.21
CA LEU B 416 7.38 -20.62 -10.84
C LEU B 416 6.88 -21.95 -10.27
N THR B 417 6.08 -22.72 -11.00
CA THR B 417 5.57 -23.98 -10.44
C THR B 417 6.22 -25.16 -11.15
N PRO B 418 6.29 -26.33 -10.49
CA PRO B 418 6.98 -27.46 -11.13
C PRO B 418 6.24 -28.00 -12.34
N VAL B 419 4.92 -27.82 -12.43
CA VAL B 419 4.19 -28.39 -13.56
C VAL B 419 4.52 -27.69 -14.87
N PHE B 420 5.03 -26.45 -14.80
CA PHE B 420 5.36 -25.73 -16.02
C PHE B 420 6.40 -26.49 -16.84
N HIS B 421 7.40 -27.08 -16.17
CA HIS B 421 8.54 -27.71 -16.83
C HIS B 421 8.30 -29.18 -17.13
N GLN B 422 7.12 -29.69 -16.86
CA GLN B 422 6.80 -31.10 -17.07
C GLN B 422 6.02 -31.24 -18.37
N GLU B 423 6.59 -31.96 -19.33
CA GLU B 423 5.80 -32.35 -20.49
C GLU B 423 4.66 -33.25 -20.05
N MET B 424 3.54 -33.16 -20.75
CA MET B 424 2.37 -33.97 -20.45
C MET B 424 1.71 -34.45 -21.74
N VAL B 425 1.01 -35.59 -21.64
CA VAL B 425 0.25 -36.20 -22.73
C VAL B 425 -1.23 -36.12 -22.38
N ASN B 426 -2.01 -35.45 -23.24
CA ASN B 426 -3.45 -35.35 -23.06
C ASN B 426 -4.20 -36.41 -23.85
N TYR B 427 -5.02 -37.22 -23.17
CA TYR B 427 -5.93 -38.16 -23.83
C TYR B 427 -7.11 -38.46 -22.90
N PHE B 428 -8.10 -39.19 -23.45
CA PHE B 428 -9.38 -39.47 -22.80
C PHE B 428 -9.49 -40.96 -22.46
N LEU B 429 -9.39 -41.27 -21.16
CA LEU B 429 -9.73 -42.57 -20.58
C LEU B 429 -11.15 -42.54 -20.00
N SER B 430 -11.73 -43.74 -19.90
CA SER B 430 -13.06 -43.95 -19.35
C SER B 430 -13.00 -44.90 -18.16
N PRO B 431 -13.77 -44.67 -17.10
CA PRO B 431 -14.81 -43.68 -16.78
C PRO B 431 -14.28 -42.25 -16.74
N ALA B 432 -15.22 -41.31 -16.76
CA ALA B 432 -14.85 -39.96 -17.19
C ALA B 432 -16.03 -39.03 -16.96
N PHE B 433 -15.71 -37.78 -16.63
CA PHE B 433 -16.68 -36.69 -16.65
C PHE B 433 -16.61 -36.03 -18.02
N ARG B 434 -17.77 -35.71 -18.59
CA ARG B 434 -17.83 -35.12 -19.92
C ARG B 434 -18.74 -33.89 -19.88
N TYR B 435 -18.50 -32.95 -20.80
CA TYR B 435 -19.43 -31.86 -20.91
C TYR B 435 -20.67 -32.32 -21.67
N GLN B 436 -21.76 -31.60 -21.46
CA GLN B 436 -23.02 -31.93 -22.11
C GLN B 436 -23.74 -30.63 -22.39
N PRO B 437 -24.63 -30.60 -23.39
CA PRO B 437 -25.31 -29.35 -23.72
C PRO B 437 -26.24 -28.91 -22.61
N ASP B 438 -26.48 -27.61 -22.55
CA ASP B 438 -27.44 -27.04 -21.62
C ASP B 438 -28.84 -27.56 -21.95
N PRO B 439 -29.65 -27.88 -20.94
CA PRO B 439 -30.97 -28.45 -21.23
C PRO B 439 -31.93 -27.48 -21.89
N TRP B 440 -31.62 -26.18 -21.96
CA TRP B 440 -32.56 -25.24 -22.56
C TRP B 440 -32.19 -24.87 -24.01
N PHE C 28 1.78 37.72 40.33
CA PHE C 28 0.55 37.10 39.82
C PHE C 28 0.43 37.24 38.28
N PRO C 29 0.60 36.11 37.58
CA PRO C 29 0.57 36.15 36.10
C PRO C 29 -0.73 36.74 35.55
N ARG C 30 -0.57 37.57 34.52
CA ARG C 30 -1.67 38.18 33.80
C ARG C 30 -1.99 37.33 32.57
N VAL C 31 -3.26 36.94 32.44
CA VAL C 31 -3.70 35.96 31.44
C VAL C 31 -4.77 36.61 30.59
N LYS C 32 -4.58 36.60 29.27
CA LYS C 32 -5.48 37.28 28.33
C LYS C 32 -6.15 36.26 27.42
N ASN C 33 -7.43 36.50 27.14
CA ASN C 33 -8.14 35.81 26.06
C ASN C 33 -8.15 36.76 24.87
N TRP C 34 -7.40 36.38 23.82
CA TRP C 34 -7.25 37.24 22.65
C TRP C 34 -8.48 37.28 21.77
N GLU C 35 -9.39 36.30 21.87
CA GLU C 35 -10.62 36.34 21.08
C GLU C 35 -11.57 37.43 21.57
N VAL C 36 -11.76 37.53 22.89
CA VAL C 36 -12.66 38.53 23.46
C VAL C 36 -11.90 39.76 23.96
N GLY C 37 -10.61 39.62 24.29
CA GLY C 37 -9.87 40.72 24.88
C GLY C 37 -10.10 40.90 26.36
N SER C 38 -10.33 39.82 27.10
CA SER C 38 -10.53 39.90 28.55
C SER C 38 -9.26 39.46 29.28
N ILE C 39 -9.06 40.04 30.46
CA ILE C 39 -7.86 39.83 31.26
C ILE C 39 -8.26 39.26 32.61
N THR C 40 -7.47 38.30 33.11
CA THR C 40 -7.54 37.83 34.49
C THR C 40 -6.13 37.57 35.03
N TYR C 41 -6.01 37.50 36.35
CA TYR C 41 -4.75 37.20 37.05
C TYR C 41 -4.90 35.87 37.78
N ASP C 42 -3.92 34.98 37.61
CA ASP C 42 -3.97 33.67 38.24
C ASP C 42 -3.24 33.77 39.58
N THR C 43 -4.01 33.96 40.65
CA THR C 43 -3.48 33.99 41.99
C THR C 43 -3.42 32.61 42.63
N LEU C 44 -4.12 31.63 42.06
CA LEU C 44 -4.00 30.27 42.56
C LEU C 44 -2.61 29.70 42.30
N SER C 45 -1.96 30.11 41.21
CA SER C 45 -0.63 29.58 40.89
C SER C 45 0.38 29.82 42.00
N ALA C 46 0.27 30.95 42.72
CA ALA C 46 1.18 31.20 43.84
C ALA C 46 1.11 30.12 44.92
N GLN C 47 0.12 29.22 44.88
CA GLN C 47 -0.01 28.14 45.85
C GLN C 47 0.54 26.82 45.33
N ALA C 48 1.32 26.85 44.25
CA ALA C 48 1.74 25.60 43.61
C ALA C 48 2.67 24.83 44.53
N GLN C 49 2.26 23.61 44.87
CA GLN C 49 3.02 22.83 45.85
C GLN C 49 4.43 22.54 45.35
N GLN C 50 4.53 21.83 44.23
CA GLN C 50 5.82 21.29 43.80
C GLN C 50 6.47 22.20 42.75
N ASP C 51 7.53 21.70 42.14
CA ASP C 51 8.24 22.41 41.09
C ASP C 51 8.15 21.59 39.81
N GLY C 52 7.69 22.23 38.75
CA GLY C 52 7.70 21.64 37.43
C GLY C 52 9.06 21.70 36.75
N PRO C 53 9.08 21.55 35.44
CA PRO C 53 10.37 21.35 34.74
C PRO C 53 10.98 22.61 34.14
N CYS C 54 10.23 23.71 34.06
CA CYS C 54 10.64 24.90 33.31
C CYS C 54 11.57 25.78 34.15
N THR C 55 12.39 26.57 33.47
CA THR C 55 13.21 27.59 34.13
C THR C 55 13.18 28.87 33.32
N PRO C 56 13.60 30.00 33.93
CA PRO C 56 13.69 31.25 33.15
C PRO C 56 14.60 31.13 31.95
N ARG C 57 15.49 30.13 31.94
CA ARG C 57 16.39 29.91 30.81
C ARG C 57 15.69 29.20 29.65
N ARG C 58 14.86 28.20 29.92
CA ARG C 58 14.20 27.49 28.83
C ARG C 58 12.91 26.87 29.32
N CYS C 59 11.87 26.92 28.48
CA CYS C 59 10.56 26.36 28.78
C CYS C 59 10.49 24.91 28.31
N LEU C 60 10.07 24.01 29.21
CA LEU C 60 9.90 22.59 28.88
C LEU C 60 8.44 22.15 28.99
N GLY C 61 7.48 23.08 28.88
CA GLY C 61 6.07 22.78 29.00
C GLY C 61 5.54 21.76 28.01
N SER C 62 6.30 21.44 26.97
CA SER C 62 5.82 20.46 26.01
C SER C 62 6.27 19.04 26.34
N LEU C 63 7.10 18.83 27.36
CA LEU C 63 7.48 17.46 27.68
C LEU C 63 6.25 16.72 28.23
N VAL C 64 6.08 15.46 27.84
CA VAL C 64 4.95 14.67 28.31
C VAL C 64 5.12 14.30 29.79
N PHE C 65 6.25 13.66 30.11
CA PHE C 65 6.58 13.29 31.48
C PHE C 65 7.65 14.22 32.02
N PRO C 66 7.33 15.15 32.94
CA PRO C 66 8.36 15.90 33.68
C PRO C 66 8.47 15.51 35.16
N ALA C 79 10.46 9.46 56.52
CA ALA C 79 10.33 10.91 56.63
C ALA C 79 9.02 11.27 57.32
N PRO C 80 9.00 11.17 58.66
CA PRO C 80 7.78 11.52 59.41
C PRO C 80 7.46 12.99 59.34
N GLU C 81 8.48 13.85 59.23
CA GLU C 81 8.28 15.29 59.18
C GLU C 81 7.51 15.71 57.93
N GLN C 82 7.92 15.22 56.76
CA GLN C 82 7.27 15.64 55.52
C GLN C 82 5.90 15.01 55.34
N LEU C 83 5.68 13.80 55.85
CA LEU C 83 4.34 13.24 55.84
C LEU C 83 3.37 14.17 56.57
N LEU C 84 3.74 14.61 57.76
CA LEU C 84 2.88 15.47 58.56
C LEU C 84 2.58 16.78 57.86
N SER C 85 3.61 17.42 57.32
CA SER C 85 3.42 18.66 56.57
C SER C 85 2.34 18.50 55.52
N GLN C 86 2.50 17.51 54.64
CA GLN C 86 1.49 17.28 53.61
C GLN C 86 0.16 16.84 54.22
N ALA C 87 0.21 16.01 55.26
CA ALA C 87 -1.02 15.61 55.95
C ALA C 87 -1.73 16.84 56.54
N ARG C 88 -0.99 17.75 57.16
CA ARG C 88 -1.62 18.92 57.73
C ARG C 88 -2.16 19.86 56.64
N ASP C 89 -1.42 20.01 55.54
CA ASP C 89 -1.87 20.85 54.44
C ASP C 89 -3.22 20.38 53.88
N PHE C 90 -3.39 19.07 53.71
CA PHE C 90 -4.65 18.59 53.15
C PHE C 90 -5.80 18.64 54.16
N ILE C 91 -5.51 18.56 55.47
CA ILE C 91 -6.59 18.70 56.45
C ILE C 91 -7.07 20.15 56.51
N ASN C 92 -6.15 21.09 56.37
CA ASN C 92 -6.56 22.49 56.35
C ASN C 92 -7.38 22.81 55.11
N GLN C 93 -7.02 22.22 53.96
CA GLN C 93 -7.80 22.41 52.74
C GLN C 93 -9.24 21.95 52.94
N TYR C 94 -9.40 20.69 53.34
CA TYR C 94 -10.71 20.10 53.56
C TYR C 94 -11.58 21.00 54.43
N TYR C 95 -11.08 21.39 55.61
CA TYR C 95 -11.97 22.05 56.56
C TYR C 95 -12.34 23.47 56.12
N SER C 96 -11.45 24.17 55.43
CA SER C 96 -11.84 25.48 54.89
C SER C 96 -12.80 25.33 53.71
N SER C 97 -12.68 24.23 52.96
CA SER C 97 -13.60 23.97 51.87
C SER C 97 -15.00 23.56 52.36
N ILE C 98 -15.16 23.23 53.63
CA ILE C 98 -16.48 22.99 54.19
C ILE C 98 -16.83 24.04 55.24
N LYS C 99 -16.11 25.17 55.26
CA LYS C 99 -16.41 26.30 56.14
C LYS C 99 -16.37 25.89 57.62
N ARG C 100 -15.39 25.05 57.98
CA ARG C 100 -15.27 24.52 59.33
C ARG C 100 -13.82 24.47 59.78
N SER C 101 -12.99 25.40 59.32
CA SER C 101 -11.61 25.48 59.76
C SER C 101 -11.51 26.43 60.96
N GLY C 102 -10.71 26.04 61.95
CA GLY C 102 -10.73 26.73 63.22
C GLY C 102 -11.87 26.21 64.07
N SER C 103 -13.03 26.05 63.45
CA SER C 103 -14.14 25.30 64.04
C SER C 103 -13.64 23.90 64.43
N GLN C 104 -13.70 23.60 65.72
CA GLN C 104 -12.74 22.70 66.35
C GLN C 104 -13.05 21.20 66.19
N ALA C 105 -13.91 20.78 65.24
CA ALA C 105 -13.70 19.46 64.64
C ALA C 105 -12.46 19.44 63.76
N HIS C 106 -11.98 20.63 63.35
CA HIS C 106 -10.72 20.78 62.63
C HIS C 106 -9.54 20.28 63.49
N GLU C 107 -9.48 20.73 64.75
CA GLU C 107 -8.32 20.43 65.59
C GLU C 107 -8.32 18.97 66.04
N GLN C 108 -9.50 18.42 66.33
CA GLN C 108 -9.58 17.00 66.65
C GLN C 108 -8.95 16.17 65.54
N ARG C 109 -9.31 16.47 64.29
CA ARG C 109 -8.75 15.73 63.17
C ARG C 109 -7.24 15.89 63.10
N LEU C 110 -6.75 17.13 63.23
CA LEU C 110 -5.31 17.39 63.23
C LEU C 110 -4.56 16.56 64.27
N GLN C 111 -5.13 16.38 65.46
CA GLN C 111 -4.41 15.65 66.49
C GLN C 111 -4.50 14.15 66.27
N GLU C 112 -5.61 13.67 65.73
CA GLU C 112 -5.72 12.26 65.37
C GLU C 112 -4.61 11.87 64.40
N VAL C 113 -4.37 12.71 63.39
CA VAL C 113 -3.33 12.38 62.42
C VAL C 113 -1.96 12.38 63.09
N GLU C 114 -1.69 13.38 63.93
CA GLU C 114 -0.42 13.45 64.65
C GLU C 114 -0.14 12.16 65.40
N ALA C 115 -1.13 11.67 66.17
CA ALA C 115 -0.94 10.46 66.96
C ALA C 115 -0.80 9.23 66.07
N GLU C 116 -1.56 9.16 64.97
CA GLU C 116 -1.52 7.97 64.11
C GLU C 116 -0.16 7.79 63.46
N VAL C 117 0.42 8.88 62.95
CA VAL C 117 1.74 8.75 62.33
C VAL C 117 2.81 8.56 63.39
N ALA C 118 2.64 9.11 64.58
CA ALA C 118 3.59 8.82 65.65
C ALA C 118 3.54 7.36 66.08
N ALA C 119 2.34 6.77 66.09
CA ALA C 119 2.17 5.37 66.49
C ALA C 119 2.49 4.38 65.39
N THR C 120 2.40 4.77 64.11
CA THR C 120 2.53 3.79 63.03
C THR C 120 3.21 4.32 61.76
N GLY C 121 3.73 5.55 61.76
CA GLY C 121 4.37 6.10 60.58
C GLY C 121 3.44 6.52 59.46
N THR C 122 2.14 6.27 59.60
CA THR C 122 1.16 6.64 58.58
C THR C 122 -0.17 6.94 59.27
N TYR C 123 -1.17 7.35 58.48
CA TYR C 123 -2.50 7.60 59.01
C TYR C 123 -3.54 7.13 57.98
N GLN C 124 -4.79 7.03 58.44
CA GLN C 124 -5.90 6.63 57.59
C GLN C 124 -6.80 7.81 57.25
N LEU C 125 -7.23 7.88 55.99
CA LEU C 125 -8.17 8.89 55.54
C LEU C 125 -9.58 8.55 55.97
N ARG C 126 -10.31 9.55 56.47
CA ARG C 126 -11.74 9.40 56.64
C ARG C 126 -12.40 9.35 55.27
N GLU C 127 -13.53 8.64 55.19
CA GLU C 127 -14.13 8.37 53.89
C GLU C 127 -14.53 9.65 53.19
N SER C 128 -15.00 10.66 53.94
CA SER C 128 -15.30 11.95 53.34
C SER C 128 -14.04 12.63 52.79
N GLU C 129 -12.96 12.73 53.61
CA GLU C 129 -11.69 13.27 53.14
C GLU C 129 -11.21 12.58 51.86
N LEU C 130 -11.43 11.27 51.75
CA LEU C 130 -11.00 10.54 50.57
C LEU C 130 -11.84 10.95 49.36
N VAL C 131 -13.15 11.09 49.54
CA VAL C 131 -14.01 11.60 48.49
C VAL C 131 -13.56 12.98 48.04
N PHE C 132 -13.39 13.90 49.00
CA PHE C 132 -12.91 15.25 48.66
C PHE C 132 -11.57 15.22 47.93
N GLY C 133 -10.65 14.36 48.35
CA GLY C 133 -9.34 14.31 47.71
C GLY C 133 -9.32 13.73 46.31
N ALA C 134 -10.19 12.74 46.03
CA ALA C 134 -10.30 12.26 44.66
C ALA C 134 -10.84 13.34 43.74
N LYS C 135 -11.84 14.11 44.21
CA LYS C 135 -12.38 15.19 43.38
C LYS C 135 -11.36 16.31 43.16
N GLN C 136 -10.77 16.81 44.24
CA GLN C 136 -9.75 17.86 44.11
C GLN C 136 -8.65 17.45 43.13
N ALA C 137 -8.25 16.18 43.17
CA ALA C 137 -7.16 15.74 42.31
C ALA C 137 -7.59 15.78 40.85
N TRP C 138 -8.86 15.46 40.56
CA TRP C 138 -9.38 15.66 39.22
C TRP C 138 -9.49 17.15 38.90
N ARG C 139 -10.00 17.95 39.84
CA ARG C 139 -10.12 19.39 39.64
C ARG C 139 -8.76 20.02 39.28
N ASN C 140 -7.67 19.44 39.79
CA ASN C 140 -6.36 20.05 39.60
C ASN C 140 -5.59 19.49 38.42
N ALA C 141 -6.13 18.51 37.71
CA ALA C 141 -5.37 17.84 36.65
C ALA C 141 -5.22 18.77 35.46
N PRO C 142 -4.04 19.36 35.26
CA PRO C 142 -3.89 20.45 34.28
C PRO C 142 -4.29 20.06 32.86
N ARG C 143 -4.09 18.82 32.46
CA ARG C 143 -4.34 18.42 31.09
C ARG C 143 -5.75 17.90 30.83
N CYS C 144 -6.62 17.84 31.84
CA CYS C 144 -7.97 17.33 31.62
C CYS C 144 -8.89 18.43 31.13
N VAL C 145 -9.48 18.24 29.94
CA VAL C 145 -10.46 19.19 29.42
C VAL C 145 -11.87 18.90 29.93
N GLY C 146 -12.07 17.80 30.66
CA GLY C 146 -13.39 17.41 31.11
C GLY C 146 -13.77 17.89 32.50
N ARG C 147 -13.02 18.86 33.01
CA ARG C 147 -13.09 19.20 34.42
C ARG C 147 -14.32 20.02 34.80
N ILE C 148 -15.13 20.47 33.84
CA ILE C 148 -16.40 21.10 34.22
C ILE C 148 -17.16 20.15 35.15
N GLN C 149 -16.96 18.84 34.97
CA GLN C 149 -17.66 17.73 35.64
C GLN C 149 -17.07 17.34 37.00
N TRP C 150 -16.05 18.06 37.50
CA TRP C 150 -15.25 17.54 38.62
C TRP C 150 -16.06 17.33 39.89
N GLY C 151 -17.19 18.02 40.04
CA GLY C 151 -17.99 17.81 41.23
C GLY C 151 -18.83 16.54 41.21
N LYS C 152 -19.08 15.97 40.03
CA LYS C 152 -19.92 14.78 39.90
C LYS C 152 -19.00 13.60 39.59
N LEU C 153 -18.51 12.97 40.65
CA LEU C 153 -17.62 11.82 40.59
C LEU C 153 -18.08 10.80 41.62
N GLN C 154 -18.07 9.51 41.27
CA GLN C 154 -18.46 8.46 42.19
C GLN C 154 -17.22 7.77 42.74
N VAL C 155 -17.08 7.75 44.06
CA VAL C 155 -15.88 7.25 44.72
C VAL C 155 -16.18 5.92 45.37
N PHE C 156 -15.51 4.87 44.90
CA PHE C 156 -15.64 3.54 45.46
C PHE C 156 -14.45 3.28 46.39
N ASP C 157 -14.75 3.10 47.68
CA ASP C 157 -13.70 2.81 48.65
C ASP C 157 -13.45 1.31 48.64
N ALA C 158 -12.34 0.90 48.01
CA ALA C 158 -11.88 -0.48 48.01
C ALA C 158 -10.66 -0.68 48.92
N ARG C 159 -10.46 0.20 49.92
CA ARG C 159 -9.27 0.13 50.75
C ARG C 159 -9.26 -1.09 51.67
N ASP C 160 -10.35 -1.83 51.75
CA ASP C 160 -10.33 -3.11 52.45
C ASP C 160 -10.04 -4.28 51.51
N CYS C 161 -9.44 -4.01 50.34
CA CYS C 161 -9.20 -5.08 49.37
C CYS C 161 -8.05 -5.97 49.81
N ARG C 162 -8.24 -7.28 49.63
CA ARG C 162 -7.38 -8.28 50.26
C ARG C 162 -6.48 -9.05 49.29
N SER C 163 -6.89 -9.24 48.05
CA SER C 163 -6.09 -10.01 47.09
C SER C 163 -6.59 -9.71 45.68
N ALA C 164 -5.91 -10.30 44.68
CA ALA C 164 -6.19 -9.99 43.28
C ALA C 164 -7.57 -10.46 42.82
N GLN C 165 -8.22 -11.38 43.57
CA GLN C 165 -9.59 -11.77 43.23
C GLN C 165 -10.58 -10.70 43.69
N GLU C 166 -10.45 -10.24 44.94
CA GLU C 166 -11.27 -9.12 45.41
C GLU C 166 -11.07 -7.90 44.53
N MET C 167 -9.80 -7.52 44.30
CA MET C 167 -9.45 -6.49 43.33
C MET C 167 -10.27 -6.65 42.06
N PHE C 168 -10.17 -7.83 41.45
CA PHE C 168 -10.91 -8.10 40.22
C PHE C 168 -12.40 -7.89 40.39
N THR C 169 -12.97 -8.24 41.55
CA THR C 169 -14.40 -7.99 41.76
C THR C 169 -14.69 -6.50 41.85
N TYR C 170 -13.84 -5.74 42.56
CA TYR C 170 -14.05 -4.30 42.62
C TYR C 170 -14.00 -3.67 41.23
N ILE C 171 -13.04 -4.09 40.40
CA ILE C 171 -12.90 -3.50 39.08
C ILE C 171 -14.18 -3.67 38.27
N CYS C 172 -14.75 -4.89 38.31
CA CYS C 172 -15.95 -5.19 37.52
C CYS C 172 -17.17 -4.43 38.01
N ASN C 173 -17.25 -4.16 39.32
CA ASN C 173 -18.32 -3.30 39.82
C ASN C 173 -18.16 -1.88 39.28
N HIS C 174 -16.93 -1.36 39.28
CA HIS C 174 -16.66 -0.05 38.68
C HIS C 174 -17.12 -0.02 37.23
N ILE C 175 -16.60 -0.94 36.42
CA ILE C 175 -16.93 -0.99 35.00
C ILE C 175 -18.44 -1.07 34.78
N LYS C 176 -19.12 -1.93 35.55
CA LYS C 176 -20.58 -2.04 35.46
C LYS C 176 -21.26 -0.71 35.80
N TYR C 177 -20.86 -0.07 36.90
CA TYR C 177 -21.55 1.15 37.32
C TYR C 177 -21.24 2.32 36.38
N ALA C 178 -20.01 2.41 35.88
CA ALA C 178 -19.62 3.53 35.03
C ALA C 178 -20.18 3.40 33.63
N THR C 179 -20.24 2.18 33.10
CA THR C 179 -20.82 1.98 31.77
C THR C 179 -22.32 2.30 31.77
N ASN C 180 -23.07 1.75 32.73
CA ASN C 180 -24.48 2.10 32.97
C ASN C 180 -25.28 2.07 31.68
N ARG C 181 -25.10 0.97 30.93
CA ARG C 181 -25.80 0.73 29.66
C ARG C 181 -25.51 1.83 28.64
N GLY C 182 -24.29 2.39 28.64
CA GLY C 182 -23.92 3.41 27.69
C GLY C 182 -24.19 4.83 28.15
N ASN C 183 -24.94 5.01 29.23
CA ASN C 183 -25.13 6.32 29.83
C ASN C 183 -24.02 6.51 30.87
N LEU C 184 -22.87 6.97 30.41
CA LEU C 184 -21.66 6.83 31.21
C LEU C 184 -21.67 7.78 32.41
N ARG C 185 -21.12 7.31 33.52
CA ARG C 185 -20.97 8.07 34.76
C ARG C 185 -19.52 8.03 35.22
N SER C 186 -19.01 9.17 35.67
CA SER C 186 -17.62 9.22 36.12
C SER C 186 -17.48 8.52 37.48
N ALA C 187 -16.36 7.82 37.66
CA ALA C 187 -16.14 7.05 38.89
C ALA C 187 -14.67 6.75 39.10
N ILE C 188 -14.28 6.63 40.37
CA ILE C 188 -12.95 6.16 40.74
C ILE C 188 -13.09 5.11 41.83
N THR C 189 -12.25 4.07 41.76
CA THR C 189 -12.14 3.07 42.81
C THR C 189 -10.75 3.16 43.42
N VAL C 190 -10.69 3.22 44.74
CA VAL C 190 -9.45 3.48 45.47
C VAL C 190 -9.06 2.24 46.25
N PHE C 191 -7.91 1.68 45.90
CA PHE C 191 -7.36 0.50 46.53
C PHE C 191 -6.45 0.90 47.67
N PRO C 192 -6.00 -0.04 48.50
CA PRO C 192 -5.26 0.35 49.70
C PRO C 192 -3.95 1.06 49.35
N GLN C 193 -3.58 2.00 50.20
CA GLN C 193 -2.45 2.87 49.93
C GLN C 193 -1.14 2.12 50.09
N ARG C 194 -0.11 2.58 49.37
CA ARG C 194 1.23 2.10 49.65
C ARG C 194 1.57 2.33 51.11
N CYS C 195 2.12 1.30 51.76
CA CYS C 195 2.35 1.35 53.18
C CYS C 195 3.83 1.27 53.49
N PRO C 196 4.25 1.83 54.64
CA PRO C 196 5.69 2.08 54.87
C PRO C 196 6.56 0.84 54.82
N GLY C 197 6.02 -0.34 55.11
CA GLY C 197 6.83 -1.53 55.10
C GLY C 197 6.26 -2.64 54.24
N ARG C 198 6.73 -2.71 52.99
CA ARG C 198 6.41 -3.80 52.08
C ARG C 198 4.93 -3.84 51.70
N GLY C 199 4.63 -3.64 50.41
CA GLY C 199 3.27 -3.86 49.96
C GLY C 199 2.78 -2.84 48.96
N ASP C 200 2.27 -3.32 47.83
CA ASP C 200 1.79 -2.42 46.77
C ASP C 200 0.82 -3.15 45.85
N PHE C 201 -0.44 -2.71 45.85
CA PHE C 201 -1.34 -3.04 44.76
C PHE C 201 -0.97 -2.24 43.51
N ARG C 202 -1.00 -2.92 42.36
CA ARG C 202 -0.76 -2.30 41.07
C ARG C 202 -1.70 -2.93 40.06
N ILE C 203 -2.07 -2.14 39.05
CA ILE C 203 -2.74 -2.65 37.86
C ILE C 203 -1.77 -2.49 36.71
N TRP C 204 -1.27 -3.60 36.17
CA TRP C 204 -0.28 -3.55 35.11
C TRP C 204 -0.83 -3.00 33.81
N ASN C 205 -2.14 -3.13 33.57
CA ASN C 205 -2.72 -2.57 32.37
C ASN C 205 -2.81 -1.06 32.50
N SER C 206 -2.53 -0.35 31.40
CA SER C 206 -2.62 1.10 31.46
C SER C 206 -4.07 1.56 31.40
N GLN C 207 -4.95 0.73 30.88
CA GLN C 207 -6.38 0.96 30.97
C GLN C 207 -7.07 -0.37 31.23
N LEU C 208 -8.23 -0.31 31.87
CA LEU C 208 -9.00 -1.52 32.12
C LEU C 208 -9.40 -2.20 30.82
N VAL C 209 -9.70 -1.40 29.79
CA VAL C 209 -10.00 -1.91 28.45
C VAL C 209 -8.86 -1.49 27.54
N ARG C 210 -8.24 -2.47 26.88
CA ARG C 210 -7.16 -2.25 25.92
C ARG C 210 -7.22 -3.35 24.88
N TYR C 211 -7.05 -3.00 23.61
CA TYR C 211 -6.94 -4.01 22.58
C TYR C 211 -5.50 -4.53 22.50
N ALA C 212 -5.36 -5.74 21.96
CA ALA C 212 -4.05 -6.37 21.92
C ALA C 212 -3.22 -5.86 20.74
N GLY C 213 -1.93 -6.13 20.81
CA GLY C 213 -1.03 -5.75 19.74
C GLY C 213 -0.01 -6.83 19.51
N TYR C 214 -0.13 -7.52 18.39
CA TYR C 214 0.71 -8.66 18.06
C TYR C 214 1.73 -8.24 17.02
N ARG C 215 2.99 -8.65 17.22
CA ARG C 215 4.03 -8.36 16.25
C ARG C 215 4.14 -9.50 15.25
N GLN C 216 4.37 -9.16 13.99
CA GLN C 216 4.44 -10.14 12.90
C GLN C 216 5.87 -10.24 12.39
N GLN C 217 6.11 -11.21 11.49
CA GLN C 217 7.45 -11.37 10.93
C GLN C 217 7.80 -10.25 9.98
N ASP C 218 6.79 -9.63 9.34
CA ASP C 218 7.07 -8.50 8.47
C ASP C 218 7.36 -7.20 9.25
N GLY C 219 7.51 -7.30 10.58
CA GLY C 219 7.80 -6.15 11.42
C GLY C 219 6.59 -5.35 11.85
N SER C 220 5.47 -5.47 11.14
CA SER C 220 4.28 -4.70 11.45
C SER C 220 3.58 -5.29 12.68
N VAL C 221 2.58 -4.56 13.16
CA VAL C 221 1.80 -4.95 14.33
C VAL C 221 0.34 -5.08 13.91
N ARG C 222 -0.30 -6.17 14.35
CA ARG C 222 -1.75 -6.36 14.24
C ARG C 222 -2.38 -6.01 15.59
N GLY C 223 -3.44 -5.20 15.54
CA GLY C 223 -4.00 -4.66 16.77
C GLY C 223 -3.36 -3.33 17.14
N ASP C 224 -3.28 -3.03 18.43
CA ASP C 224 -2.91 -1.69 18.86
C ASP C 224 -1.41 -1.62 19.15
N PRO C 225 -0.64 -0.84 18.38
CA PRO C 225 0.81 -0.74 18.66
C PRO C 225 1.13 -0.24 20.06
N ALA C 226 0.24 0.56 20.66
CA ALA C 226 0.49 1.11 21.98
C ALA C 226 0.53 0.02 23.06
N ASN C 227 0.05 -1.17 22.76
CA ASN C 227 -0.11 -2.21 23.77
C ASN C 227 0.72 -3.44 23.43
N VAL C 228 1.80 -3.28 22.66
CA VAL C 228 2.62 -4.43 22.29
C VAL C 228 3.26 -5.04 23.52
N GLU C 229 3.62 -4.21 24.50
CA GLU C 229 4.35 -4.69 25.66
C GLU C 229 3.44 -5.49 26.59
N ILE C 230 2.26 -4.95 26.89
CA ILE C 230 1.34 -5.61 27.82
C ILE C 230 0.68 -6.82 27.18
N THR C 231 0.55 -6.83 25.85
CA THR C 231 0.07 -8.03 25.19
C THR C 231 1.04 -9.18 25.42
N GLU C 232 2.34 -8.90 25.28
CA GLU C 232 3.36 -9.93 25.46
C GLU C 232 3.38 -10.45 26.90
N LEU C 233 3.22 -9.55 27.87
CA LEU C 233 3.11 -9.99 29.25
C LEU C 233 1.91 -10.91 29.44
N CYS C 234 0.78 -10.55 28.83
CA CYS C 234 -0.42 -11.34 29.06
C CYS C 234 -0.26 -12.76 28.54
N ILE C 235 0.48 -12.95 27.45
CA ILE C 235 0.74 -14.28 26.93
C ILE C 235 1.52 -15.11 27.94
N GLN C 236 2.66 -14.56 28.41
CA GLN C 236 3.53 -15.31 29.29
C GLN C 236 2.83 -15.75 30.55
N HIS C 237 1.95 -14.90 31.09
CA HIS C 237 1.24 -15.21 32.33
C HIS C 237 -0.02 -16.02 32.03
N GLY C 238 -0.03 -16.72 30.91
CA GLY C 238 -1.10 -17.66 30.65
C GLY C 238 -1.95 -17.41 29.41
N TRP C 239 -2.31 -16.16 29.15
CA TRP C 239 -3.40 -15.86 28.23
C TRP C 239 -3.12 -16.33 26.81
N THR C 240 -4.15 -16.88 26.17
CA THR C 240 -4.02 -17.37 24.81
C THR C 240 -4.24 -16.24 23.83
N PRO C 241 -3.26 -15.90 23.00
CA PRO C 241 -3.40 -14.74 22.11
C PRO C 241 -4.53 -14.95 21.10
N GLY C 242 -5.10 -13.83 20.65
CA GLY C 242 -6.03 -13.82 19.55
C GLY C 242 -5.34 -13.44 18.25
N ASN C 243 -6.14 -13.33 17.20
CA ASN C 243 -5.66 -12.94 15.89
C ASN C 243 -6.34 -11.68 15.35
N GLY C 244 -7.20 -11.04 16.16
CA GLY C 244 -8.00 -9.92 15.68
C GLY C 244 -7.30 -8.59 15.80
N ARG C 245 -7.87 -7.59 15.10
CA ARG C 245 -7.39 -6.21 15.23
C ARG C 245 -7.89 -5.55 16.50
N PHE C 246 -8.88 -6.15 17.17
CA PHE C 246 -9.51 -5.54 18.33
C PHE C 246 -9.80 -6.60 19.39
N ASP C 247 -8.76 -7.33 19.80
CA ASP C 247 -8.90 -8.34 20.84
C ASP C 247 -8.70 -7.66 22.20
N VAL C 248 -9.78 -7.55 22.99
CA VAL C 248 -9.68 -6.96 24.33
C VAL C 248 -8.71 -7.76 25.18
N LEU C 249 -7.84 -7.06 25.89
CA LEU C 249 -6.82 -7.75 26.68
C LEU C 249 -7.40 -8.25 28.00
N PRO C 250 -6.74 -9.22 28.63
CA PRO C 250 -7.03 -9.53 30.03
C PRO C 250 -6.36 -8.55 30.97
N LEU C 251 -6.81 -8.58 32.22
CA LEU C 251 -6.25 -7.74 33.29
C LEU C 251 -5.16 -8.49 34.03
N LEU C 252 -4.02 -7.82 34.25
CA LEU C 252 -2.88 -8.37 34.99
C LEU C 252 -2.79 -7.65 36.33
N LEU C 253 -3.53 -8.16 37.31
CA LEU C 253 -3.64 -7.51 38.62
C LEU C 253 -2.64 -8.13 39.59
N GLN C 254 -1.96 -7.27 40.35
CA GLN C 254 -0.90 -7.70 41.25
C GLN C 254 -1.23 -7.27 42.68
N ALA C 255 -1.47 -8.26 43.55
CA ALA C 255 -1.67 -8.03 44.97
C ALA C 255 -0.31 -7.88 45.67
N PRO C 256 -0.27 -7.26 46.86
CA PRO C 256 1.02 -6.98 47.52
C PRO C 256 1.96 -8.17 47.58
N ASP C 257 3.14 -7.99 46.99
CA ASP C 257 4.25 -8.95 47.01
C ASP C 257 3.99 -10.15 46.09
N GLU C 258 2.76 -10.64 46.06
CA GLU C 258 2.44 -11.76 45.19
C GLU C 258 2.63 -11.36 43.73
N PRO C 259 2.99 -12.30 42.87
CA PRO C 259 3.03 -12.03 41.43
C PRO C 259 1.65 -11.67 40.90
N PRO C 260 1.54 -11.29 39.62
CA PRO C 260 0.23 -10.87 39.11
C PRO C 260 -0.56 -12.01 38.47
N GLU C 261 -1.84 -12.09 38.80
CA GLU C 261 -2.73 -13.12 38.30
C GLU C 261 -3.48 -12.62 37.06
N LEU C 262 -3.68 -13.51 36.09
CA LEU C 262 -4.35 -13.16 34.86
C LEU C 262 -5.86 -13.29 35.04
N PHE C 263 -6.60 -12.32 34.50
CA PHE C 263 -8.04 -12.28 34.63
C PHE C 263 -8.68 -11.89 33.30
N LEU C 264 -9.74 -12.59 32.93
CA LEU C 264 -10.48 -12.31 31.70
C LEU C 264 -11.71 -11.46 32.02
N LEU C 265 -11.86 -10.34 31.32
CA LEU C 265 -13.06 -9.53 31.49
C LEU C 265 -14.24 -10.19 30.79
N PRO C 266 -15.37 -10.37 31.46
CA PRO C 266 -16.57 -10.93 30.81
C PRO C 266 -17.03 -10.02 29.68
N PRO C 267 -17.11 -10.53 28.46
CA PRO C 267 -17.40 -9.65 27.30
C PRO C 267 -18.69 -8.86 27.44
N GLU C 268 -19.65 -9.37 28.22
CA GLU C 268 -20.86 -8.61 28.53
C GLU C 268 -20.56 -7.34 29.31
N LEU C 269 -19.44 -7.31 30.04
CA LEU C 269 -19.11 -6.13 30.82
C LEU C 269 -18.51 -5.02 29.96
N VAL C 270 -17.86 -5.37 28.85
CA VAL C 270 -17.07 -4.43 28.07
C VAL C 270 -17.91 -4.00 26.86
N LEU C 271 -18.59 -2.86 27.00
CA LEU C 271 -19.35 -2.28 25.91
C LEU C 271 -18.41 -1.76 24.81
N GLU C 272 -18.68 -2.18 23.58
CA GLU C 272 -17.94 -1.73 22.40
C GLU C 272 -18.92 -1.15 21.39
N VAL C 273 -18.37 -0.31 20.49
CA VAL C 273 -19.16 0.38 19.49
C VAL C 273 -18.60 0.11 18.10
N PRO C 274 -19.34 -0.55 17.22
CA PRO C 274 -18.92 -0.65 15.82
C PRO C 274 -19.02 0.71 15.16
N LEU C 275 -18.02 1.04 14.33
CA LEU C 275 -17.95 2.36 13.73
C LEU C 275 -18.55 2.33 12.33
N GLU C 276 -19.55 3.17 12.10
CA GLU C 276 -20.16 3.37 10.80
CA GLU C 276 -20.15 3.36 10.79
C GLU C 276 -20.21 4.85 10.51
N HIS C 277 -20.44 5.19 9.24
CA HIS C 277 -20.52 6.57 8.80
C HIS C 277 -21.94 6.85 8.29
N PRO C 278 -22.50 8.03 8.57
CA PRO C 278 -23.89 8.30 8.15
C PRO C 278 -24.12 8.30 6.65
N THR C 279 -23.09 8.48 5.83
CA THR C 279 -23.30 8.54 4.39
C THR C 279 -22.30 7.73 3.55
N LEU C 280 -21.10 7.47 4.05
CA LEU C 280 -20.15 6.58 3.37
C LEU C 280 -20.48 5.15 3.82
N GLU C 281 -21.28 4.44 3.02
CA GLU C 281 -21.76 3.13 3.42
C GLU C 281 -20.63 2.11 3.50
N TRP C 282 -19.53 2.32 2.78
CA TRP C 282 -18.38 1.40 2.87
C TRP C 282 -17.61 1.53 4.20
N PHE C 283 -17.79 2.60 4.98
CA PHE C 283 -17.02 2.76 6.23
C PHE C 283 -17.25 1.61 7.19
N ALA C 284 -18.48 1.06 7.24
CA ALA C 284 -18.74 -0.06 8.13
C ALA C 284 -17.85 -1.25 7.83
N ALA C 285 -17.59 -1.51 6.55
CA ALA C 285 -16.89 -2.72 6.15
C ALA C 285 -15.39 -2.71 6.50
N LEU C 286 -14.85 -1.56 6.95
CA LEU C 286 -13.48 -1.56 7.45
C LEU C 286 -13.35 -2.34 8.76
N GLY C 287 -14.46 -2.65 9.42
CA GLY C 287 -14.42 -3.44 10.65
C GLY C 287 -13.89 -2.69 11.87
N LEU C 288 -13.99 -1.37 11.88
CA LEU C 288 -13.43 -0.60 12.99
C LEU C 288 -14.39 -0.59 14.17
N ARG C 289 -13.80 -0.59 15.37
CA ARG C 289 -14.55 -0.55 16.62
C ARG C 289 -13.79 0.29 17.63
N TRP C 290 -14.50 0.75 18.66
CA TRP C 290 -13.84 1.20 19.88
C TRP C 290 -14.74 0.92 21.07
N TYR C 291 -14.15 0.96 22.26
CA TYR C 291 -14.84 0.66 23.50
C TYR C 291 -15.39 1.94 24.14
N ALA C 292 -16.48 1.79 24.90
CA ALA C 292 -17.20 2.96 25.41
C ALA C 292 -16.46 3.66 26.55
N LEU C 293 -15.72 2.92 27.38
CA LEU C 293 -15.29 3.38 28.69
C LEU C 293 -13.80 3.70 28.73
N PRO C 294 -13.39 4.99 28.72
CA PRO C 294 -11.98 5.35 28.93
C PRO C 294 -11.66 5.29 30.42
N ALA C 295 -10.84 4.32 30.82
CA ALA C 295 -10.64 4.02 32.23
C ALA C 295 -9.16 3.74 32.49
N VAL C 296 -8.48 4.75 33.01
CA VAL C 296 -7.03 4.76 33.17
C VAL C 296 -6.66 4.14 34.51
N SER C 297 -5.69 3.22 34.50
CA SER C 297 -5.42 2.34 35.64
C SER C 297 -3.92 2.20 35.93
N ASN C 298 -3.10 3.13 35.46
CA ASN C 298 -1.67 3.03 35.75
C ASN C 298 -1.14 4.29 36.42
N MET C 299 -2.02 5.18 36.88
CA MET C 299 -1.62 6.40 37.56
C MET C 299 -1.77 6.27 39.07
N LEU C 300 -0.95 7.02 39.77
CA LEU C 300 -0.90 7.01 41.22
C LEU C 300 -1.67 8.22 41.75
N LEU C 301 -2.63 7.97 42.64
CA LEU C 301 -3.36 9.05 43.31
C LEU C 301 -2.63 9.43 44.58
N GLU C 302 -2.44 10.74 44.79
CA GLU C 302 -1.74 11.27 45.95
C GLU C 302 -2.62 12.27 46.68
N ILE C 303 -2.85 12.03 47.98
CA ILE C 303 -3.74 12.82 48.82
C ILE C 303 -3.08 12.97 50.18
N GLY C 304 -2.87 14.21 50.61
CA GLY C 304 -2.38 14.46 51.97
C GLY C 304 -1.11 13.72 52.34
N GLY C 305 -0.21 13.54 51.38
CA GLY C 305 1.00 12.77 51.61
C GLY C 305 0.84 11.27 51.51
N LEU C 306 -0.39 10.76 51.32
CA LEU C 306 -0.65 9.34 51.10
C LEU C 306 -0.67 9.04 49.60
N GLU C 307 -0.25 7.82 49.26
CA GLU C 307 -0.11 7.40 47.87
C GLU C 307 -0.94 6.15 47.62
N PHE C 308 -1.78 6.20 46.61
CA PHE C 308 -2.58 5.05 46.18
C PHE C 308 -2.11 4.65 44.79
N PRO C 309 -1.20 3.69 44.68
CA PRO C 309 -0.67 3.32 43.37
C PRO C 309 -1.68 2.61 42.49
N ALA C 310 -2.86 2.27 43.03
CA ALA C 310 -3.91 1.65 42.25
C ALA C 310 -5.22 2.36 42.57
N ALA C 311 -5.70 3.18 41.64
CA ALA C 311 -6.93 3.95 41.82
C ALA C 311 -7.55 4.20 40.46
N PRO C 312 -8.06 3.15 39.81
CA PRO C 312 -8.62 3.33 38.46
C PRO C 312 -9.75 4.34 38.48
N PHE C 313 -9.72 5.26 37.51
CA PHE C 313 -10.76 6.27 37.33
C PHE C 313 -11.17 6.29 35.87
N SER C 314 -12.43 6.65 35.63
CA SER C 314 -13.00 6.62 34.29
C SER C 314 -13.97 7.78 34.12
N GLY C 315 -14.10 8.25 32.88
CA GLY C 315 -15.12 9.23 32.53
C GLY C 315 -15.87 8.83 31.28
N TRP C 316 -15.95 9.73 30.31
CA TRP C 316 -16.38 9.35 28.99
C TRP C 316 -15.48 10.07 27.97
N TYR C 317 -15.57 9.65 26.72
CA TYR C 317 -14.61 10.05 25.70
C TYR C 317 -14.89 11.42 25.10
N MET C 318 -13.82 12.12 24.70
CA MET C 318 -13.92 13.17 23.70
C MET C 318 -13.72 12.52 22.33
N SER C 319 -14.57 12.87 21.36
CA SER C 319 -14.51 12.12 20.09
C SER C 319 -13.15 12.23 19.38
N THR C 320 -12.39 13.30 19.60
CA THR C 320 -11.09 13.35 18.94
C THR C 320 -10.09 12.38 19.56
N GLU C 321 -10.28 11.93 20.81
CA GLU C 321 -9.32 10.94 21.32
C GLU C 321 -9.42 9.64 20.56
N ILE C 322 -10.63 9.26 20.17
CA ILE C 322 -10.81 8.03 19.42
C ILE C 322 -10.48 8.26 17.95
N GLY C 323 -11.12 9.26 17.34
CA GLY C 323 -11.08 9.36 15.89
C GLY C 323 -9.73 9.82 15.40
N THR C 324 -9.16 10.82 16.06
CA THR C 324 -7.89 11.38 15.61
C THR C 324 -6.71 10.65 16.24
N ARG C 325 -6.65 10.62 17.57
CA ARG C 325 -5.44 10.11 18.19
C ARG C 325 -5.35 8.59 18.07
N ASN C 326 -6.38 7.86 18.50
CA ASN C 326 -6.25 6.40 18.57
C ASN C 326 -6.27 5.75 17.20
N LEU C 327 -7.11 6.23 16.29
CA LEU C 327 -7.19 5.58 14.99
C LEU C 327 -6.26 6.19 13.96
N CYS C 328 -5.92 7.49 14.06
CA CYS C 328 -5.13 8.13 13.02
C CYS C 328 -3.66 8.36 13.37
N ASP C 329 -3.26 8.29 14.64
CA ASP C 329 -1.85 8.54 14.93
C ASP C 329 -0.99 7.55 14.14
N PRO C 330 0.14 7.99 13.59
CA PRO C 330 0.99 7.07 12.82
C PRO C 330 1.48 5.88 13.61
N HIS C 331 1.68 6.02 14.91
CA HIS C 331 2.18 4.94 15.76
C HIS C 331 1.06 4.22 16.49
N ARG C 332 -0.19 4.40 16.05
CA ARG C 332 -1.32 3.66 16.61
C ARG C 332 -1.96 2.86 15.47
N TYR C 333 -3.28 2.91 15.35
CA TYR C 333 -3.92 2.14 14.26
C TYR C 333 -3.55 2.68 12.89
N ASN C 334 -3.34 4.00 12.75
CA ASN C 334 -2.70 4.57 11.57
C ASN C 334 -3.51 4.31 10.30
N ILE C 335 -4.82 4.59 10.37
CA ILE C 335 -5.76 4.22 9.30
C ILE C 335 -6.06 5.36 8.33
N LEU C 336 -5.45 6.54 8.51
CA LEU C 336 -5.78 7.69 7.68
C LEU C 336 -5.76 7.37 6.19
N GLU C 337 -4.65 6.80 5.72
CA GLU C 337 -4.51 6.54 4.28
C GLU C 337 -5.56 5.53 3.80
N ASP C 338 -5.87 4.52 4.62
CA ASP C 338 -6.91 3.55 4.23
C ASP C 338 -8.24 4.23 3.97
N VAL C 339 -8.66 5.13 4.87
CA VAL C 339 -9.89 5.89 4.68
C VAL C 339 -9.81 6.80 3.46
N ALA C 340 -8.70 7.55 3.33
CA ALA C 340 -8.52 8.42 2.18
C ALA C 340 -8.65 7.65 0.86
N VAL C 341 -8.04 6.46 0.79
CA VAL C 341 -8.13 5.63 -0.42
C VAL C 341 -9.58 5.24 -0.72
N CYS C 342 -10.35 4.86 0.31
CA CYS C 342 -11.77 4.55 0.08
C CYS C 342 -12.57 5.77 -0.31
N MET C 343 -12.11 6.98 0.06
CA MET C 343 -12.79 8.19 -0.35
C MET C 343 -12.37 8.67 -1.73
N ASP C 344 -11.47 7.93 -2.39
CA ASP C 344 -10.93 8.29 -3.70
C ASP C 344 -10.31 9.68 -3.69
N LEU C 345 -9.47 9.93 -2.70
CA LEU C 345 -8.76 11.20 -2.58
C LEU C 345 -7.38 11.09 -3.24
N ASP C 346 -6.88 12.21 -3.74
CA ASP C 346 -5.56 12.17 -4.38
C ASP C 346 -4.51 12.14 -3.27
N THR C 347 -3.96 10.96 -2.99
CA THR C 347 -3.02 10.84 -1.89
C THR C 347 -1.57 11.02 -2.30
N ARG C 348 -1.29 11.36 -3.56
CA ARG C 348 0.09 11.51 -3.98
C ARG C 348 0.67 12.85 -3.57
N THR C 349 -0.16 13.84 -3.25
CA THR C 349 0.27 15.18 -2.94
C THR C 349 -0.36 15.67 -1.63
N THR C 350 0.47 16.21 -0.73
CA THR C 350 -0.05 16.75 0.53
C THR C 350 -1.00 17.93 0.34
N SER C 351 -0.91 18.67 -0.76
CA SER C 351 -1.73 19.88 -0.86
C SER C 351 -3.17 19.60 -1.27
N SER C 352 -3.56 18.35 -1.48
CA SER C 352 -4.99 18.05 -1.58
C SER C 352 -5.68 18.06 -0.23
N LEU C 353 -4.92 18.15 0.86
CA LEU C 353 -5.44 18.02 2.23
C LEU C 353 -6.23 16.72 2.41
N TRP C 354 -5.78 15.64 1.73
CA TRP C 354 -6.45 14.35 1.89
C TRP C 354 -6.37 13.86 3.32
N LYS C 355 -5.32 14.21 4.06
CA LYS C 355 -5.24 13.81 5.46
C LYS C 355 -6.30 14.52 6.29
N ASP C 356 -6.53 15.80 6.00
CA ASP C 356 -7.52 16.59 6.73
C ASP C 356 -8.94 16.13 6.41
N LYS C 357 -9.22 15.85 5.15
CA LYS C 357 -10.56 15.42 4.77
C LYS C 357 -10.90 14.04 5.36
N ALA C 358 -9.95 13.10 5.33
CA ALA C 358 -10.17 11.78 5.92
C ALA C 358 -10.38 11.86 7.42
N ALA C 359 -9.51 12.62 8.11
CA ALA C 359 -9.60 12.74 9.57
C ALA C 359 -10.96 13.26 10.01
N VAL C 360 -11.44 14.33 9.37
CA VAL C 360 -12.75 14.88 9.71
C VAL C 360 -13.84 13.84 9.55
N GLU C 361 -13.78 13.05 8.46
CA GLU C 361 -14.83 12.07 8.25
C GLU C 361 -14.71 10.91 9.23
N ILE C 362 -13.49 10.59 9.66
CA ILE C 362 -13.32 9.54 10.67
C ILE C 362 -13.92 9.98 12.00
N ASN C 363 -13.74 11.26 12.34
CA ASN C 363 -14.33 11.81 13.54
C ASN C 363 -15.85 11.91 13.44
N VAL C 364 -16.37 12.26 12.26
CA VAL C 364 -17.83 12.24 12.03
C VAL C 364 -18.38 10.84 12.27
N ALA C 365 -17.65 9.81 11.85
CA ALA C 365 -18.12 8.44 12.02
C ALA C 365 -18.10 8.02 13.48
N VAL C 366 -17.06 8.43 14.22
CA VAL C 366 -17.02 8.16 15.64
C VAL C 366 -18.23 8.76 16.33
N LEU C 367 -18.49 10.04 16.07
CA LEU C 367 -19.59 10.73 16.73
C LEU C 367 -20.93 10.10 16.37
N HIS C 368 -21.14 9.79 15.10
CA HIS C 368 -22.39 9.17 14.66
C HIS C 368 -22.57 7.79 15.27
N SER C 369 -21.53 6.96 15.22
CA SER C 369 -21.62 5.63 15.81
C SER C 369 -21.97 5.67 17.30
N TYR C 370 -21.36 6.58 18.07
CA TYR C 370 -21.64 6.60 19.51
C TYR C 370 -23.05 7.09 19.79
N GLN C 371 -23.52 8.09 19.05
CA GLN C 371 -24.88 8.58 19.25
C GLN C 371 -25.90 7.53 18.84
N LEU C 372 -25.66 6.83 17.74
CA LEU C 372 -26.58 5.78 17.29
C LEU C 372 -26.70 4.70 18.36
N ALA C 373 -25.57 4.29 18.94
CA ALA C 373 -25.55 3.28 19.98
C ALA C 373 -25.88 3.85 21.37
N LYS C 374 -26.17 5.15 21.47
CA LYS C 374 -26.59 5.78 22.73
C LYS C 374 -25.53 5.69 23.80
N VAL C 375 -24.28 5.82 23.39
CA VAL C 375 -23.15 5.86 24.30
C VAL C 375 -22.72 7.29 24.47
N THR C 376 -22.45 7.70 25.70
CA THR C 376 -22.07 9.09 25.97
C THR C 376 -20.78 9.44 25.24
N ILE C 377 -20.82 10.53 24.48
CA ILE C 377 -19.64 11.05 23.83
C ILE C 377 -19.80 12.55 23.73
N VAL C 378 -18.67 13.27 23.65
CA VAL C 378 -18.70 14.72 23.48
C VAL C 378 -17.73 15.09 22.35
N ASP C 379 -18.14 16.04 21.51
CA ASP C 379 -17.23 16.49 20.46
C ASP C 379 -16.31 17.58 21.00
N HIS C 380 -15.21 17.82 20.28
CA HIS C 380 -14.20 18.74 20.78
C HIS C 380 -14.70 20.17 20.84
N HIS C 381 -15.70 20.55 20.03
CA HIS C 381 -16.26 21.89 20.16
C HIS C 381 -17.03 22.04 21.46
N ALA C 382 -17.97 21.12 21.73
CA ALA C 382 -18.73 21.22 22.97
C ALA C 382 -17.81 21.11 24.18
N ALA C 383 -16.83 20.21 24.12
CA ALA C 383 -15.95 20.00 25.28
C ALA C 383 -15.11 21.24 25.58
N THR C 384 -14.53 21.88 24.55
CA THR C 384 -13.72 23.08 24.83
C THR C 384 -14.60 24.24 25.31
N ALA C 385 -15.82 24.35 24.78
CA ALA C 385 -16.73 25.39 25.24
C ALA C 385 -17.08 25.20 26.70
N SER C 386 -17.25 23.93 27.14
CA SER C 386 -17.51 23.70 28.56
CA SER C 386 -17.50 23.68 28.55
C SER C 386 -16.28 24.00 29.40
N PHE C 387 -15.07 23.81 28.83
CA PHE C 387 -13.87 24.11 29.60
C PHE C 387 -13.69 25.61 29.76
N MET C 388 -14.09 26.40 28.77
CA MET C 388 -14.11 27.86 28.96
C MET C 388 -14.97 28.24 30.15
N LYS C 389 -16.17 27.66 30.25
CA LYS C 389 -17.02 27.93 31.41
C LYS C 389 -16.33 27.46 32.69
N HIS C 390 -15.70 26.29 32.64
CA HIS C 390 -15.00 25.81 33.82
C HIS C 390 -13.92 26.80 34.27
N LEU C 391 -13.24 27.46 33.33
CA LEU C 391 -12.24 28.48 33.69
C LEU C 391 -12.90 29.68 34.33
N GLU C 392 -14.06 30.08 33.82
CA GLU C 392 -14.79 31.22 34.40
C GLU C 392 -15.23 30.91 35.83
N ASN C 393 -15.81 29.72 36.05
CA ASN C 393 -16.20 29.30 37.39
C ASN C 393 -15.00 29.20 38.33
N GLU C 394 -13.92 28.61 37.84
CA GLU C 394 -12.75 28.43 38.69
C GLU C 394 -12.09 29.75 39.01
N GLN C 395 -12.20 30.73 38.11
CA GLN C 395 -11.65 32.04 38.41
C GLN C 395 -12.32 32.62 39.63
N LYS C 396 -13.64 32.43 39.74
CA LYS C 396 -14.34 32.89 40.94
C LYS C 396 -14.10 31.95 42.12
N ALA C 397 -14.18 30.64 41.88
CA ALA C 397 -14.06 29.67 42.95
C ALA C 397 -12.73 29.79 43.70
N ARG C 398 -11.62 29.74 42.96
CA ARG C 398 -10.29 29.60 43.55
C ARG C 398 -9.30 30.66 43.09
N GLY C 399 -9.73 31.63 42.29
CA GLY C 399 -8.79 32.61 41.79
C GLY C 399 -7.85 32.06 40.75
N GLY C 400 -8.32 31.18 39.88
CA GLY C 400 -7.53 30.69 38.76
C GLY C 400 -7.70 29.20 38.57
N CYS C 401 -6.89 28.64 37.68
CA CYS C 401 -7.08 27.25 37.25
C CYS C 401 -5.86 26.79 36.46
N PRO C 402 -5.20 25.72 36.88
CA PRO C 402 -4.01 25.25 36.13
C PRO C 402 -4.46 24.46 34.89
N ALA C 403 -3.92 24.84 33.74
CA ALA C 403 -4.33 24.28 32.45
C ALA C 403 -3.10 24.18 31.57
N ASP C 404 -2.97 23.05 30.89
CA ASP C 404 -1.83 22.78 30.02
C ASP C 404 -2.34 23.00 28.60
N TRP C 405 -2.04 24.18 28.04
CA TRP C 405 -2.59 24.60 26.76
C TRP C 405 -2.41 23.53 25.67
N ALA C 406 -1.20 22.97 25.56
CA ALA C 406 -0.92 21.95 24.57
C ALA C 406 -1.85 20.75 24.69
N TRP C 407 -2.36 20.47 25.88
CA TRP C 407 -3.27 19.35 26.00
C TRP C 407 -4.73 19.78 26.09
N ILE C 408 -5.01 21.04 26.40
CA ILE C 408 -6.41 21.47 26.36
C ILE C 408 -6.88 21.64 24.91
N VAL C 409 -6.06 22.21 24.05
CA VAL C 409 -6.47 22.48 22.66
C VAL C 409 -6.66 21.16 21.90
N PRO C 410 -7.80 20.94 21.23
CA PRO C 410 -8.03 19.63 20.53
C PRO C 410 -7.00 19.38 19.45
N PRO C 411 -6.77 18.12 19.08
CA PRO C 411 -5.71 17.79 18.10
C PRO C 411 -6.13 17.91 16.63
N ILE C 412 -7.38 18.26 16.32
CA ILE C 412 -7.75 18.76 15.01
C ILE C 412 -8.52 20.06 15.27
N SER C 413 -8.54 20.91 14.25
CA SER C 413 -9.35 22.14 14.31
C SER C 413 -9.04 22.99 15.52
N GLY C 414 -7.80 22.90 16.03
CA GLY C 414 -7.46 23.57 17.28
C GLY C 414 -7.94 25.00 17.35
N SER C 415 -7.60 25.80 16.33
CA SER C 415 -7.88 27.22 16.38
C SER C 415 -9.34 27.56 16.12
N LEU C 416 -10.16 26.58 15.72
CA LEU C 416 -11.60 26.77 15.64
C LEU C 416 -12.30 26.73 16.99
N THR C 417 -11.59 26.32 18.04
CA THR C 417 -12.17 26.16 19.38
C THR C 417 -11.79 27.35 20.24
N PRO C 418 -12.61 27.74 21.22
CA PRO C 418 -12.35 28.99 21.94
C PRO C 418 -11.17 28.91 22.91
N VAL C 419 -10.67 27.71 23.21
CA VAL C 419 -9.50 27.57 24.06
C VAL C 419 -8.20 27.91 23.34
N PHE C 420 -8.18 27.93 22.00
CA PHE C 420 -6.94 28.18 21.28
C PHE C 420 -6.35 29.54 21.64
N HIS C 421 -7.18 30.57 21.71
CA HIS C 421 -6.80 31.96 21.97
C HIS C 421 -6.82 32.33 23.45
N GLN C 422 -7.00 31.37 24.34
CA GLN C 422 -7.05 31.61 25.78
C GLN C 422 -5.67 31.26 26.36
N GLU C 423 -4.94 32.28 26.81
CA GLU C 423 -3.67 31.99 27.46
C GLU C 423 -3.91 31.26 28.77
N MET C 424 -2.95 30.42 29.16
CA MET C 424 -3.16 29.49 30.24
C MET C 424 -1.90 29.40 31.10
N VAL C 425 -2.11 29.02 32.36
CA VAL C 425 -1.03 28.88 33.34
C VAL C 425 -1.04 27.46 33.87
N ASN C 426 0.12 26.81 33.83
CA ASN C 426 0.24 25.42 34.22
C ASN C 426 1.13 25.32 35.45
N TYR C 427 0.64 24.60 36.46
CA TYR C 427 1.34 24.42 37.74
C TYR C 427 0.73 23.21 38.45
N PHE C 428 1.38 22.78 39.52
CA PHE C 428 1.03 21.55 40.21
C PHE C 428 0.40 21.87 41.56
N LEU C 429 -0.86 21.47 41.72
CA LEU C 429 -1.54 21.50 43.00
C LEU C 429 -1.67 20.08 43.52
N SER C 430 -1.86 19.97 44.84
CA SER C 430 -2.14 18.74 45.53
C SER C 430 -3.48 18.89 46.25
N PRO C 431 -4.30 17.81 46.34
CA PRO C 431 -4.20 16.45 45.78
C PRO C 431 -3.99 16.39 44.28
N ALA C 432 -3.50 15.26 43.77
CA ALA C 432 -3.16 15.14 42.37
C ALA C 432 -3.12 13.67 41.92
N PHE C 433 -3.31 13.48 40.64
CA PHE C 433 -2.94 12.25 39.94
C PHE C 433 -1.53 12.43 39.34
N ARG C 434 -0.69 11.40 39.48
CA ARG C 434 0.69 11.44 39.03
C ARG C 434 1.04 10.18 38.24
N TYR C 435 1.95 10.34 37.30
CA TYR C 435 2.47 9.17 36.60
C TYR C 435 3.44 8.43 37.51
N GLN C 436 3.66 7.15 37.22
CA GLN C 436 4.45 6.32 38.12
C GLN C 436 5.13 5.25 37.29
N PRO C 437 6.27 4.73 37.73
CA PRO C 437 6.99 3.75 36.91
C PRO C 437 6.13 2.52 36.69
N ASP C 438 6.34 1.87 35.55
CA ASP C 438 5.68 0.60 35.31
C ASP C 438 6.07 -0.41 36.39
N PRO C 439 5.19 -1.36 36.71
CA PRO C 439 5.49 -2.26 37.82
C PRO C 439 6.65 -3.20 37.55
N TRP C 440 6.84 -3.66 36.31
CA TRP C 440 8.06 -4.40 35.98
C TRP C 440 9.26 -3.45 35.85
N LYS D 27 21.47 17.43 33.23
CA LYS D 27 21.41 18.88 33.15
C LYS D 27 20.81 19.36 31.83
N PHE D 28 21.20 18.71 30.74
CA PHE D 28 20.64 18.99 29.42
C PHE D 28 19.29 18.30 29.27
N PRO D 29 18.25 19.02 28.84
CA PRO D 29 16.91 18.40 28.76
C PRO D 29 16.86 17.28 27.72
N ARG D 30 16.37 16.11 28.15
CA ARG D 30 16.07 15.04 27.22
C ARG D 30 14.71 15.30 26.54
N VAL D 31 14.68 15.27 25.22
CA VAL D 31 13.44 15.43 24.47
C VAL D 31 13.26 14.26 23.53
N LYS D 32 11.99 13.91 23.31
CA LYS D 32 11.61 12.66 22.70
C LYS D 32 10.63 12.90 21.55
N ASN D 33 10.75 12.09 20.50
CA ASN D 33 9.74 12.02 19.47
C ASN D 33 8.87 10.79 19.74
N TRP D 34 7.56 11.01 19.91
CA TRP D 34 6.66 9.93 20.29
C TRP D 34 6.05 9.19 19.10
N GLU D 35 6.19 9.73 17.88
CA GLU D 35 5.85 8.95 16.69
C GLU D 35 6.89 7.87 16.42
N VAL D 36 8.15 8.15 16.71
CA VAL D 36 9.27 7.33 16.25
C VAL D 36 9.99 6.65 17.41
N GLY D 37 10.01 7.31 18.57
CA GLY D 37 10.71 6.78 19.73
C GLY D 37 12.09 7.39 19.98
N SER D 38 12.53 8.33 19.15
CA SER D 38 13.88 8.86 19.26
C SER D 38 14.02 9.79 20.46
N ILE D 39 15.23 9.84 21.00
CA ILE D 39 15.56 10.67 22.16
C ILE D 39 16.79 11.50 21.83
N THR D 40 16.69 12.82 22.00
CA THR D 40 17.84 13.71 21.89
C THR D 40 17.90 14.63 23.11
N TYR D 41 19.07 15.24 23.29
CA TYR D 41 19.39 16.16 24.37
C TYR D 41 19.72 17.52 23.76
N ASP D 42 19.00 18.56 24.18
CA ASP D 42 19.22 19.92 23.71
C ASP D 42 20.34 20.55 24.54
N THR D 43 21.59 20.44 24.06
CA THR D 43 22.65 21.12 24.79
C THR D 43 22.63 22.62 24.54
N LEU D 44 22.09 23.03 23.38
CA LEU D 44 22.10 24.44 22.99
C LEU D 44 21.38 25.34 23.99
N SER D 45 20.38 24.81 24.70
CA SER D 45 19.55 25.66 25.57
C SER D 45 20.37 26.22 26.72
N ALA D 46 21.45 25.56 27.10
CA ALA D 46 22.31 26.06 28.16
C ALA D 46 22.99 27.38 27.78
N GLN D 47 23.05 27.69 26.49
CA GLN D 47 23.54 28.95 25.97
C GLN D 47 22.52 30.09 26.04
N ALA D 48 21.27 29.78 26.36
CA ALA D 48 20.22 30.81 26.41
C ALA D 48 20.61 31.92 27.37
N GLN D 49 20.70 33.14 26.86
CA GLN D 49 20.90 34.31 27.69
C GLN D 49 19.86 35.35 27.30
N GLN D 50 19.14 35.86 28.33
CA GLN D 50 17.86 36.58 28.30
C GLN D 50 16.79 35.59 28.74
N ASP D 51 15.96 36.00 29.69
CA ASP D 51 15.12 35.07 30.41
C ASP D 51 13.68 35.12 29.92
N GLY D 52 13.06 33.93 29.91
CA GLY D 52 11.67 33.78 29.52
C GLY D 52 10.75 33.89 30.71
N PRO D 53 9.47 33.57 30.51
CA PRO D 53 8.47 33.88 31.54
C PRO D 53 8.27 32.78 32.58
N CYS D 54 8.91 31.63 32.41
CA CYS D 54 8.57 30.44 33.18
C CYS D 54 9.48 30.31 34.38
N THR D 55 8.94 29.68 35.44
CA THR D 55 9.67 29.38 36.67
C THR D 55 9.39 27.94 37.08
N PRO D 56 10.18 27.36 38.00
CA PRO D 56 9.84 26.01 38.48
C PRO D 56 8.42 25.91 39.02
N ARG D 57 7.85 27.01 39.51
CA ARG D 57 6.52 26.96 40.11
C ARG D 57 5.38 27.02 39.07
N ARG D 58 5.58 27.66 37.91
CA ARG D 58 4.51 27.71 36.93
C ARG D 58 5.04 28.04 35.53
N CYS D 59 4.44 27.39 34.51
CA CYS D 59 4.81 27.55 33.11
C CYS D 59 3.89 28.58 32.44
N LEU D 60 4.49 29.48 31.67
CA LEU D 60 3.79 30.55 30.99
C LEU D 60 4.12 30.52 29.51
N GLY D 61 4.41 29.32 28.99
CA GLY D 61 4.83 29.22 27.61
C GLY D 61 3.75 29.51 26.59
N SER D 62 2.49 29.56 27.01
CA SER D 62 1.39 29.88 26.10
C SER D 62 1.12 31.39 26.00
N LEU D 63 1.85 32.24 26.75
CA LEU D 63 1.63 33.68 26.69
C LEU D 63 2.18 34.25 25.38
N VAL D 64 1.39 35.12 24.73
CA VAL D 64 1.71 35.62 23.40
C VAL D 64 2.89 36.59 23.45
N PHE D 65 2.86 37.55 24.40
CA PHE D 65 3.94 38.52 24.58
C PHE D 65 4.55 38.26 25.94
N PRO D 66 5.46 37.28 26.04
CA PRO D 66 5.99 36.91 27.36
C PRO D 66 6.66 38.09 28.06
N ARG D 67 7.28 38.98 27.28
CA ARG D 67 7.97 40.12 27.85
C ARG D 67 6.98 41.15 28.40
N LYS D 68 6.36 41.93 27.52
CA LYS D 68 5.34 42.89 27.94
C LYS D 68 4.26 43.00 26.87
N ALA D 79 26.33 50.18 30.40
CA ALA D 79 26.07 50.01 28.97
C ALA D 79 27.28 49.48 28.21
N PRO D 80 28.51 50.08 28.40
CA PRO D 80 29.67 49.63 27.62
C PRO D 80 29.99 48.15 27.81
N GLU D 81 30.26 47.74 29.06
CA GLU D 81 30.61 46.36 29.34
C GLU D 81 29.55 45.40 28.81
N GLN D 82 28.26 45.77 28.89
CA GLN D 82 27.23 44.86 28.44
C GLN D 82 27.19 44.76 26.92
N LEU D 83 27.35 45.90 26.23
CA LEU D 83 27.40 45.88 24.77
C LEU D 83 28.59 45.06 24.27
N LEU D 84 29.75 45.21 24.92
CA LEU D 84 30.93 44.47 24.50
C LEU D 84 30.73 42.96 24.58
N SER D 85 30.20 42.47 25.72
CA SER D 85 30.06 41.02 25.85
C SER D 85 29.09 40.44 24.84
N GLN D 86 28.06 41.21 24.45
CA GLN D 86 27.18 40.80 23.35
C GLN D 86 27.90 40.90 22.01
N ALA D 87 28.70 41.97 21.84
CA ALA D 87 29.46 42.15 20.62
C ALA D 87 30.49 41.04 20.47
N ARG D 88 31.23 40.74 21.55
CA ARG D 88 32.22 39.67 21.50
C ARG D 88 31.56 38.32 21.24
N ASP D 89 30.42 38.05 21.87
CA ASP D 89 29.75 36.79 21.59
C ASP D 89 29.36 36.71 20.12
N PHE D 90 28.80 37.79 19.58
CA PHE D 90 28.40 37.75 18.19
C PHE D 90 29.59 37.52 17.27
N ILE D 91 30.67 38.30 17.46
CA ILE D 91 31.88 38.13 16.65
C ILE D 91 32.36 36.68 16.71
N ASN D 92 32.48 36.16 17.93
CA ASN D 92 32.81 34.75 18.12
C ASN D 92 31.88 33.83 17.31
N GLN D 93 30.58 34.16 17.27
CA GLN D 93 29.67 33.36 16.45
C GLN D 93 30.03 33.50 14.98
N TYR D 94 30.19 34.74 14.51
CA TYR D 94 30.55 34.93 13.11
C TYR D 94 31.82 34.15 12.76
N TYR D 95 32.84 34.20 13.62
CA TYR D 95 34.09 33.56 13.25
C TYR D 95 34.03 32.04 13.36
N SER D 96 33.10 31.49 14.14
CA SER D 96 32.91 30.04 14.10
C SER D 96 32.17 29.62 12.84
N SER D 97 31.23 30.44 12.38
CA SER D 97 30.43 30.09 11.21
C SER D 97 31.29 29.83 10.00
N ILE D 98 32.46 30.46 9.93
CA ILE D 98 33.33 30.37 8.77
C ILE D 98 34.55 29.52 9.04
N LYS D 99 34.57 28.78 10.15
CA LYS D 99 35.65 27.82 10.45
C LYS D 99 37.00 28.53 10.45
N ARG D 100 37.06 29.65 11.17
CA ARG D 100 38.28 30.41 11.33
C ARG D 100 38.37 30.99 12.73
N SER D 101 37.83 30.28 13.71
CA SER D 101 37.89 30.72 15.10
CA SER D 101 37.90 30.73 15.09
C SER D 101 39.34 30.75 15.58
N GLY D 102 39.67 31.75 16.39
CA GLY D 102 41.03 31.93 16.90
C GLY D 102 42.03 32.44 15.89
N SER D 103 41.61 32.74 14.67
CA SER D 103 42.52 33.21 13.64
C SER D 103 42.95 34.65 13.91
N GLN D 104 43.86 35.13 13.05
CA GLN D 104 44.36 36.49 13.18
C GLN D 104 43.27 37.51 12.86
N ALA D 105 42.49 37.26 11.80
CA ALA D 105 41.36 38.13 11.51
C ALA D 105 40.37 38.16 12.67
N HIS D 106 40.13 37.01 13.29
CA HIS D 106 39.19 36.96 14.42
C HIS D 106 39.69 37.81 15.57
N GLU D 107 40.91 37.53 16.04
CA GLU D 107 41.53 38.35 17.09
C GLU D 107 41.52 39.82 16.73
N GLN D 108 41.76 40.16 15.46
CA GLN D 108 41.84 41.56 15.06
C GLN D 108 40.48 42.23 15.08
N ARG D 109 39.46 41.54 14.56
CA ARG D 109 38.11 42.08 14.57
C ARG D 109 37.60 42.28 16.00
N LEU D 110 37.91 41.35 16.91
CA LEU D 110 37.58 41.54 18.31
C LEU D 110 38.18 42.84 18.84
N GLN D 111 39.49 43.04 18.63
CA GLN D 111 40.16 44.26 19.09
C GLN D 111 39.54 45.50 18.44
N GLU D 112 39.28 45.43 17.14
CA GLU D 112 38.69 46.57 16.45
C GLU D 112 37.35 46.96 17.08
N VAL D 113 36.50 45.97 17.40
CA VAL D 113 35.19 46.28 18.00
C VAL D 113 35.38 46.91 19.37
N GLU D 114 36.15 46.25 20.25
CA GLU D 114 36.42 46.82 21.57
C GLU D 114 36.98 48.24 21.49
N ALA D 115 37.73 48.56 20.43
CA ALA D 115 38.25 49.92 20.35
C ALA D 115 37.18 50.92 19.94
N GLU D 116 36.24 50.49 19.09
CA GLU D 116 35.21 51.42 18.64
C GLU D 116 34.18 51.69 19.74
N VAL D 117 33.88 50.70 20.59
CA VAL D 117 32.95 50.90 21.69
C VAL D 117 33.53 51.86 22.72
N ALA D 118 34.83 51.70 23.05
CA ALA D 118 35.48 52.63 23.98
C ALA D 118 35.49 54.04 23.42
N ALA D 119 35.66 54.18 22.10
CA ALA D 119 35.82 55.50 21.50
C ALA D 119 34.48 56.20 21.31
N THR D 120 33.44 55.44 21.00
CA THR D 120 32.16 56.01 20.59
C THR D 120 30.95 55.50 21.38
N GLY D 121 31.08 54.40 22.11
CA GLY D 121 29.94 53.79 22.76
C GLY D 121 29.09 52.88 21.88
N THR D 122 29.32 52.85 20.56
CA THR D 122 28.65 51.92 19.65
C THR D 122 29.69 51.35 18.69
N TYR D 123 29.24 50.54 17.72
CA TYR D 123 30.13 50.13 16.64
C TYR D 123 29.29 49.82 15.40
N GLN D 124 29.98 49.49 14.31
CA GLN D 124 29.36 49.17 13.03
C GLN D 124 29.71 47.74 12.66
N LEU D 125 28.71 47.01 12.19
CA LEU D 125 28.95 45.71 11.59
C LEU D 125 29.58 45.89 10.22
N ARG D 126 30.45 44.93 9.88
CA ARG D 126 30.82 44.79 8.48
C ARG D 126 29.64 44.20 7.69
N GLU D 127 29.68 44.35 6.38
CA GLU D 127 28.59 43.85 5.55
C GLU D 127 28.31 42.38 5.82
N SER D 128 29.37 41.56 5.82
CA SER D 128 29.23 40.11 5.93
CA SER D 128 29.23 40.11 5.94
C SER D 128 28.82 39.69 7.34
N GLU D 129 29.16 40.49 8.36
CA GLU D 129 28.63 40.18 9.68
C GLU D 129 27.14 40.42 9.73
N LEU D 130 26.67 41.45 9.02
CA LEU D 130 25.25 41.81 9.03
C LEU D 130 24.42 40.74 8.31
N VAL D 131 24.91 40.22 7.18
CA VAL D 131 24.26 39.12 6.49
C VAL D 131 24.16 37.91 7.40
N PHE D 132 25.27 37.56 8.07
CA PHE D 132 25.23 36.42 8.96
C PHE D 132 24.28 36.65 10.13
N GLY D 133 24.25 37.88 10.65
CA GLY D 133 23.39 38.14 11.80
C GLY D 133 21.92 38.03 11.46
N ALA D 134 21.52 38.53 10.28
CA ALA D 134 20.11 38.45 9.90
C ALA D 134 19.66 37.00 9.77
N LYS D 135 20.50 36.15 9.16
CA LYS D 135 20.18 34.74 9.03
C LYS D 135 20.13 34.04 10.37
N GLN D 136 20.96 34.46 11.32
CA GLN D 136 20.95 33.80 12.61
C GLN D 136 19.71 34.16 13.39
N ALA D 137 19.26 35.41 13.27
CA ALA D 137 17.99 35.83 13.84
C ALA D 137 16.85 34.94 13.34
N TRP D 138 16.80 34.71 12.02
CA TRP D 138 15.79 33.81 11.47
C TRP D 138 15.96 32.40 12.03
N ARG D 139 17.19 31.88 11.98
CA ARG D 139 17.50 30.55 12.47
C ARG D 139 17.03 30.34 13.91
N ASN D 140 17.08 31.39 14.72
CA ASN D 140 16.76 31.35 16.14
C ASN D 140 15.31 31.70 16.44
N ALA D 141 14.47 31.95 15.45
CA ALA D 141 13.09 32.35 15.80
C ALA D 141 12.27 31.14 16.26
N PRO D 142 11.89 31.05 17.55
CA PRO D 142 11.27 29.79 18.05
C PRO D 142 9.89 29.50 17.45
N ARG D 143 9.12 30.52 17.10
CA ARG D 143 7.79 30.33 16.57
C ARG D 143 7.75 30.17 15.06
N CYS D 144 8.88 30.13 14.33
CA CYS D 144 8.86 30.06 12.85
C CYS D 144 9.05 28.63 12.36
N VAL D 145 8.06 28.13 11.60
CA VAL D 145 8.10 26.78 11.02
C VAL D 145 8.85 26.75 9.69
N GLY D 146 9.08 27.91 9.06
CA GLY D 146 9.81 27.95 7.81
C GLY D 146 11.33 28.02 7.84
N ARG D 147 11.98 27.66 8.95
CA ARG D 147 13.42 27.88 9.10
C ARG D 147 14.30 26.85 8.39
N ILE D 148 13.75 25.88 7.65
CA ILE D 148 14.62 25.03 6.83
C ILE D 148 15.40 25.91 5.86
N GLN D 149 14.81 27.05 5.51
CA GLN D 149 15.21 27.99 4.48
C GLN D 149 16.22 29.03 4.98
N TRP D 150 16.61 28.99 6.27
CA TRP D 150 17.24 30.14 6.91
C TRP D 150 18.54 30.55 6.21
N GLY D 151 19.21 29.60 5.56
CA GLY D 151 20.43 29.93 4.84
C GLY D 151 20.21 30.69 3.54
N LYS D 152 19.07 30.47 2.90
CA LYS D 152 18.75 31.19 1.66
C LYS D 152 17.92 32.40 2.04
N LEU D 153 18.61 33.53 2.22
CA LEU D 153 17.98 34.77 2.66
C LEU D 153 18.71 35.90 1.98
N GLN D 154 17.99 36.74 1.26
CA GLN D 154 18.62 37.88 0.56
C GLN D 154 18.60 39.08 1.50
N VAL D 155 19.78 39.59 1.83
CA VAL D 155 19.94 40.64 2.82
C VAL D 155 20.26 41.92 2.08
N PHE D 156 19.32 42.86 2.04
CA PHE D 156 19.57 44.16 1.45
C PHE D 156 20.07 45.14 2.51
N ASP D 157 21.29 45.64 2.33
CA ASP D 157 21.90 46.58 3.27
C ASP D 157 21.41 47.99 2.95
N ALA D 158 20.64 48.57 3.87
CA ALA D 158 20.07 49.90 3.68
C ALA D 158 20.54 50.87 4.78
N ARG D 159 21.69 50.58 5.40
CA ARG D 159 22.16 51.37 6.53
C ARG D 159 22.58 52.78 6.14
N ASP D 160 22.75 53.07 4.85
CA ASP D 160 23.05 54.43 4.46
C ASP D 160 21.79 55.24 4.17
N CYS D 161 20.60 54.66 4.41
CA CYS D 161 19.36 55.33 4.10
C CYS D 161 19.23 56.59 4.94
N ARG D 162 18.72 57.67 4.33
CA ARG D 162 18.74 58.96 5.01
C ARG D 162 17.40 59.71 5.02
N SER D 163 16.32 59.12 4.54
CA SER D 163 15.05 59.86 4.55
C SER D 163 13.88 58.91 4.37
N ALA D 164 12.69 59.39 4.75
CA ALA D 164 11.48 58.61 4.52
C ALA D 164 11.31 58.31 3.05
N GLN D 165 11.71 59.24 2.19
CA GLN D 165 11.55 59.02 0.75
C GLN D 165 12.46 57.89 0.25
N GLU D 166 13.68 57.80 0.78
CA GLU D 166 14.58 56.74 0.36
C GLU D 166 14.21 55.40 0.97
N MET D 167 13.58 55.39 2.14
CA MET D 167 13.02 54.17 2.71
C MET D 167 12.04 53.53 1.73
N PHE D 168 11.10 54.34 1.25
CA PHE D 168 10.10 53.90 0.30
C PHE D 168 10.73 53.26 -0.93
N THR D 169 11.77 53.89 -1.49
CA THR D 169 12.42 53.28 -2.66
C THR D 169 13.04 51.95 -2.29
N TYR D 170 13.63 51.86 -1.08
CA TYR D 170 14.17 50.61 -0.57
C TYR D 170 13.08 49.57 -0.35
N ILE D 171 11.91 49.99 0.15
CA ILE D 171 10.85 49.01 0.39
C ILE D 171 10.30 48.50 -0.93
N CYS D 172 10.18 49.39 -1.92
CA CYS D 172 9.67 48.98 -3.23
C CYS D 172 10.60 47.97 -3.89
N ASN D 173 11.91 48.14 -3.73
CA ASN D 173 12.83 47.17 -4.31
C ASN D 173 12.79 45.84 -3.58
N HIS D 174 12.67 45.88 -2.25
CA HIS D 174 12.40 44.68 -1.50
C HIS D 174 11.21 43.92 -2.10
N ILE D 175 10.05 44.59 -2.23
CA ILE D 175 8.84 43.89 -2.69
C ILE D 175 9.05 43.30 -4.07
N LYS D 176 9.66 44.09 -4.97
CA LYS D 176 9.95 43.61 -6.32
C LYS D 176 10.79 42.35 -6.28
N TYR D 177 11.92 42.37 -5.58
CA TYR D 177 12.79 41.20 -5.59
C TYR D 177 12.09 39.98 -4.98
N ALA D 178 11.33 40.19 -3.90
CA ALA D 178 10.81 39.09 -3.10
C ALA D 178 9.59 38.45 -3.77
N THR D 179 8.74 39.27 -4.37
CA THR D 179 7.62 38.78 -5.16
C THR D 179 8.12 37.97 -6.36
N ASN D 180 8.99 38.58 -7.17
CA ASN D 180 9.58 37.89 -8.31
C ASN D 180 8.49 37.24 -9.15
N ARG D 181 7.44 38.00 -9.41
CA ARG D 181 6.37 37.61 -10.32
C ARG D 181 5.66 36.34 -9.86
N GLY D 182 5.78 35.98 -8.59
CA GLY D 182 5.11 34.84 -8.02
C GLY D 182 6.03 33.72 -7.61
N ASN D 183 7.28 33.72 -8.04
CA ASN D 183 8.27 32.81 -7.48
C ASN D 183 8.95 33.54 -6.32
N LEU D 184 8.32 33.45 -5.16
CA LEU D 184 8.69 34.26 -4.00
C LEU D 184 10.08 33.90 -3.50
N ARG D 185 10.82 34.92 -3.06
CA ARG D 185 12.17 34.76 -2.53
C ARG D 185 12.26 35.42 -1.16
N SER D 186 12.82 34.72 -0.19
CA SER D 186 13.04 35.31 1.15
C SER D 186 13.98 36.50 1.09
N ALA D 187 13.64 37.55 1.84
CA ALA D 187 14.48 38.75 1.84
C ALA D 187 14.28 39.55 3.12
N ILE D 188 15.32 40.28 3.49
CA ILE D 188 15.27 41.25 4.58
C ILE D 188 15.97 42.52 4.13
N THR D 189 15.34 43.66 4.39
CA THR D 189 15.99 44.95 4.20
C THR D 189 16.24 45.59 5.57
N VAL D 190 17.49 46.01 5.81
CA VAL D 190 17.93 46.48 7.12
C VAL D 190 18.26 47.97 7.03
N PHE D 191 17.44 48.79 7.68
CA PHE D 191 17.66 50.23 7.74
C PHE D 191 18.64 50.55 8.87
N PRO D 192 19.06 51.81 9.02
CA PRO D 192 20.15 52.12 9.98
C PRO D 192 19.79 51.79 11.41
N GLN D 193 20.82 51.37 12.16
CA GLN D 193 20.66 50.95 13.54
C GLN D 193 20.27 52.11 14.45
N ARG D 194 19.71 51.76 15.61
CA ARG D 194 19.43 52.74 16.65
C ARG D 194 20.73 53.34 17.15
N CYS D 195 20.69 54.63 17.47
N CYS D 195 20.70 54.63 17.44
CA CYS D 195 21.90 55.38 17.76
CA CYS D 195 21.90 55.33 17.81
C CYS D 195 21.58 56.52 18.73
C CYS D 195 21.57 56.47 18.76
N PRO D 196 22.40 56.71 19.77
CA PRO D 196 22.14 57.82 20.70
C PRO D 196 22.11 59.14 19.98
N GLY D 197 21.20 60.01 20.39
CA GLY D 197 21.12 61.35 19.84
C GLY D 197 20.45 61.45 18.49
N ARG D 198 19.65 60.43 18.13
CA ARG D 198 18.89 60.42 16.88
C ARG D 198 17.69 59.52 17.09
N GLY D 199 16.56 59.92 16.55
CA GLY D 199 15.40 59.06 16.55
C GLY D 199 15.60 57.88 15.59
N ASP D 200 14.67 56.95 15.67
CA ASP D 200 14.75 55.69 14.94
C ASP D 200 14.10 55.79 13.57
N PHE D 201 14.59 54.99 12.63
CA PHE D 201 13.75 54.64 11.49
C PHE D 201 12.68 53.66 11.97
N ARG D 202 11.45 53.85 11.49
CA ARG D 202 10.34 52.99 11.89
C ARG D 202 9.34 52.88 10.75
N ILE D 203 8.81 51.68 10.56
CA ILE D 203 7.71 51.41 9.64
C ILE D 203 6.48 51.18 10.50
N TRP D 204 5.47 52.05 10.38
CA TRP D 204 4.35 52.01 11.29
C TRP D 204 3.41 50.83 11.01
N ASN D 205 3.33 50.42 9.76
CA ASN D 205 2.53 49.26 9.39
C ASN D 205 3.15 47.98 9.96
N SER D 206 2.29 47.09 10.44
CA SER D 206 2.76 45.78 10.90
C SER D 206 3.26 44.91 9.75
N GLN D 207 2.74 45.12 8.56
CA GLN D 207 3.15 44.37 7.38
C GLN D 207 3.18 45.30 6.19
N LEU D 208 4.02 44.98 5.20
CA LEU D 208 4.14 45.88 4.05
C LEU D 208 2.85 45.92 3.25
N VAL D 209 2.17 44.79 3.10
CA VAL D 209 0.90 44.70 2.39
C VAL D 209 -0.16 44.30 3.39
N ARG D 210 -1.14 45.18 3.63
CA ARG D 210 -2.24 44.89 4.53
C ARG D 210 -3.51 45.49 3.94
N TYR D 211 -4.64 44.89 4.31
CA TYR D 211 -5.92 45.36 3.84
C TYR D 211 -6.50 46.33 4.85
N ALA D 212 -7.17 47.35 4.34
CA ALA D 212 -7.77 48.34 5.21
C ALA D 212 -8.97 47.75 5.94
N GLY D 213 -9.20 48.24 7.14
CA GLY D 213 -10.33 47.82 7.95
C GLY D 213 -11.15 48.99 8.40
N TYR D 214 -11.89 49.60 7.47
CA TYR D 214 -12.79 50.71 7.78
C TYR D 214 -13.78 50.34 8.86
N ARG D 215 -13.58 50.88 10.07
CA ARG D 215 -14.49 50.59 11.18
C ARG D 215 -15.84 51.26 10.96
N GLN D 216 -16.91 50.49 11.14
CA GLN D 216 -18.24 51.06 11.17
C GLN D 216 -18.64 51.33 12.62
N GLN D 217 -19.62 52.23 12.79
CA GLN D 217 -19.84 52.85 14.09
C GLN D 217 -20.34 51.86 15.13
N ASP D 218 -21.16 50.90 14.71
CA ASP D 218 -21.73 49.93 15.65
C ASP D 218 -20.65 49.15 16.40
N GLY D 219 -19.55 48.83 15.71
CA GLY D 219 -18.55 47.90 16.22
C GLY D 219 -18.41 46.70 15.31
N SER D 220 -18.78 46.90 14.04
CA SER D 220 -18.76 45.86 13.00
C SER D 220 -17.98 46.40 11.80
N VAL D 221 -16.81 45.81 11.54
CA VAL D 221 -15.83 46.35 10.60
C VAL D 221 -16.07 45.79 9.20
N ARG D 222 -15.69 46.57 8.19
CA ARG D 222 -15.58 46.10 6.81
C ARG D 222 -14.10 46.05 6.41
N GLY D 223 -13.72 44.99 5.69
CA GLY D 223 -12.32 44.75 5.41
C GLY D 223 -11.67 44.00 6.55
N ASP D 224 -10.39 44.23 6.83
CA ASP D 224 -9.70 43.43 7.84
C ASP D 224 -9.83 44.08 9.21
N PRO D 225 -10.50 43.43 10.18
CA PRO D 225 -10.59 44.02 11.53
C PRO D 225 -9.25 44.12 12.24
N ALA D 226 -8.31 43.22 11.95
CA ALA D 226 -6.98 43.31 12.54
C ALA D 226 -6.35 44.68 12.32
N ASN D 227 -6.63 45.30 11.17
CA ASN D 227 -5.98 46.52 10.71
C ASN D 227 -6.86 47.73 10.90
N VAL D 228 -7.63 47.78 11.99
CA VAL D 228 -8.49 48.94 12.22
C VAL D 228 -7.67 50.10 12.78
N GLU D 229 -6.68 49.81 13.62
CA GLU D 229 -5.88 50.88 14.22
C GLU D 229 -5.06 51.60 13.17
N ILE D 230 -4.20 50.86 12.46
CA ILE D 230 -3.35 51.44 11.44
C ILE D 230 -4.14 52.11 10.32
N THR D 231 -5.41 51.71 10.15
CA THR D 231 -6.24 52.31 9.10
C THR D 231 -6.64 53.74 9.45
N GLU D 232 -7.05 53.96 10.71
CA GLU D 232 -7.46 55.29 11.14
C GLU D 232 -6.25 56.21 11.30
N LEU D 233 -5.13 55.67 11.78
CA LEU D 233 -3.87 56.40 11.70
C LEU D 233 -3.54 56.79 10.26
N CYS D 234 -3.79 55.89 9.31
CA CYS D 234 -3.53 56.22 7.91
C CYS D 234 -4.38 57.39 7.45
N ILE D 235 -5.65 57.41 7.86
CA ILE D 235 -6.54 58.49 7.44
C ILE D 235 -6.15 59.79 8.11
N GLN D 236 -5.92 59.74 9.44
CA GLN D 236 -5.46 60.90 10.20
C GLN D 236 -4.30 61.61 9.51
N HIS D 237 -3.39 60.84 8.93
CA HIS D 237 -2.23 61.35 8.21
C HIS D 237 -2.50 61.56 6.72
N GLY D 238 -3.77 61.67 6.31
CA GLY D 238 -4.11 62.25 5.03
C GLY D 238 -4.49 61.29 3.90
N TRP D 239 -4.51 59.98 4.14
CA TRP D 239 -4.92 59.06 3.10
C TRP D 239 -6.43 59.13 2.88
N THR D 240 -6.85 59.28 1.64
CA THR D 240 -8.28 59.31 1.32
C THR D 240 -8.78 57.88 1.16
N PRO D 241 -9.75 57.43 1.97
CA PRO D 241 -10.05 55.99 2.06
C PRO D 241 -10.77 55.40 0.87
N GLY D 242 -11.18 54.14 1.02
CA GLY D 242 -12.07 53.46 0.09
C GLY D 242 -13.21 52.82 0.85
N ASN D 243 -13.88 51.83 0.26
CA ASN D 243 -14.90 51.10 1.01
C ASN D 243 -15.05 49.66 0.50
N GLY D 244 -13.95 49.04 0.09
CA GLY D 244 -13.95 47.65 -0.27
C GLY D 244 -13.45 46.78 0.87
N ARG D 245 -13.49 45.47 0.64
CA ARG D 245 -12.98 44.51 1.59
C ARG D 245 -11.50 44.21 1.39
N PHE D 246 -10.89 44.71 0.32
CA PHE D 246 -9.51 44.38 0.00
C PHE D 246 -8.75 45.60 -0.50
N ASP D 247 -8.82 46.70 0.24
CA ASP D 247 -8.07 47.92 -0.08
C ASP D 247 -6.69 47.85 0.57
N VAL D 248 -5.64 47.79 -0.26
CA VAL D 248 -4.28 47.81 0.28
C VAL D 248 -3.99 49.13 0.98
N LEU D 249 -3.52 49.04 2.22
CA LEU D 249 -3.18 50.22 3.01
C LEU D 249 -1.86 50.84 2.55
N PRO D 250 -1.77 52.16 2.54
CA PRO D 250 -0.49 52.80 2.19
C PRO D 250 0.52 52.63 3.32
N LEU D 251 1.77 52.99 3.08
CA LEU D 251 2.81 52.86 4.10
C LEU D 251 3.04 54.18 4.82
N LEU D 252 3.04 54.13 6.15
CA LEU D 252 3.47 55.23 6.99
C LEU D 252 4.92 54.97 7.35
N LEU D 253 5.82 55.72 6.71
CA LEU D 253 7.26 55.59 6.95
C LEU D 253 7.74 56.75 7.81
N GLN D 254 8.63 56.44 8.74
CA GLN D 254 9.09 57.43 9.73
C GLN D 254 10.60 57.47 9.69
N ALA D 255 11.13 58.61 9.24
CA ALA D 255 12.55 58.93 9.29
C ALA D 255 12.90 59.55 10.64
N PRO D 256 14.18 59.52 11.04
CA PRO D 256 14.56 59.98 12.38
C PRO D 256 14.05 61.38 12.71
N ASP D 257 13.38 61.50 13.86
CA ASP D 257 12.91 62.78 14.40
C ASP D 257 11.97 63.49 13.42
N GLU D 258 11.09 62.72 12.78
CA GLU D 258 10.16 63.24 11.81
C GLU D 258 8.83 62.52 11.98
N PRO D 259 7.70 63.23 11.90
CA PRO D 259 6.41 62.56 11.91
C PRO D 259 6.28 61.63 10.73
N PRO D 260 5.39 60.63 10.81
CA PRO D 260 5.34 59.61 9.76
C PRO D 260 4.82 60.19 8.45
N GLU D 261 5.31 59.61 7.36
CA GLU D 261 5.06 60.10 6.01
C GLU D 261 4.32 59.01 5.24
N LEU D 262 3.32 59.42 4.47
CA LEU D 262 2.42 58.50 3.78
C LEU D 262 2.91 58.26 2.35
N PHE D 263 2.96 56.99 1.95
CA PHE D 263 3.37 56.59 0.61
C PHE D 263 2.43 55.49 0.10
N LEU D 264 1.93 55.65 -1.13
CA LEU D 264 1.02 54.67 -1.73
C LEU D 264 1.81 53.63 -2.51
N LEU D 265 1.57 52.36 -2.21
CA LEU D 265 2.21 51.31 -2.96
C LEU D 265 1.63 51.27 -4.37
N PRO D 266 2.46 51.10 -5.39
CA PRO D 266 1.95 50.97 -6.77
C PRO D 266 1.13 49.72 -6.95
N PRO D 267 -0.10 49.82 -7.47
CA PRO D 267 -0.92 48.62 -7.68
C PRO D 267 -0.19 47.49 -8.39
N GLU D 268 0.64 47.84 -9.37
CA GLU D 268 1.39 46.86 -10.15
C GLU D 268 2.38 46.05 -9.33
N LEU D 269 2.71 46.52 -8.12
CA LEU D 269 3.73 45.92 -7.26
C LEU D 269 3.15 44.93 -6.26
N VAL D 270 1.87 45.02 -5.95
CA VAL D 270 1.23 44.18 -4.94
C VAL D 270 0.48 43.07 -5.67
N LEU D 271 1.14 41.92 -5.80
CA LEU D 271 0.52 40.76 -6.43
C LEU D 271 -0.54 40.17 -5.51
N GLU D 272 -1.71 39.90 -6.07
CA GLU D 272 -2.85 39.41 -5.31
C GLU D 272 -3.38 38.16 -5.97
N VAL D 273 -4.00 37.29 -5.19
CA VAL D 273 -4.53 36.04 -5.70
C VAL D 273 -6.03 36.02 -5.48
N PRO D 274 -6.84 35.89 -6.52
CA PRO D 274 -8.28 35.67 -6.32
C PRO D 274 -8.55 34.27 -5.79
N LEU D 275 -9.46 34.17 -4.83
CA LEU D 275 -9.77 32.89 -4.21
C LEU D 275 -10.93 32.23 -4.94
N GLU D 276 -10.67 31.06 -5.50
CA GLU D 276 -11.69 30.17 -6.00
C GLU D 276 -11.39 28.76 -5.52
N HIS D 277 -12.37 27.87 -5.65
CA HIS D 277 -12.28 26.51 -5.15
C HIS D 277 -12.28 25.52 -6.32
N PRO D 278 -11.44 24.49 -6.28
CA PRO D 278 -11.30 23.63 -7.47
C PRO D 278 -12.58 22.95 -7.89
N THR D 279 -13.43 22.58 -6.94
CA THR D 279 -14.71 22.03 -7.30
C THR D 279 -15.91 22.86 -6.87
N LEU D 280 -15.85 23.76 -5.89
CA LEU D 280 -17.08 24.45 -5.50
C LEU D 280 -17.14 25.80 -6.23
N GLU D 281 -17.86 25.84 -7.36
CA GLU D 281 -17.78 26.99 -8.26
C GLU D 281 -18.42 28.23 -7.68
N TRP D 282 -19.36 28.10 -6.74
CA TRP D 282 -19.95 29.29 -6.14
C TRP D 282 -18.96 30.01 -5.23
N PHE D 283 -17.89 29.32 -4.79
CA PHE D 283 -16.89 29.93 -3.91
C PHE D 283 -16.33 31.21 -4.49
N ALA D 284 -16.04 31.23 -5.80
CA ALA D 284 -15.47 32.41 -6.43
C ALA D 284 -16.40 33.61 -6.32
N ALA D 285 -17.70 33.38 -6.08
CA ALA D 285 -18.65 34.47 -5.92
C ALA D 285 -18.51 35.20 -4.58
N LEU D 286 -17.93 34.57 -3.55
CA LEU D 286 -17.64 35.30 -2.32
C LEU D 286 -16.69 36.47 -2.57
N GLY D 287 -15.94 36.42 -3.67
CA GLY D 287 -15.11 37.53 -4.09
C GLY D 287 -13.91 37.72 -3.17
N LEU D 288 -13.33 36.63 -2.72
CA LEU D 288 -12.23 36.67 -1.79
C LEU D 288 -10.90 36.73 -2.55
N ARG D 289 -9.93 37.41 -1.95
CA ARG D 289 -8.57 37.44 -2.46
C ARG D 289 -7.62 37.57 -1.29
N TRP D 290 -6.35 37.22 -1.51
CA TRP D 290 -5.31 37.59 -0.56
C TRP D 290 -4.09 38.03 -1.35
N TYR D 291 -3.11 38.56 -0.63
CA TYR D 291 -1.90 39.05 -1.27
C TYR D 291 -0.81 37.97 -1.25
N ALA D 292 0.12 38.08 -2.21
CA ALA D 292 1.14 37.05 -2.38
C ALA D 292 2.13 37.03 -1.24
N LEU D 293 2.54 38.21 -0.76
CA LEU D 293 3.81 38.37 -0.07
C LEU D 293 3.55 38.73 1.39
N PRO D 294 3.93 37.89 2.35
CA PRO D 294 3.83 38.27 3.76
C PRO D 294 5.12 38.93 4.24
N ALA D 295 5.09 40.23 4.52
CA ALA D 295 6.31 40.99 4.79
C ALA D 295 6.14 41.71 6.13
N VAL D 296 6.70 41.14 7.17
CA VAL D 296 6.49 41.66 8.52
C VAL D 296 7.44 42.84 8.73
N SER D 297 6.87 43.99 9.14
CA SER D 297 7.60 45.24 9.12
C SER D 297 7.71 45.93 10.47
N ASN D 298 7.23 45.32 11.56
CA ASN D 298 7.18 46.05 12.82
C ASN D 298 8.04 45.43 13.92
N MET D 299 8.94 44.52 13.58
CA MET D 299 9.78 43.91 14.59
C MET D 299 11.18 44.53 14.61
N LEU D 300 11.85 44.35 15.73
CA LEU D 300 13.20 44.85 15.97
C LEU D 300 14.18 43.73 15.69
N LEU D 301 15.21 44.02 14.91
CA LEU D 301 16.28 43.06 14.74
C LEU D 301 17.46 43.47 15.63
N GLU D 302 18.00 42.50 16.37
CA GLU D 302 19.06 42.75 17.33
C GLU D 302 20.24 41.82 17.03
N ILE D 303 21.42 42.42 16.82
CA ILE D 303 22.62 41.71 16.38
C ILE D 303 23.80 42.22 17.20
N GLY D 304 24.43 41.32 17.96
CA GLY D 304 25.62 41.67 18.73
C GLY D 304 25.48 42.89 19.62
N GLY D 305 24.30 43.09 20.22
CA GLY D 305 24.02 44.27 20.99
C GLY D 305 23.50 45.47 20.20
N LEU D 306 23.61 45.47 18.88
CA LEU D 306 23.04 46.54 18.08
C LEU D 306 21.57 46.27 17.80
N GLU D 307 20.82 47.36 17.63
CA GLU D 307 19.37 47.30 17.44
C GLU D 307 18.97 47.97 16.15
N PHE D 308 18.22 47.25 15.31
CA PHE D 308 17.70 47.76 14.04
C PHE D 308 16.18 47.77 14.16
N PRO D 309 15.60 48.90 14.59
CA PRO D 309 14.15 48.96 14.77
C PRO D 309 13.36 48.93 13.48
N ALA D 310 13.98 49.14 12.33
CA ALA D 310 13.27 49.00 11.06
C ALA D 310 14.06 48.07 10.17
N ALA D 311 13.51 46.86 9.95
CA ALA D 311 14.20 45.81 9.20
C ALA D 311 13.20 44.81 8.63
N PRO D 312 12.37 45.22 7.66
CA PRO D 312 11.27 44.31 7.19
C PRO D 312 11.82 43.07 6.50
N PHE D 313 11.17 41.95 6.74
CA PHE D 313 11.57 40.68 6.19
C PHE D 313 10.32 39.95 5.69
N SER D 314 10.53 39.02 4.74
CA SER D 314 9.40 38.40 4.09
C SER D 314 9.82 37.03 3.57
N GLY D 315 8.87 36.11 3.58
CA GLY D 315 9.10 34.81 2.96
C GLY D 315 7.95 34.50 2.02
N TRP D 316 7.34 33.33 2.18
CA TRP D 316 6.06 33.05 1.53
C TRP D 316 5.10 32.47 2.57
N TYR D 317 3.83 32.35 2.17
CA TYR D 317 2.77 31.94 3.06
C TYR D 317 2.69 30.44 3.24
N MET D 318 2.40 30.01 4.47
CA MET D 318 1.83 28.70 4.73
C MET D 318 0.31 28.86 4.65
N SER D 319 -0.39 27.95 3.94
CA SER D 319 -1.79 28.23 3.58
C SER D 319 -2.71 28.35 4.80
N THR D 320 -2.46 27.62 5.88
CA THR D 320 -3.33 27.79 7.05
C THR D 320 -3.33 29.22 7.58
N GLU D 321 -2.30 30.04 7.29
CA GLU D 321 -2.34 31.40 7.84
C GLU D 321 -3.42 32.20 7.14
N ILE D 322 -3.56 31.99 5.83
CA ILE D 322 -4.61 32.67 5.11
C ILE D 322 -5.97 32.01 5.39
N GLY D 323 -6.03 30.69 5.30
CA GLY D 323 -7.33 30.03 5.35
C GLY D 323 -7.93 30.00 6.75
N THR D 324 -7.22 29.36 7.66
CA THR D 324 -7.72 29.21 9.02
C THR D 324 -7.66 30.54 9.77
N ARG D 325 -6.47 31.14 9.86
CA ARG D 325 -6.32 32.33 10.69
C ARG D 325 -6.96 33.57 10.06
N ASN D 326 -6.58 33.94 8.82
CA ASN D 326 -7.03 35.24 8.34
C ASN D 326 -8.50 35.21 7.91
N LEU D 327 -8.97 34.13 7.28
CA LEU D 327 -10.36 34.11 6.81
C LEU D 327 -11.34 33.43 7.77
N CYS D 328 -10.87 32.59 8.71
CA CYS D 328 -11.79 31.89 9.60
C CYS D 328 -11.77 32.36 11.06
N ASP D 329 -10.81 33.18 11.48
CA ASP D 329 -10.86 33.67 12.84
C ASP D 329 -12.09 34.55 13.00
N PRO D 330 -12.82 34.41 14.12
CA PRO D 330 -14.04 35.22 14.31
C PRO D 330 -13.75 36.71 14.43
N HIS D 331 -12.54 37.07 14.88
CA HIS D 331 -12.08 38.45 14.97
C HIS D 331 -11.26 38.86 13.75
N ARG D 332 -11.50 38.21 12.61
CA ARG D 332 -10.91 38.60 11.34
C ARG D 332 -12.00 38.62 10.28
N TYR D 333 -11.80 37.94 9.15
CA TYR D 333 -12.81 37.96 8.10
C TYR D 333 -14.00 37.03 8.37
N ASN D 334 -13.83 36.00 9.21
CA ASN D 334 -14.92 35.26 9.83
C ASN D 334 -15.99 34.85 8.82
N ILE D 335 -15.58 34.03 7.85
CA ILE D 335 -16.46 33.56 6.77
C ILE D 335 -16.91 32.11 6.95
N LEU D 336 -16.60 31.49 8.08
CA LEU D 336 -16.72 30.05 8.22
C LEU D 336 -18.17 29.59 8.08
N GLU D 337 -19.08 30.23 8.82
CA GLU D 337 -20.48 29.81 8.84
C GLU D 337 -21.14 30.03 7.49
N ASP D 338 -20.70 31.05 6.74
CA ASP D 338 -21.31 31.35 5.44
C ASP D 338 -20.92 30.31 4.40
N VAL D 339 -19.64 29.93 4.37
CA VAL D 339 -19.21 28.81 3.55
C VAL D 339 -19.97 27.55 3.92
N ALA D 340 -20.15 27.32 5.21
CA ALA D 340 -20.80 26.09 5.69
C ALA D 340 -22.26 26.03 5.27
N VAL D 341 -22.96 27.17 5.32
CA VAL D 341 -24.32 27.19 4.82
C VAL D 341 -24.32 26.93 3.31
N CYS D 342 -23.36 27.52 2.59
CA CYS D 342 -23.28 27.31 1.15
C CYS D 342 -22.98 25.86 0.80
N MET D 343 -22.14 25.20 1.60
CA MET D 343 -21.93 23.75 1.45
C MET D 343 -23.13 22.93 1.93
N ASP D 344 -24.13 23.62 2.49
CA ASP D 344 -25.36 23.01 3.01
C ASP D 344 -25.06 22.00 4.12
N LEU D 345 -24.09 22.34 4.96
CA LEU D 345 -23.82 21.55 6.16
C LEU D 345 -24.84 21.92 7.24
N ASP D 346 -24.91 21.07 8.27
CA ASP D 346 -25.87 21.30 9.36
C ASP D 346 -25.23 22.19 10.43
N THR D 347 -25.50 23.50 10.36
CA THR D 347 -24.83 24.46 11.24
C THR D 347 -25.53 24.66 12.59
N ARG D 348 -26.58 23.90 12.89
CA ARG D 348 -27.32 24.09 14.14
C ARG D 348 -26.89 23.14 15.25
N THR D 349 -26.02 22.17 14.97
CA THR D 349 -25.35 21.39 16.00
C THR D 349 -23.86 21.26 15.68
N THR D 350 -23.03 21.35 16.72
CA THR D 350 -21.59 21.19 16.54
C THR D 350 -21.21 19.78 16.12
N SER D 351 -22.02 18.78 16.47
CA SER D 351 -21.59 17.41 16.31
C SER D 351 -21.59 16.94 14.87
N SER D 352 -22.08 17.74 13.93
CA SER D 352 -21.87 17.44 12.50
C SER D 352 -20.48 17.87 12.01
N LEU D 353 -19.73 18.63 12.81
CA LEU D 353 -18.37 19.06 12.45
C LEU D 353 -18.38 19.99 11.24
N TRP D 354 -19.46 20.77 11.11
CA TRP D 354 -19.55 21.69 10.00
C TRP D 354 -18.41 22.71 10.02
N LYS D 355 -17.94 23.10 11.20
CA LYS D 355 -16.83 24.03 11.27
C LYS D 355 -15.59 23.42 10.67
N ASP D 356 -15.31 22.16 11.03
CA ASP D 356 -14.09 21.53 10.55
C ASP D 356 -14.16 21.26 9.05
N LYS D 357 -15.35 20.92 8.53
CA LYS D 357 -15.51 20.67 7.11
C LYS D 357 -15.34 21.94 6.30
N ALA D 358 -16.01 23.02 6.69
CA ALA D 358 -15.86 24.27 5.95
C ALA D 358 -14.42 24.80 6.04
N ALA D 359 -13.75 24.58 7.16
CA ALA D 359 -12.39 25.09 7.30
C ALA D 359 -11.45 24.39 6.35
N VAL D 360 -11.54 23.07 6.31
CA VAL D 360 -10.76 22.26 5.35
C VAL D 360 -10.99 22.75 3.92
N GLU D 361 -12.25 22.97 3.53
CA GLU D 361 -12.48 23.37 2.14
C GLU D 361 -11.94 24.78 1.86
N ILE D 362 -11.99 25.69 2.83
CA ILE D 362 -11.43 27.02 2.58
C ILE D 362 -9.92 26.90 2.39
N ASN D 363 -9.29 26.01 3.15
CA ASN D 363 -7.87 25.77 2.98
C ASN D 363 -7.55 25.11 1.64
N VAL D 364 -8.44 24.23 1.14
CA VAL D 364 -8.28 23.70 -0.21
C VAL D 364 -8.31 24.84 -1.23
N ALA D 365 -9.30 25.73 -1.11
CA ALA D 365 -9.42 26.83 -2.06
C ALA D 365 -8.16 27.71 -2.06
N VAL D 366 -7.62 28.04 -0.89
CA VAL D 366 -6.44 28.89 -0.83
C VAL D 366 -5.29 28.23 -1.57
N LEU D 367 -5.04 26.94 -1.29
CA LEU D 367 -3.97 26.21 -1.96
C LEU D 367 -4.18 26.16 -3.47
N HIS D 368 -5.39 25.76 -3.89
CA HIS D 368 -5.69 25.70 -5.32
C HIS D 368 -5.48 27.06 -6.00
N SER D 369 -5.87 28.15 -5.34
CA SER D 369 -5.84 29.46 -5.98
C SER D 369 -4.40 29.97 -6.15
N TYR D 370 -3.54 29.75 -5.16
CA TYR D 370 -2.16 30.21 -5.28
C TYR D 370 -1.42 29.39 -6.33
N GLN D 371 -1.66 28.08 -6.37
CA GLN D 371 -1.02 27.24 -7.38
C GLN D 371 -1.49 27.61 -8.79
N LEU D 372 -2.79 27.87 -8.94
CA LEU D 372 -3.32 28.30 -10.22
C LEU D 372 -2.69 29.62 -10.65
N ALA D 373 -2.58 30.57 -9.72
CA ALA D 373 -2.00 31.86 -10.07
C ALA D 373 -0.48 31.82 -10.12
N LYS D 374 0.14 30.66 -9.85
CA LYS D 374 1.59 30.48 -9.87
C LYS D 374 2.28 31.32 -8.80
N VAL D 375 1.70 31.38 -7.61
CA VAL D 375 2.30 32.06 -6.47
C VAL D 375 2.77 31.00 -5.50
N THR D 376 4.04 31.10 -5.09
CA THR D 376 4.56 30.19 -4.06
C THR D 376 3.66 30.18 -2.82
N ILE D 377 3.35 28.98 -2.35
CA ILE D 377 2.62 28.78 -1.11
C ILE D 377 3.02 27.40 -0.63
N VAL D 378 2.91 27.14 0.68
CA VAL D 378 3.22 25.81 1.19
C VAL D 378 2.09 25.36 2.10
N ASP D 379 1.73 24.07 2.00
CA ASP D 379 0.69 23.58 2.89
C ASP D 379 1.32 23.14 4.21
N HIS D 380 0.47 23.01 5.22
CA HIS D 380 0.98 22.79 6.58
C HIS D 380 1.55 21.40 6.79
N HIS D 381 1.25 20.44 5.89
CA HIS D 381 1.91 19.14 6.01
C HIS D 381 3.34 19.21 5.49
N ALA D 382 3.54 19.77 4.31
CA ALA D 382 4.90 19.91 3.79
C ALA D 382 5.74 20.78 4.72
N ALA D 383 5.18 21.92 5.16
CA ALA D 383 5.90 22.85 6.03
C ALA D 383 6.38 22.18 7.32
N THR D 384 5.56 21.32 7.92
CA THR D 384 5.97 20.70 9.19
C THR D 384 6.95 19.56 8.96
N ALA D 385 6.82 18.82 7.85
CA ALA D 385 7.84 17.83 7.48
C ALA D 385 9.20 18.49 7.25
N SER D 386 9.22 19.64 6.57
CA SER D 386 10.50 20.30 6.38
C SER D 386 11.07 20.75 7.71
N PHE D 387 10.18 21.15 8.64
CA PHE D 387 10.66 21.54 9.97
C PHE D 387 11.32 20.38 10.69
N MET D 388 10.80 19.17 10.52
CA MET D 388 11.44 18.03 11.18
C MET D 388 12.87 17.83 10.65
N LYS D 389 13.09 18.02 9.35
CA LYS D 389 14.45 17.95 8.81
C LYS D 389 15.34 19.04 9.40
N HIS D 390 14.81 20.28 9.47
CA HIS D 390 15.53 21.37 10.12
C HIS D 390 15.98 20.97 11.50
N LEU D 391 15.05 20.41 12.30
CA LEU D 391 15.40 20.02 13.65
C LEU D 391 16.57 19.06 13.65
N GLU D 392 16.58 18.08 12.73
CA GLU D 392 17.67 17.10 12.71
C GLU D 392 18.97 17.72 12.19
N ASN D 393 18.88 18.67 11.25
CA ASN D 393 20.06 19.46 10.87
C ASN D 393 20.59 20.24 12.06
N GLU D 394 19.69 20.93 12.77
CA GLU D 394 20.10 21.77 13.88
C GLU D 394 20.68 20.96 15.03
N GLN D 395 20.20 19.73 15.23
CA GLN D 395 20.74 18.92 16.31
C GLN D 395 22.18 18.52 16.02
N LYS D 396 22.52 18.28 14.74
CA LYS D 396 23.91 18.02 14.38
C LYS D 396 24.74 19.30 14.42
N ALA D 397 24.22 20.37 13.83
CA ALA D 397 24.97 21.62 13.71
C ALA D 397 25.23 22.25 15.07
N ARG D 398 24.20 22.52 15.86
CA ARG D 398 24.36 23.26 17.10
C ARG D 398 23.90 22.48 18.32
N GLY D 399 23.51 21.22 18.16
CA GLY D 399 23.07 20.43 19.30
C GLY D 399 21.73 20.86 19.86
N GLY D 400 20.84 21.39 19.04
CA GLY D 400 19.53 21.78 19.52
C GLY D 400 18.92 22.83 18.62
N CYS D 401 17.70 23.23 18.99
CA CYS D 401 16.93 24.20 18.23
C CYS D 401 15.84 24.80 19.10
N PRO D 402 15.79 26.12 19.28
CA PRO D 402 14.67 26.71 20.05
C PRO D 402 13.37 26.59 19.26
N ALA D 403 12.36 26.00 19.87
CA ALA D 403 11.09 25.88 19.17
C ALA D 403 9.95 26.03 20.18
N ASP D 404 8.92 26.76 19.76
CA ASP D 404 7.73 27.04 20.55
C ASP D 404 6.62 26.12 20.02
N TRP D 405 6.44 24.96 20.68
CA TRP D 405 5.49 23.94 20.23
C TRP D 405 4.14 24.53 19.85
N ALA D 406 3.56 25.37 20.71
CA ALA D 406 2.23 25.90 20.48
C ALA D 406 2.14 26.74 19.21
N TRP D 407 3.26 27.19 18.65
CA TRP D 407 3.22 27.94 17.40
C TRP D 407 3.69 27.12 16.22
N ILE D 408 4.54 26.11 16.46
CA ILE D 408 5.01 25.25 15.39
C ILE D 408 3.92 24.30 14.93
N VAL D 409 3.04 23.85 15.83
CA VAL D 409 1.92 22.99 15.40
C VAL D 409 0.89 23.87 14.68
N PRO D 410 0.47 23.50 13.47
CA PRO D 410 -0.48 24.36 12.71
C PRO D 410 -1.83 24.45 13.43
N PRO D 411 -2.64 25.48 13.10
CA PRO D 411 -3.90 25.69 13.82
C PRO D 411 -5.04 24.75 13.42
N ILE D 412 -4.90 23.92 12.38
CA ILE D 412 -5.80 22.79 12.13
C ILE D 412 -4.95 21.54 11.98
N SER D 413 -5.56 20.38 12.26
CA SER D 413 -4.98 19.07 11.97
C SER D 413 -3.64 18.86 12.69
N GLY D 414 -3.48 19.41 13.89
CA GLY D 414 -2.23 19.33 14.60
C GLY D 414 -1.57 17.95 14.70
N SER D 415 -2.26 16.96 15.27
CA SER D 415 -1.67 15.63 15.44
C SER D 415 -1.52 14.87 14.14
N LEU D 416 -2.10 15.37 13.06
CA LEU D 416 -1.83 14.76 11.77
C LEU D 416 -0.47 15.18 11.21
N THR D 417 0.24 16.15 11.83
CA THR D 417 1.57 16.50 11.33
C THR D 417 2.67 16.00 12.28
N PRO D 418 3.89 15.76 11.78
CA PRO D 418 4.93 15.18 12.65
C PRO D 418 5.37 16.08 13.78
N VAL D 419 5.14 17.39 13.71
CA VAL D 419 5.67 18.23 14.79
C VAL D 419 4.86 18.04 16.06
N PHE D 420 3.60 17.62 15.93
CA PHE D 420 2.76 17.42 17.09
C PHE D 420 3.37 16.42 18.06
N HIS D 421 4.01 15.38 17.52
CA HIS D 421 4.56 14.32 18.34
C HIS D 421 6.00 14.58 18.77
N GLN D 422 6.54 15.77 18.45
CA GLN D 422 7.92 16.15 18.77
C GLN D 422 7.93 17.00 20.04
N GLU D 423 8.59 16.51 21.09
CA GLU D 423 8.86 17.37 22.23
C GLU D 423 9.82 18.48 21.81
N MET D 424 9.63 19.67 22.36
CA MET D 424 10.44 20.82 21.97
C MET D 424 10.91 21.58 23.20
N VAL D 425 11.97 22.36 23.03
CA VAL D 425 12.54 23.20 24.08
C VAL D 425 12.54 24.63 23.57
N ASN D 426 11.90 25.52 24.30
CA ASN D 426 11.81 26.91 23.89
C ASN D 426 12.80 27.75 24.70
N TYR D 427 13.54 28.64 24.03
CA TYR D 427 14.48 29.54 24.72
C TYR D 427 14.93 30.65 23.78
N PHE D 428 15.56 31.66 24.36
CA PHE D 428 15.95 32.87 23.62
C PHE D 428 17.44 32.88 23.34
N LEU D 429 17.80 32.81 22.06
CA LEU D 429 19.16 32.95 21.55
C LEU D 429 19.26 34.24 20.76
N SER D 430 20.47 34.82 20.72
CA SER D 430 20.82 36.03 20.00
C SER D 430 21.85 35.74 18.92
N PRO D 431 21.79 36.40 17.75
CA PRO D 431 20.85 37.37 17.15
C PRO D 431 19.39 36.94 17.18
N ALA D 432 18.48 37.92 17.17
CA ALA D 432 17.06 37.62 17.37
C ALA D 432 16.21 38.73 16.78
N PHE D 433 14.99 38.34 16.38
CA PHE D 433 13.92 39.27 16.11
C PHE D 433 13.06 39.41 17.36
N ARG D 434 12.63 40.63 17.63
CA ARG D 434 11.97 40.97 18.87
C ARG D 434 10.77 41.83 18.56
N TYR D 435 9.73 41.67 19.34
CA TYR D 435 8.65 42.63 19.29
C TYR D 435 9.07 43.92 19.96
N GLN D 436 8.46 45.01 19.53
CA GLN D 436 8.75 46.33 20.04
C GLN D 436 7.46 47.13 20.16
N PRO D 437 7.42 48.13 21.04
CA PRO D 437 6.19 48.93 21.18
C PRO D 437 5.84 49.64 19.89
N ASP D 438 4.55 49.88 19.69
CA ASP D 438 4.08 50.59 18.52
C ASP D 438 4.61 52.02 18.54
N PRO D 439 4.97 52.59 17.39
CA PRO D 439 5.62 53.91 17.38
C PRO D 439 4.76 55.04 17.95
N TRP D 440 3.46 54.83 18.12
CA TRP D 440 2.60 55.89 18.61
C TRP D 440 2.11 55.62 20.05
CHA HEM E . 10.71 -17.85 -30.04
CHB HEM E . 10.05 -13.18 -28.79
CHC HEM E . 12.09 -11.64 -32.92
CHD HEM E . 11.92 -16.23 -34.46
C1A HEM E . 10.41 -16.72 -29.30
C2A HEM E . 9.96 -16.65 -27.90
C3A HEM E . 9.80 -15.36 -27.60
C4A HEM E . 10.13 -14.55 -28.75
CMA HEM E . 9.34 -14.76 -26.27
CAA HEM E . 9.71 -17.83 -26.94
CBA HEM E . 10.99 -18.60 -26.65
CGA HEM E . 11.04 -18.92 -25.18
O1A HEM E . 10.40 -18.19 -24.38
O2A HEM E . 11.72 -19.90 -24.79
C1B HEM E . 10.53 -12.35 -29.79
C2B HEM E . 10.52 -10.92 -29.77
C3B HEM E . 11.08 -10.45 -30.90
C4B HEM E . 11.48 -11.62 -31.68
CMB HEM E . 9.96 -10.06 -28.64
CAB HEM E . 11.24 -8.94 -31.22
CBB HEM E . 11.82 -8.42 -32.31
C1C HEM E . 12.26 -12.77 -33.71
C2C HEM E . 12.93 -12.84 -35.00
C3C HEM E . 12.87 -14.13 -35.43
C4C HEM E . 12.17 -14.89 -34.41
CMC HEM E . 13.58 -11.63 -35.73
CAC HEM E . 13.40 -14.80 -36.72
CBC HEM E . 14.01 -14.13 -37.70
C1D HEM E . 11.64 -17.06 -33.40
C2D HEM E . 11.71 -18.50 -33.45
C3D HEM E . 11.38 -18.98 -32.23
C4D HEM E . 11.08 -17.84 -31.37
CMD HEM E . 12.13 -19.22 -34.77
CAD HEM E . 11.28 -20.48 -31.78
CBD HEM E . 10.52 -21.22 -32.89
CGD HEM E . 9.41 -22.10 -32.48
O1D HEM E . 9.63 -22.99 -31.62
O2D HEM E . 8.29 -21.92 -33.07
NA HEM E . 10.49 -15.42 -29.76
NB HEM E . 11.11 -12.76 -30.97
NC HEM E . 11.82 -14.03 -33.39
ND HEM E . 11.26 -16.69 -32.13
FE HEM E . 10.82 -14.69 -31.70
N1 H4B F . 7.26 -21.57 -23.31
C2 H4B F . 8.32 -20.81 -23.64
N2 H4B F . 8.11 -19.60 -24.23
N3 H4B F . 9.58 -21.25 -23.39
C4 H4B F . 9.79 -22.46 -22.80
O4 H4B F . 10.96 -22.86 -22.57
C4A H4B F . 8.70 -23.25 -22.46
C8A H4B F . 7.43 -22.78 -22.73
N5 H4B F . 8.87 -24.45 -21.88
N8 H4B F . 6.34 -23.53 -22.40
C6 H4B F . 7.80 -25.42 -22.08
C7 H4B F . 6.46 -24.80 -21.69
C9 H4B F . 8.06 -26.73 -21.36
O9 H4B F . 8.64 -26.50 -20.07
C10 H4B F . 6.78 -27.54 -21.18
C11 H4B F . 7.09 -28.86 -20.49
O10 H4B F . 6.15 -27.78 -22.45
C02 OSD G . 13.53 -13.27 -28.42
C03 OSD G . 13.92 -13.07 -29.74
C04 OSD G . 14.26 -14.16 -30.52
C05 OSD G . 14.19 -15.43 -29.97
C06 OSD G . 14.52 -16.56 -30.73
C07 OSD G . 14.47 -17.82 -30.18
C08 OSD G . 14.07 -18.00 -28.86
C09 OSD G . 13.74 -16.88 -28.10
C10 OSD G . 13.80 -15.60 -28.66
C11 OSD G . 14.68 -13.98 -31.94
C21 OSD G . 14.03 -19.37 -28.27
C22 OSD G . 13.75 -20.50 -29.04
C23 OSD G . 13.75 -21.75 -28.43
C24 OSD G . 14.04 -21.85 -27.08
C25 OSD G . 14.31 -20.74 -26.32
C26 OSD G . 14.33 -19.49 -26.91
C27 OSD G . 14.62 -20.88 -24.85
C30 OSD G . 14.60 -24.22 -27.03
C31 OSD G . 13.45 -25.12 -27.49
C32 OSD G . 15.49 -24.93 -26.02
N01 OSD G . 13.48 -14.51 -27.92
N02 OSD G . 13.18 -12.21 -27.64
N28 OSD G . 13.95 -22.07 -24.31
O29 OSD G . 14.06 -23.06 -26.43
C1 BTB H . 19.21 -8.05 2.85
O1 BTB H . 19.98 -9.21 3.18
C2 BTB H . 18.57 -7.44 4.09
C3 BTB H . 17.21 -8.12 4.30
O3 BTB H . 16.56 -7.83 5.56
C4 BTB H . 19.56 -7.67 5.24
O4 BTB H . 19.06 -7.44 6.57
N BTB H . 18.46 -5.98 3.82
C5 BTB H . 17.50 -5.69 2.73
C6 BTB H . 16.66 -4.44 3.02
O6 BTB H . 15.81 -4.60 4.16
C7 BTB H . 19.81 -5.44 3.55
C8 BTB H . 19.91 -3.90 3.54
O8 BTB H . 19.46 -3.29 4.76
C1 BTB I . 14.45 -22.36 2.05
O1 BTB I . 14.16 -23.14 0.88
C2 BTB I . 14.51 -23.25 3.28
C3 BTB I . 14.77 -24.70 2.91
O3 BTB I . 15.32 -24.77 1.58
C4 BTB I . 15.61 -22.72 4.19
O4 BTB I . 15.44 -23.28 5.50
N BTB I . 13.21 -23.12 3.98
C5 BTB I . 12.08 -23.54 3.14
C6 BTB I . 11.39 -24.72 3.80
O6 BTB I . 10.10 -24.95 3.23
C7 BTB I . 13.04 -21.74 4.42
C8 BTB I . 12.50 -21.78 5.84
O8 BTB I . 12.73 -23.06 6.44
ZN ZN J . -2.32 -31.63 -29.91
C1 GOL K . 24.47 -7.92 -53.75
O1 GOL K . 24.72 -9.21 -53.22
C2 GOL K . 24.02 -6.98 -52.63
O2 GOL K . 23.45 -7.74 -51.59
C3 GOL K . 22.97 -6.01 -53.16
O3 GOL K . 21.78 -6.72 -53.41
CL CL L . 17.61 -16.27 -23.36
GD GD M . 17.43 -5.34 6.26
C02 OSD N . -7.43 -22.15 -19.85
C03 OSD N . -6.98 -21.94 -21.16
C04 OSD N . -7.89 -21.45 -22.12
C05 OSD N . -9.18 -21.18 -21.71
C06 OSD N . -10.09 -20.68 -22.63
C07 OSD N . -11.39 -20.42 -22.22
C08 OSD N . -11.79 -20.63 -20.91
C09 OSD N . -10.91 -21.17 -19.99
C10 OSD N . -9.59 -21.42 -20.39
C11 OSD N . -7.51 -21.19 -23.58
C21 OSD N . -13.23 -20.39 -20.59
C22 OSD N . -13.95 -19.30 -21.05
C23 OSD N . -15.32 -19.19 -20.76
C24 OSD N . -15.96 -20.21 -20.05
C25 OSD N . -15.24 -21.29 -19.63
C26 OSD N . -13.88 -21.41 -19.91
C27 OSD N . -15.99 -22.36 -18.87
C30 OSD N . -18.34 -19.59 -20.48
C31 OSD N . -18.77 -18.32 -19.72
C32 OSD N . -19.48 -20.59 -20.65
N01 OSD N . -8.70 -21.90 -19.49
N02 OSD N . -6.61 -22.65 -18.89
N28 OSD N . -16.76 -21.81 -17.75
O29 OSD N . -17.29 -20.21 -19.72
CHA HEM O . -10.94 -29.17 -13.06
CHB HEM O . -8.72 -28.37 -8.83
CHC HEM O . -11.51 -31.78 -6.76
CHD HEM O . -13.02 -33.18 -11.16
C1A HEM O . -10.20 -28.55 -12.07
C2A HEM O . -9.57 -27.24 -12.15
C3A HEM O . -8.95 -27.01 -10.99
C4A HEM O . -9.17 -28.17 -10.13
CMA HEM O . -8.15 -25.78 -10.56
CAA HEM O . -9.64 -26.34 -13.39
CBA HEM O . -10.38 -25.05 -13.04
CGA HEM O . -10.14 -24.06 -14.14
O1A HEM O . -10.48 -22.85 -14.02
O2A HEM O . -9.56 -24.49 -15.16
C1B HEM O . -9.31 -29.19 -7.90
C2B HEM O . -9.04 -29.17 -6.48
C3B HEM O . -9.77 -30.13 -5.88
C4B HEM O . -10.58 -30.77 -6.91
CMB HEM O . -8.02 -28.22 -5.80
CAB HEM O . -9.72 -30.37 -4.34
CBB HEM O . -10.16 -31.46 -3.71
C1C HEM O . -12.19 -32.44 -7.77
C2C HEM O . -13.21 -33.47 -7.59
C3C HEM O . -13.63 -33.85 -8.81
C4C HEM O . -12.89 -33.09 -9.79
CMC HEM O . -13.67 -33.95 -6.19
CAC HEM O . -14.68 -34.90 -9.25
CBC HEM O . -15.20 -35.84 -8.46
C1D HEM O . -12.65 -32.20 -12.06
C2D HEM O . -13.05 -32.11 -13.45
C3D HEM O . -12.48 -31.00 -13.95
C4D HEM O . -11.68 -30.36 -12.93
CMD HEM O . -13.98 -33.11 -14.16
CAD HEM O . -12.62 -30.53 -15.39
CBD HEM O . -11.62 -31.47 -16.08
CGD HEM O . -11.73 -31.47 -17.57
O1D HEM O . -12.56 -30.69 -18.13
O2D HEM O . -10.99 -32.26 -18.20
NA HEM O . -9.93 -29.08 -10.83
NB HEM O . -10.26 -30.17 -8.12
NC HEM O . -12.04 -32.25 -9.12
ND HEM O . -11.81 -31.12 -11.78
FE HEM O . -10.81 -30.80 -9.99
C02 OSD P . -12.07 -26.92 -7.81
C03 OSD P . -12.77 -28.07 -7.43
C04 OSD P . -13.57 -28.72 -8.36
C05 OSD P . -13.67 -28.19 -9.62
C06 OSD P . -14.46 -28.83 -10.56
C07 OSD P . -14.55 -28.29 -11.84
C08 OSD P . -13.85 -27.13 -12.14
C09 OSD P . -13.05 -26.49 -11.20
C10 OSD P . -12.96 -27.03 -9.94
C11 OSD P . -14.35 -29.97 -7.99
C21 OSD P . -13.96 -26.57 -13.50
C22 OSD P . -14.25 -27.40 -14.58
C23 OSD P . -14.34 -26.82 -15.83
C24 OSD P . -14.19 -25.45 -16.01
C25 OSD P . -13.88 -24.64 -14.92
C26 OSD P . -13.78 -25.21 -13.66
C27 OSD P . -13.69 -23.15 -15.09
C30 OSD P . -15.02 -25.37 -18.40
C31 OSD P . -16.42 -25.91 -18.08
C32 OSD P . -14.16 -26.29 -19.26
N01 OSD P . -12.18 -26.42 -9.03
N02 OSD P . -11.28 -26.26 -6.94
N28 OSD P . -12.79 -22.85 -16.21
O29 OSD P . -14.29 -24.88 -17.25
C1 BTB Q . 1.02 -1.12 10.01
O1 BTB Q . 1.28 -2.28 10.80
C2 BTB Q . 0.25 -1.49 8.74
C3 BTB Q . 1.20 -2.06 7.67
O3 BTB Q . 0.51 -2.64 6.55
C4 BTB Q . -0.77 -2.58 9.09
O4 BTB Q . -1.73 -2.64 8.05
N BTB Q . -0.47 -0.28 8.26
C5 BTB Q . 0.45 0.68 7.63
C6 BTB Q . 0.32 0.85 6.13
O6 BTB Q . -0.90 1.54 5.81
C7 BTB Q . -1.32 0.37 9.28
C8 BTB Q . -2.81 0.34 8.91
O8 BTB Q . -3.01 0.89 7.60
C1 BTB R . -47.89 -33.99 -14.86
O1 BTB R . -48.09 -33.87 -16.27
C2 BTB R . -46.48 -33.52 -14.52
C3 BTB R . -45.51 -34.02 -15.60
O3 BTB R . -45.40 -35.45 -15.63
C4 BTB R . -46.41 -32.00 -14.59
O4 BTB R . -45.98 -31.62 -15.91
N BTB R . -46.11 -33.97 -13.14
C5 BTB R . -46.52 -35.36 -12.91
C6 BTB R . -45.52 -36.12 -12.05
O6 BTB R . -45.47 -35.52 -10.75
C7 BTB R . -46.70 -33.05 -12.15
C8 BTB R . -47.86 -33.68 -11.35
O8 BTB R . -47.81 -33.14 -10.06
CL CL S . -15.38 -21.32 -9.61
GD GD T . -1.68 -1.17 5.96
C1 BTB U . -12.24 1.10 -2.15
O1 BTB U . -12.78 0.22 -1.16
C2 BTB U . -13.31 1.92 -2.87
C3 BTB U . -14.45 2.32 -1.90
O3 BTB U . -15.49 3.08 -2.54
C4 BTB U . -12.57 3.16 -3.40
O4 BTB U . -13.07 3.81 -4.59
N BTB U . -13.84 1.09 -3.99
C5 BTB U . -14.65 -0.05 -3.47
C6 BTB U . -16.10 -0.01 -3.94
O6 BTB U . -16.64 1.31 -3.78
C7 BTB U . -12.73 0.65 -4.85
C8 BTB U . -13.15 0.55 -6.32
O8 BTB U . -12.88 1.78 -7.02
C1 BTB V . 2.57 5.03 -1.28
O1 BTB V . 2.05 4.27 -0.19
C2 BTB V . 2.41 6.47 -0.86
C3 BTB V . 1.11 6.56 -0.07
O3 BTB V . 1.37 7.15 1.21
C4 BTB V . 3.61 6.68 0.03
O4 BTB V . 3.69 5.49 0.80
N BTB V . 2.35 7.34 -2.06
C5 BTB V . 3.64 7.32 -2.79
C6 BTB V . 3.38 6.88 -4.22
O6 BTB V . 2.45 5.80 -4.21
C7 BTB V . 1.84 8.74 -1.89
C8 BTB V . 2.29 9.62 -0.72
O8 BTB V . 3.71 9.68 -0.51
CHA HEM W . -6.75 13.82 30.63
CHB HEM W . -11.22 14.30 28.73
CHC HEM W . -12.92 12.65 32.97
CHD HEM W . -8.56 12.96 35.08
C1A HEM W . -7.78 14.05 29.73
C2A HEM W . -7.67 14.44 28.32
C3A HEM W . -8.91 14.55 27.82
C4A HEM W . -9.86 14.27 28.88
CMA HEM W . -9.30 14.93 26.39
CAA HEM W . -6.38 14.64 27.51
CBA HEM W . -5.86 13.22 27.29
CGA HEM W . -5.14 13.03 25.98
O1A HEM W . -5.73 13.18 24.88
O2A HEM W . -3.93 12.69 26.07
C1B HEM W . -12.10 13.91 29.71
C2B HEM W . -13.53 13.91 29.61
C3B HEM W . -14.02 13.45 30.78
C4B HEM W . -12.89 13.15 31.66
CMB HEM W . -14.38 14.33 28.36
CAB HEM W . -15.55 13.30 31.04
CBB HEM W . -16.09 12.92 32.19
C1C HEM W . -11.90 12.53 33.92
C2C HEM W . -12.00 11.97 35.26
C3C HEM W . -10.78 12.04 35.84
C4C HEM W . -9.89 12.67 34.90
CMC HEM W . -13.31 11.37 35.84
CAC HEM W . -10.28 11.63 37.26
CBC HEM W . -11.06 11.40 38.32
C1D HEM W . -7.67 13.15 34.04
C2D HEM W . -6.22 13.10 34.12
C3D HEM W . -5.71 13.32 32.90
C4D HEM W . -6.82 13.54 31.98
CMD HEM W . -5.39 12.83 35.40
CAD HEM W . -4.21 13.35 32.61
CBD HEM W . -3.90 14.83 32.81
CGD HEM W . -2.59 15.21 33.46
O1D HEM W . -1.59 14.46 33.37
O2D HEM W . -2.56 16.33 34.05
NA HEM W . -9.13 13.97 30.01
NB HEM W . -11.73 13.46 30.96
NC HEM W . -10.60 12.95 33.76
ND HEM W . -8.00 13.42 32.72
FE HEM W . -9.89 13.87 32.01
N1 H4B X . -2.38 16.38 23.81
C2 H4B X . -3.12 15.31 24.15
N2 H4B X . -4.43 15.51 24.47
N3 H4B X . -2.55 14.07 24.17
C4 H4B X . -1.24 13.88 23.86
O4 H4B X . -0.69 12.73 23.88
C4A H4B X . -0.48 14.98 23.53
C8A H4B X . -1.07 16.23 23.50
N5 H4B X . 0.81 14.81 23.23
N8 H4B X . -0.38 17.32 23.19
C6 H4B X . 1.63 15.97 23.51
C7 H4B X . 1.05 17.24 22.87
C9 H4B X . 3.10 15.72 23.16
O9 H4B X . 3.23 15.01 21.92
C10 H4B X . 3.85 17.05 23.10
C11 H4B X . 5.31 16.85 22.68
O10 H4B X . 3.77 17.73 24.37
C02 OSD Y . -11.00 10.84 28.83
C03 OSD Y . -11.37 10.44 30.13
C04 OSD Y . -10.39 10.07 31.04
C05 OSD Y . -9.04 10.12 30.66
C06 OSD Y . -8.02 9.77 31.55
C07 OSD Y . -6.67 9.82 31.18
C08 OSD Y . -6.33 10.21 29.90
C09 OSD Y . -7.35 10.54 29.01
C10 OSD Y . -8.70 10.52 29.39
C11 OSD Y . -10.77 9.64 32.43
C21 OSD Y . -4.89 10.22 29.48
C22 OSD Y . -3.84 10.55 30.33
C23 OSD Y . -2.53 10.52 29.84
C24 OSD Y . -2.27 10.18 28.52
C25 OSD Y . -3.31 9.85 27.67
C26 OSD Y . -4.61 9.88 28.15
C27 OSD Y . -3.09 9.47 26.22
C30 OSD Y . 0.07 9.46 28.72
C31 OSD Y . 0.93 10.46 29.46
C32 OSD Y . 0.93 8.65 27.75
N01 OSD Y . -9.68 10.87 28.50
N02 OSD Y . -11.93 11.19 27.89
N28 OSD Y . -2.89 10.66 25.37
O29 OSD Y . -0.97 10.16 28.04
C1 BTB Z . -0.09 -15.09 49.91
O1 BTB Z . -0.85 -15.40 48.74
C2 BTB Z . 1.16 -15.97 50.05
C3 BTB Z . 1.96 -15.43 51.23
O3 BTB Z . 1.10 -15.40 52.39
C4 BTB Z . 0.69 -17.39 50.41
O4 BTB Z . 1.76 -18.10 51.03
N BTB Z . 1.98 -15.99 48.78
C5 BTB Z . 1.62 -17.13 47.90
C6 BTB Z . 1.51 -16.75 46.42
O6 BTB Z . 0.30 -16.01 46.18
C7 BTB Z . 3.42 -16.04 49.11
C8 BTB Z . 4.30 -15.43 48.03
O8 BTB Z . 4.50 -16.37 46.97
ZN ZN AA . 7.24 26.77 30.44
C1 GOL BA . -18.32 1.72 53.94
O1 GOL BA . -17.06 1.98 53.35
C2 GOL BA . -19.29 2.81 53.55
O2 GOL BA . -18.78 3.50 52.42
C3 GOL BA . -19.48 3.81 54.69
O3 GOL BA . -19.83 5.05 54.12
CL CL CA . -7.81 6.36 24.89
GD GD DA . -15.17 2.80 -5.71
C02 OSD EA . -0.99 30.50 18.92
C03 OSD EA . -1.30 30.19 20.26
C04 OSD EA . -1.95 31.16 21.06
C05 OSD EA . -2.25 32.40 20.49
C06 OSD EA . -2.90 33.38 21.23
C07 OSD EA . -3.18 34.62 20.65
C08 OSD EA . -2.87 34.85 19.31
C09 OSD EA . -2.20 33.88 18.59
C10 OSD EA . -1.91 32.64 19.16
C11 OSD EA . -2.33 30.93 22.52
C21 OSD EA . -3.07 36.19 18.72
C22 OSD EA . -3.53 37.23 19.50
C23 OSD EA . -3.61 38.52 19.00
C24 OSD EA . -3.16 38.79 17.71
C25 OSD EA . -2.64 37.76 16.94
C26 OSD EA . -2.56 36.47 17.46
C27 OSD EA . -2.13 37.99 15.54
C30 OSD EA . -2.43 41.09 17.90
C31 OSD EA . -3.31 42.23 18.41
C32 OSD EA . -1.36 41.61 16.95
N01 OSD EA . -1.31 31.70 18.41
N02 OSD EA . -0.37 29.63 18.08
N28 OSD EA . -3.24 38.43 14.69
O29 OSD EA . -3.25 40.09 17.27
CHA HEM FA . 6.77 33.05 12.56
CHB HEM FA . 6.26 30.58 8.39
CHC HEM FA . 10.03 32.95 6.45
CHD HEM FA . 10.87 35.02 10.72
C1A HEM FA . 6.24 32.25 11.56
C2A HEM FA . 4.96 31.58 11.58
C3A HEM FA . 4.84 30.90 10.44
C4A HEM FA . 6.02 31.12 9.64
CMA HEM FA . 3.66 30.02 9.98
CAA HEM FA . 3.98 31.65 12.76
CBA HEM FA . 2.95 32.74 12.43
CGA HEM FA . 1.60 32.34 12.97
O1A HEM FA . 1.42 31.13 13.25
O2A HEM FA . 0.70 33.19 13.13
C1B HEM FA . 7.24 30.98 7.49
C2B HEM FA . 7.44 30.51 6.14
C3B HEM FA . 8.47 31.14 5.61
C4B HEM FA . 8.97 32.07 6.59
CMB HEM FA . 6.57 29.43 5.45
CAB HEM FA . 9.00 30.92 4.17
CBB HEM FA . 10.20 31.27 3.74
C1C HEM FA . 10.56 33.77 7.42
C2C HEM FA . 11.60 34.75 7.23
C3C HEM FA . 11.83 35.34 8.42
C4C HEM FA . 10.95 34.72 9.39
CMC HEM FA . 12.27 35.03 5.86
CAC HEM FA . 12.86 36.44 8.79
CBC HEM FA . 13.96 36.69 8.06
C1D HEM FA . 9.84 34.67 11.58
C2D HEM FA . 9.72 35.09 12.96
C3D HEM FA . 8.62 34.54 13.45
C4D HEM FA . 7.97 33.76 12.43
CMD HEM FA . 10.71 35.99 13.71
CAD HEM FA . 8.14 34.71 14.87
CBD HEM FA . 7.56 36.09 15.02
CGD HEM FA . 7.09 36.18 16.46
O1D HEM FA . 7.84 35.79 17.42
O2D HEM FA . 5.94 36.62 16.65
NA HEM FA . 6.85 31.96 10.36
NB HEM FA . 8.21 31.94 7.73
NC HEM FA . 10.19 33.78 8.75
ND HEM FA . 8.75 33.86 11.30
FE HEM FA . 8.63 32.62 9.67
C02 OSD GA . 5.02 33.66 6.94
C03 OSD GA . 6.24 34.30 6.60
C04 OSD GA . 6.80 35.23 7.48
C05 OSD GA . 6.14 35.51 8.68
C06 OSD GA . 6.67 36.42 9.60
C07 OSD GA . 5.99 36.68 10.80
C08 OSD GA . 4.79 36.03 11.08
C09 OSD GA . 4.25 35.13 10.15
C10 OSD GA . 4.93 34.85 8.98
C11 OSD GA . 8.09 35.93 7.14
C21 OSD GA . 4.04 36.32 12.33
C22 OSD GA . 4.64 36.84 13.48
C23 OSD GA . 3.85 37.14 14.60
C24 OSD GA . 2.48 36.94 14.59
C25 OSD GA . 1.88 36.45 13.44
C26 OSD GA . 2.65 36.16 12.33
C27 OSD GA . 0.40 36.23 13.40
C30 OSD GA . 2.17 37.96 16.81
C31 OSD GA . 2.87 37.03 17.80
C32 OSD GA . 1.00 38.68 17.46
N01 OSD GA . 4.41 33.95 8.10
N02 OSD GA . 4.46 32.75 6.09
N28 OSD GA . 0.01 35.41 14.56
O29 OSD GA . 1.70 37.21 15.69
C1 BTB HA . -18.46 17.55 -11.47
O1 BTB HA . -17.90 17.93 -12.73
C2 BTB HA . -18.31 18.70 -10.46
C3 BTB HA . -17.88 18.13 -9.10
O3 BTB HA . -17.83 19.14 -8.08
C4 BTB HA . -17.19 19.63 -10.95
O4 BTB HA . -17.30 20.94 -10.37
N BTB HA . -19.60 19.44 -10.34
C5 BTB HA . -20.58 18.76 -9.47
C6 BTB HA . -21.77 19.71 -9.36
O6 BTB HA . -21.66 20.60 -8.25
C7 BTB HA . -20.18 19.87 -11.64
C8 BTB HA . -19.96 21.37 -11.90
O8 BTB HA . -20.38 22.18 -10.79
C1 BTB IA . 9.73 68.17 11.18
O1 BTB IA . 8.87 69.30 11.25
C2 BTB IA . 11.14 68.69 10.96
C3 BTB IA . 11.22 69.95 11.83
O3 BTB IA . 11.28 69.60 13.21
C4 BTB IA . 12.08 67.67 11.57
O4 BTB IA . 13.30 67.59 10.82
N BTB IA . 11.42 68.83 9.48
C5 BTB IA . 12.38 69.89 9.00
C6 BTB IA . 12.06 71.38 9.08
O6 BTB IA . 11.73 71.86 7.77
C7 BTB IA . 10.22 68.61 8.62
C8 BTB IA . 9.79 69.66 7.58
O8 BTB IA . 10.15 69.23 6.27
GD GD JA . -18.98 21.45 -8.57
CL CL KA . -0.71 37.30 7.56
#